data_1TXY
# 
_entry.id   1TXY 
# 
_audit_conform.dict_name       mmcif_pdbx.dic 
_audit_conform.dict_version    5.398 
_audit_conform.dict_location   http://mmcif.pdb.org/dictionaries/ascii/mmcif_pdbx.dic 
# 
loop_
_database_2.database_id 
_database_2.database_code 
_database_2.pdbx_database_accession 
_database_2.pdbx_DOI 
PDB   1TXY         pdb_00001txy 10.2210/pdb1txy/pdb 
RCSB  RCSB023017   ?            ?                   
WWPDB D_1000023017 ?            ?                   
# 
loop_
_pdbx_audit_revision_history.ordinal 
_pdbx_audit_revision_history.data_content_type 
_pdbx_audit_revision_history.major_revision 
_pdbx_audit_revision_history.minor_revision 
_pdbx_audit_revision_history.revision_date 
1 'Structure model' 1 0 2004-11-16 
2 'Structure model' 1 1 2008-04-30 
3 'Structure model' 1 2 2011-07-13 
4 'Structure model' 1 3 2024-11-06 
# 
_pdbx_audit_revision_details.ordinal             1 
_pdbx_audit_revision_details.revision_ordinal    1 
_pdbx_audit_revision_details.data_content_type   'Structure model' 
_pdbx_audit_revision_details.provider            repository 
_pdbx_audit_revision_details.type                'Initial release' 
_pdbx_audit_revision_details.description         ? 
_pdbx_audit_revision_details.details             ? 
# 
loop_
_pdbx_audit_revision_group.ordinal 
_pdbx_audit_revision_group.revision_ordinal 
_pdbx_audit_revision_group.data_content_type 
_pdbx_audit_revision_group.group 
1 2 'Structure model' 'Version format compliance' 
2 3 'Structure model' Advisory                    
3 3 'Structure model' 'Refinement description'    
4 3 'Structure model' 'Version format compliance' 
5 4 'Structure model' 'Data collection'           
6 4 'Structure model' 'Database references'       
7 4 'Structure model' 'Derived calculations'      
8 4 'Structure model' 'Structure summary'         
# 
loop_
_pdbx_audit_revision_category.ordinal 
_pdbx_audit_revision_category.revision_ordinal 
_pdbx_audit_revision_category.data_content_type 
_pdbx_audit_revision_category.category 
1 4 'Structure model' chem_comp_atom            
2 4 'Structure model' chem_comp_bond            
3 4 'Structure model' database_2                
4 4 'Structure model' pdbx_entry_details        
5 4 'Structure model' pdbx_modification_feature 
6 4 'Structure model' struct_conn               
7 4 'Structure model' struct_ref_seq_dif        
# 
loop_
_pdbx_audit_revision_item.ordinal 
_pdbx_audit_revision_item.revision_ordinal 
_pdbx_audit_revision_item.data_content_type 
_pdbx_audit_revision_item.item 
1 4 'Structure model' '_database_2.pdbx_DOI'                
2 4 'Structure model' '_database_2.pdbx_database_accession' 
3 4 'Structure model' '_struct_conn.pdbx_leaving_atom_flag' 
4 4 'Structure model' '_struct_ref_seq_dif.details'         
# 
_pdbx_database_status.status_code                     REL 
_pdbx_database_status.entry_id                        1TXY 
_pdbx_database_status.recvd_initial_deposition_date   2004-07-06 
_pdbx_database_status.deposit_site                    RCSB 
_pdbx_database_status.process_site                    RCSB 
_pdbx_database_status.status_code_sf                  REL 
_pdbx_database_status.status_code_mr                  ? 
_pdbx_database_status.SG_entry                        ? 
_pdbx_database_status.pdb_format_compatible           Y 
_pdbx_database_status.status_code_cs                  ? 
_pdbx_database_status.status_code_nmr_data            ? 
_pdbx_database_status.methods_development_category    ? 
# 
loop_
_audit_author.name 
_audit_author.pdbx_ordinal 
'Keck, J.L.'   1 
'Lopper, M.'   2 
'Holton, J.M.' 3 
# 
_citation.id                        primary 
_citation.title                     'Crystal structure of PriB, a component of the Escherichia coli replication restart primosome' 
_citation.journal_abbrev            Structure 
_citation.journal_volume            12 
_citation.page_first                1967 
_citation.page_last                 1975 
_citation.year                      2004 
_citation.journal_id_ASTM           STRUE6 
_citation.country                   UK 
_citation.journal_id_ISSN           0969-2126 
_citation.journal_id_CSD            2005 
_citation.book_publisher            ? 
_citation.pdbx_database_id_PubMed   15530361 
_citation.pdbx_database_id_DOI      10.1016/j.str.2004.09.004 
# 
loop_
_citation_author.citation_id 
_citation_author.name 
_citation_author.ordinal 
_citation_author.identifier_ORCID 
primary 'Lopper, M.'   1 ? 
primary 'Holton, J.M.' 2 ? 
primary 'Keck, J.L.'   3 ? 
# 
loop_
_entity.id 
_entity.type 
_entity.src_method 
_entity.pdbx_description 
_entity.formula_weight 
_entity.pdbx_number_of_molecules 
_entity.pdbx_ec 
_entity.pdbx_mutation 
_entity.pdbx_fragment 
_entity.details 
1 polymer man 'Primosomal replication protein n' 11599.880 2   ? ? ? ? 
2 water   nat water                              18.015    140 ? ? ? ? 
# 
_entity_poly.entity_id                      1 
_entity_poly.type                           'polypeptide(L)' 
_entity_poly.nstd_linkage                   no 
_entity_poly.nstd_monomer                   yes 
_entity_poly.pdbx_seq_one_letter_code       
;(MSE)TNRLVLSGTVCRAPLRKVSPSGIPHCQFVLEHRSVQEEAGFHRQAWCQ(MSE)PVIVSGHENQAITHSITVGSRI
TVQGFISCHKAKNGLSK(MSE)VLHAEQIELIDSGD
;
_entity_poly.pdbx_seq_one_letter_code_can   
;MTNRLVLSGTVCRAPLRKVSPSGIPHCQFVLEHRSVQEEAGFHRQAWCQMPVIVSGHENQAITHSITVGSRITVQGFISC
HKAKNGLSKMVLHAEQIELIDSGD
;
_entity_poly.pdbx_strand_id                 A,B 
_entity_poly.pdbx_target_identifier         ? 
# 
_pdbx_entity_nonpoly.entity_id   2 
_pdbx_entity_nonpoly.name        water 
_pdbx_entity_nonpoly.comp_id     HOH 
# 
loop_
_entity_poly_seq.entity_id 
_entity_poly_seq.num 
_entity_poly_seq.mon_id 
_entity_poly_seq.hetero 
1 1   MSE n 
1 2   THR n 
1 3   ASN n 
1 4   ARG n 
1 5   LEU n 
1 6   VAL n 
1 7   LEU n 
1 8   SER n 
1 9   GLY n 
1 10  THR n 
1 11  VAL n 
1 12  CYS n 
1 13  ARG n 
1 14  ALA n 
1 15  PRO n 
1 16  LEU n 
1 17  ARG n 
1 18  LYS n 
1 19  VAL n 
1 20  SER n 
1 21  PRO n 
1 22  SER n 
1 23  GLY n 
1 24  ILE n 
1 25  PRO n 
1 26  HIS n 
1 27  CYS n 
1 28  GLN n 
1 29  PHE n 
1 30  VAL n 
1 31  LEU n 
1 32  GLU n 
1 33  HIS n 
1 34  ARG n 
1 35  SER n 
1 36  VAL n 
1 37  GLN n 
1 38  GLU n 
1 39  GLU n 
1 40  ALA n 
1 41  GLY n 
1 42  PHE n 
1 43  HIS n 
1 44  ARG n 
1 45  GLN n 
1 46  ALA n 
1 47  TRP n 
1 48  CYS n 
1 49  GLN n 
1 50  MSE n 
1 51  PRO n 
1 52  VAL n 
1 53  ILE n 
1 54  VAL n 
1 55  SER n 
1 56  GLY n 
1 57  HIS n 
1 58  GLU n 
1 59  ASN n 
1 60  GLN n 
1 61  ALA n 
1 62  ILE n 
1 63  THR n 
1 64  HIS n 
1 65  SER n 
1 66  ILE n 
1 67  THR n 
1 68  VAL n 
1 69  GLY n 
1 70  SER n 
1 71  ARG n 
1 72  ILE n 
1 73  THR n 
1 74  VAL n 
1 75  GLN n 
1 76  GLY n 
1 77  PHE n 
1 78  ILE n 
1 79  SER n 
1 80  CYS n 
1 81  HIS n 
1 82  LYS n 
1 83  ALA n 
1 84  LYS n 
1 85  ASN n 
1 86  GLY n 
1 87  LEU n 
1 88  SER n 
1 89  LYS n 
1 90  MSE n 
1 91  VAL n 
1 92  LEU n 
1 93  HIS n 
1 94  ALA n 
1 95  GLU n 
1 96  GLN n 
1 97  ILE n 
1 98  GLU n 
1 99  LEU n 
1 100 ILE n 
1 101 ASP n 
1 102 SER n 
1 103 GLY n 
1 104 ASP n 
# 
_entity_src_gen.entity_id                          1 
_entity_src_gen.pdbx_src_id                        1 
_entity_src_gen.pdbx_alt_source_flag               sample 
_entity_src_gen.pdbx_seq_type                      ? 
_entity_src_gen.pdbx_beg_seq_num                   ? 
_entity_src_gen.pdbx_end_seq_num                   ? 
_entity_src_gen.gene_src_common_name               ? 
_entity_src_gen.gene_src_genus                     Escherichia 
_entity_src_gen.pdbx_gene_src_gene                 'PRIB, B4201' 
_entity_src_gen.gene_src_species                   ? 
_entity_src_gen.gene_src_strain                    ? 
_entity_src_gen.gene_src_tissue                    ? 
_entity_src_gen.gene_src_tissue_fraction           ? 
_entity_src_gen.gene_src_details                   ? 
_entity_src_gen.pdbx_gene_src_fragment             ? 
_entity_src_gen.pdbx_gene_src_scientific_name      'Escherichia coli' 
_entity_src_gen.pdbx_gene_src_ncbi_taxonomy_id     562 
_entity_src_gen.pdbx_gene_src_variant              ? 
_entity_src_gen.pdbx_gene_src_cell_line            ? 
_entity_src_gen.pdbx_gene_src_atcc                 ? 
_entity_src_gen.pdbx_gene_src_organ                ? 
_entity_src_gen.pdbx_gene_src_organelle            ? 
_entity_src_gen.pdbx_gene_src_cell                 ? 
_entity_src_gen.pdbx_gene_src_cellular_location    ? 
_entity_src_gen.host_org_common_name               ? 
_entity_src_gen.pdbx_host_org_scientific_name      'Escherichia coli' 
_entity_src_gen.pdbx_host_org_ncbi_taxonomy_id     562 
_entity_src_gen.host_org_genus                     Escherichia 
_entity_src_gen.pdbx_host_org_gene                 ? 
_entity_src_gen.pdbx_host_org_organ                ? 
_entity_src_gen.host_org_species                   ? 
_entity_src_gen.pdbx_host_org_tissue               ? 
_entity_src_gen.pdbx_host_org_tissue_fraction      ? 
_entity_src_gen.pdbx_host_org_strain               ? 
_entity_src_gen.pdbx_host_org_variant              ? 
_entity_src_gen.pdbx_host_org_cell_line            ? 
_entity_src_gen.pdbx_host_org_atcc                 ? 
_entity_src_gen.pdbx_host_org_culture_collection   ? 
_entity_src_gen.pdbx_host_org_cell                 ? 
_entity_src_gen.pdbx_host_org_organelle            ? 
_entity_src_gen.pdbx_host_org_cellular_location    ? 
_entity_src_gen.pdbx_host_org_vector_type          ? 
_entity_src_gen.pdbx_host_org_vector               ? 
_entity_src_gen.host_org_details                   ? 
_entity_src_gen.expression_system_id               ? 
_entity_src_gen.plasmid_name                       ? 
_entity_src_gen.plasmid_details                    ? 
_entity_src_gen.pdbx_description                   ? 
# 
loop_
_chem_comp.id 
_chem_comp.type 
_chem_comp.mon_nstd_flag 
_chem_comp.name 
_chem_comp.pdbx_synonyms 
_chem_comp.formula 
_chem_comp.formula_weight 
ALA 'L-peptide linking' y ALANINE          ? 'C3 H7 N O2'     89.093  
ARG 'L-peptide linking' y ARGININE         ? 'C6 H15 N4 O2 1' 175.209 
ASN 'L-peptide linking' y ASPARAGINE       ? 'C4 H8 N2 O3'    132.118 
ASP 'L-peptide linking' y 'ASPARTIC ACID'  ? 'C4 H7 N O4'     133.103 
CYS 'L-peptide linking' y CYSTEINE         ? 'C3 H7 N O2 S'   121.158 
GLN 'L-peptide linking' y GLUTAMINE        ? 'C5 H10 N2 O3'   146.144 
GLU 'L-peptide linking' y 'GLUTAMIC ACID'  ? 'C5 H9 N O4'     147.129 
GLY 'peptide linking'   y GLYCINE          ? 'C2 H5 N O2'     75.067  
HIS 'L-peptide linking' y HISTIDINE        ? 'C6 H10 N3 O2 1' 156.162 
HOH non-polymer         . WATER            ? 'H2 O'           18.015  
ILE 'L-peptide linking' y ISOLEUCINE       ? 'C6 H13 N O2'    131.173 
LEU 'L-peptide linking' y LEUCINE          ? 'C6 H13 N O2'    131.173 
LYS 'L-peptide linking' y LYSINE           ? 'C6 H15 N2 O2 1' 147.195 
MET 'L-peptide linking' y METHIONINE       ? 'C5 H11 N O2 S'  149.211 
MSE 'L-peptide linking' n SELENOMETHIONINE ? 'C5 H11 N O2 Se' 196.106 
PHE 'L-peptide linking' y PHENYLALANINE    ? 'C9 H11 N O2'    165.189 
PRO 'L-peptide linking' y PROLINE          ? 'C5 H9 N O2'     115.130 
SER 'L-peptide linking' y SERINE           ? 'C3 H7 N O3'     105.093 
THR 'L-peptide linking' y THREONINE        ? 'C4 H9 N O3'     119.119 
TRP 'L-peptide linking' y TRYPTOPHAN       ? 'C11 H12 N2 O2'  204.225 
VAL 'L-peptide linking' y VALINE           ? 'C5 H11 N O2'    117.146 
# 
loop_
_pdbx_poly_seq_scheme.asym_id 
_pdbx_poly_seq_scheme.entity_id 
_pdbx_poly_seq_scheme.seq_id 
_pdbx_poly_seq_scheme.mon_id 
_pdbx_poly_seq_scheme.ndb_seq_num 
_pdbx_poly_seq_scheme.pdb_seq_num 
_pdbx_poly_seq_scheme.auth_seq_num 
_pdbx_poly_seq_scheme.pdb_mon_id 
_pdbx_poly_seq_scheme.auth_mon_id 
_pdbx_poly_seq_scheme.pdb_strand_id 
_pdbx_poly_seq_scheme.pdb_ins_code 
_pdbx_poly_seq_scheme.hetero 
A 1 1   MSE 1   1   1   MSE MSE A . n 
A 1 2   THR 2   2   2   THR THR A . n 
A 1 3   ASN 3   3   3   ASN ASN A . n 
A 1 4   ARG 4   4   4   ARG ARG A . n 
A 1 5   LEU 5   5   5   LEU LEU A . n 
A 1 6   VAL 6   6   6   VAL VAL A . n 
A 1 7   LEU 7   7   7   LEU LEU A . n 
A 1 8   SER 8   8   8   SER SER A . n 
A 1 9   GLY 9   9   9   GLY GLY A . n 
A 1 10  THR 10  10  10  THR THR A . n 
A 1 11  VAL 11  11  11  VAL VAL A . n 
A 1 12  CYS 12  12  12  CYS CYS A . n 
A 1 13  ARG 13  13  13  ARG ARG A . n 
A 1 14  ALA 14  14  14  ALA ALA A . n 
A 1 15  PRO 15  15  15  PRO PRO A . n 
A 1 16  LEU 16  16  16  LEU LEU A . n 
A 1 17  ARG 17  17  17  ARG ARG A . n 
A 1 18  LYS 18  18  18  LYS LYS A . n 
A 1 19  VAL 19  19  19  VAL VAL A . n 
A 1 20  SER 20  20  20  SER SER A . n 
A 1 21  PRO 21  21  21  PRO PRO A . n 
A 1 22  SER 22  22  22  SER SER A . n 
A 1 23  GLY 23  23  23  GLY GLY A . n 
A 1 24  ILE 24  24  24  ILE ILE A . n 
A 1 25  PRO 25  25  25  PRO PRO A . n 
A 1 26  HIS 26  26  26  HIS HIS A . n 
A 1 27  CYS 27  27  27  CYS CYS A . n 
A 1 28  GLN 28  28  28  GLN GLN A . n 
A 1 29  PHE 29  29  29  PHE PHE A . n 
A 1 30  VAL 30  30  30  VAL VAL A . n 
A 1 31  LEU 31  31  31  LEU LEU A . n 
A 1 32  GLU 32  32  32  GLU GLU A . n 
A 1 33  HIS 33  33  33  HIS HIS A . n 
A 1 34  ARG 34  34  34  ARG ARG A . n 
A 1 35  SER 35  35  35  SER SER A . n 
A 1 36  VAL 36  36  36  VAL VAL A . n 
A 1 37  GLN 37  37  37  GLN GLN A . n 
A 1 38  GLU 38  38  38  GLU GLU A . n 
A 1 39  GLU 39  39  39  GLU GLU A . n 
A 1 40  ALA 40  40  40  ALA ALA A . n 
A 1 41  GLY 41  41  41  GLY GLY A . n 
A 1 42  PHE 42  42  42  PHE PHE A . n 
A 1 43  HIS 43  43  43  HIS HIS A . n 
A 1 44  ARG 44  44  44  ARG ARG A . n 
A 1 45  GLN 45  45  45  GLN GLN A . n 
A 1 46  ALA 46  46  46  ALA ALA A . n 
A 1 47  TRP 47  47  47  TRP TRP A . n 
A 1 48  CYS 48  48  48  CYS CYS A . n 
A 1 49  GLN 49  49  49  GLN GLN A . n 
A 1 50  MSE 50  50  50  MSE MSE A . n 
A 1 51  PRO 51  51  51  PRO PRO A . n 
A 1 52  VAL 52  52  52  VAL VAL A . n 
A 1 53  ILE 53  53  53  ILE ILE A . n 
A 1 54  VAL 54  54  54  VAL VAL A . n 
A 1 55  SER 55  55  55  SER SER A . n 
A 1 56  GLY 56  56  56  GLY GLY A . n 
A 1 57  HIS 57  57  57  HIS HIS A . n 
A 1 58  GLU 58  58  58  GLU GLU A . n 
A 1 59  ASN 59  59  59  ASN ASN A . n 
A 1 60  GLN 60  60  60  GLN GLN A . n 
A 1 61  ALA 61  61  61  ALA ALA A . n 
A 1 62  ILE 62  62  62  ILE ILE A . n 
A 1 63  THR 63  63  63  THR THR A . n 
A 1 64  HIS 64  64  64  HIS HIS A . n 
A 1 65  SER 65  65  65  SER SER A . n 
A 1 66  ILE 66  66  66  ILE ILE A . n 
A 1 67  THR 67  67  67  THR THR A . n 
A 1 68  VAL 68  68  68  VAL VAL A . n 
A 1 69  GLY 69  69  69  GLY GLY A . n 
A 1 70  SER 70  70  70  SER SER A . n 
A 1 71  ARG 71  71  71  ARG ARG A . n 
A 1 72  ILE 72  72  72  ILE ILE A . n 
A 1 73  THR 73  73  73  THR THR A . n 
A 1 74  VAL 74  74  74  VAL VAL A . n 
A 1 75  GLN 75  75  75  GLN GLN A . n 
A 1 76  GLY 76  76  76  GLY GLY A . n 
A 1 77  PHE 77  77  77  PHE PHE A . n 
A 1 78  ILE 78  78  78  ILE ILE A . n 
A 1 79  SER 79  79  79  SER SER A . n 
A 1 80  CYS 80  80  80  CYS CYS A . n 
A 1 81  HIS 81  81  ?   ?   ?   A . n 
A 1 82  LYS 82  82  ?   ?   ?   A . n 
A 1 83  ALA 83  83  ?   ?   ?   A . n 
A 1 84  LYS 84  84  ?   ?   ?   A . n 
A 1 85  ASN 85  85  ?   ?   ?   A . n 
A 1 86  GLY 86  86  ?   ?   ?   A . n 
A 1 87  LEU 87  87  ?   ?   ?   A . n 
A 1 88  SER 88  88  ?   ?   ?   A . n 
A 1 89  LYS 89  89  89  LYS LYS A . n 
A 1 90  MSE 90  90  90  MSE MSE A . n 
A 1 91  VAL 91  91  91  VAL VAL A . n 
A 1 92  LEU 92  92  92  LEU LEU A . n 
A 1 93  HIS 93  93  93  HIS HIS A . n 
A 1 94  ALA 94  94  94  ALA ALA A . n 
A 1 95  GLU 95  95  95  GLU GLU A . n 
A 1 96  GLN 96  96  96  GLN GLN A . n 
A 1 97  ILE 97  97  97  ILE ILE A . n 
A 1 98  GLU 98  98  98  GLU GLU A . n 
A 1 99  LEU 99  99  99  LEU LEU A . n 
A 1 100 ILE 100 100 100 ILE ILE A . n 
A 1 101 ASP 101 101 ?   ?   ?   A . n 
A 1 102 SER 102 102 ?   ?   ?   A . n 
A 1 103 GLY 103 103 ?   ?   ?   A . n 
A 1 104 ASP 104 104 ?   ?   ?   A . n 
B 1 1   MSE 1   1   1   MSE MSE B . n 
B 1 2   THR 2   2   2   THR THR B . n 
B 1 3   ASN 3   3   3   ASN ASN B . n 
B 1 4   ARG 4   4   4   ARG ARG B . n 
B 1 5   LEU 5   5   5   LEU LEU B . n 
B 1 6   VAL 6   6   6   VAL VAL B . n 
B 1 7   LEU 7   7   7   LEU LEU B . n 
B 1 8   SER 8   8   8   SER SER B . n 
B 1 9   GLY 9   9   9   GLY GLY B . n 
B 1 10  THR 10  10  10  THR THR B . n 
B 1 11  VAL 11  11  11  VAL VAL B . n 
B 1 12  CYS 12  12  12  CYS CYS B . n 
B 1 13  ARG 13  13  13  ARG ARG B . n 
B 1 14  ALA 14  14  14  ALA ALA B . n 
B 1 15  PRO 15  15  15  PRO PRO B . n 
B 1 16  LEU 16  16  16  LEU LEU B . n 
B 1 17  ARG 17  17  17  ARG ARG B . n 
B 1 18  LYS 18  18  18  LYS LYS B . n 
B 1 19  VAL 19  19  ?   ?   ?   B . n 
B 1 20  SER 20  20  ?   ?   ?   B . n 
B 1 21  PRO 21  21  ?   ?   ?   B . n 
B 1 22  SER 22  22  ?   ?   ?   B . n 
B 1 23  GLY 23  23  ?   ?   ?   B . n 
B 1 24  ILE 24  24  ?   ?   ?   B . n 
B 1 25  PRO 25  25  25  PRO PRO B . n 
B 1 26  HIS 26  26  26  HIS HIS B . n 
B 1 27  CYS 27  27  27  CYS CYS B . n 
B 1 28  GLN 28  28  28  GLN GLN B . n 
B 1 29  PHE 29  29  29  PHE PHE B . n 
B 1 30  VAL 30  30  30  VAL VAL B . n 
B 1 31  LEU 31  31  31  LEU LEU B . n 
B 1 32  GLU 32  32  32  GLU GLU B . n 
B 1 33  HIS 33  33  33  HIS HIS B . n 
B 1 34  ARG 34  34  34  ARG ARG B . n 
B 1 35  SER 35  35  35  SER SER B . n 
B 1 36  VAL 36  36  36  VAL VAL B . n 
B 1 37  GLN 37  37  37  GLN GLN B . n 
B 1 38  GLU 38  38  38  GLU GLU B . n 
B 1 39  GLU 39  39  39  GLU GLU B . n 
B 1 40  ALA 40  40  40  ALA ALA B . n 
B 1 41  GLY 41  41  41  GLY GLY B . n 
B 1 42  PHE 42  42  42  PHE PHE B . n 
B 1 43  HIS 43  43  43  HIS HIS B . n 
B 1 44  ARG 44  44  44  ARG ARG B . n 
B 1 45  GLN 45  45  45  GLN GLN B . n 
B 1 46  ALA 46  46  46  ALA ALA B . n 
B 1 47  TRP 47  47  47  TRP TRP B . n 
B 1 48  CYS 48  48  48  CYS CYS B . n 
B 1 49  GLN 49  49  49  GLN GLN B . n 
B 1 50  MSE 50  50  50  MSE MSE B . n 
B 1 51  PRO 51  51  51  PRO PRO B . n 
B 1 52  VAL 52  52  52  VAL VAL B . n 
B 1 53  ILE 53  53  53  ILE ILE B . n 
B 1 54  VAL 54  54  54  VAL VAL B . n 
B 1 55  SER 55  55  55  SER SER B . n 
B 1 56  GLY 56  56  56  GLY GLY B . n 
B 1 57  HIS 57  57  57  HIS HIS B . n 
B 1 58  GLU 58  58  58  GLU GLU B . n 
B 1 59  ASN 59  59  59  ASN ASN B . n 
B 1 60  GLN 60  60  60  GLN GLN B . n 
B 1 61  ALA 61  61  61  ALA ALA B . n 
B 1 62  ILE 62  62  62  ILE ILE B . n 
B 1 63  THR 63  63  63  THR THR B . n 
B 1 64  HIS 64  64  64  HIS HIS B . n 
B 1 65  SER 65  65  65  SER SER B . n 
B 1 66  ILE 66  66  66  ILE ILE B . n 
B 1 67  THR 67  67  67  THR THR B . n 
B 1 68  VAL 68  68  68  VAL VAL B . n 
B 1 69  GLY 69  69  69  GLY GLY B . n 
B 1 70  SER 70  70  70  SER SER B . n 
B 1 71  ARG 71  71  71  ARG ARG B . n 
B 1 72  ILE 72  72  72  ILE ILE B . n 
B 1 73  THR 73  73  73  THR THR B . n 
B 1 74  VAL 74  74  74  VAL VAL B . n 
B 1 75  GLN 75  75  75  GLN GLN B . n 
B 1 76  GLY 76  76  76  GLY GLY B . n 
B 1 77  PHE 77  77  77  PHE PHE B . n 
B 1 78  ILE 78  78  78  ILE ILE B . n 
B 1 79  SER 79  79  79  SER SER B . n 
B 1 80  CYS 80  80  80  CYS CYS B . n 
B 1 81  HIS 81  81  81  HIS HIS B . n 
B 1 82  LYS 82  82  ?   ?   ?   B . n 
B 1 83  ALA 83  83  ?   ?   ?   B . n 
B 1 84  LYS 84  84  ?   ?   ?   B . n 
B 1 85  ASN 85  85  ?   ?   ?   B . n 
B 1 86  GLY 86  86  ?   ?   ?   B . n 
B 1 87  LEU 87  87  ?   ?   ?   B . n 
B 1 88  SER 88  88  ?   ?   ?   B . n 
B 1 89  LYS 89  89  ?   ?   ?   B . n 
B 1 90  MSE 90  90  90  MSE MSE B . n 
B 1 91  VAL 91  91  91  VAL VAL B . n 
B 1 92  LEU 92  92  92  LEU LEU B . n 
B 1 93  HIS 93  93  93  HIS HIS B . n 
B 1 94  ALA 94  94  94  ALA ALA B . n 
B 1 95  GLU 95  95  95  GLU GLU B . n 
B 1 96  GLN 96  96  96  GLN GLN B . n 
B 1 97  ILE 97  97  97  ILE ILE B . n 
B 1 98  GLU 98  98  98  GLU GLU B . n 
B 1 99  LEU 99  99  ?   ?   ?   B . n 
B 1 100 ILE 100 100 ?   ?   ?   B . n 
B 1 101 ASP 101 101 ?   ?   ?   B . n 
B 1 102 SER 102 102 ?   ?   ?   B . n 
B 1 103 GLY 103 103 ?   ?   ?   B . n 
B 1 104 ASP 104 104 ?   ?   ?   B . n 
# 
loop_
_pdbx_nonpoly_scheme.asym_id 
_pdbx_nonpoly_scheme.entity_id 
_pdbx_nonpoly_scheme.mon_id 
_pdbx_nonpoly_scheme.ndb_seq_num 
_pdbx_nonpoly_scheme.pdb_seq_num 
_pdbx_nonpoly_scheme.auth_seq_num 
_pdbx_nonpoly_scheme.pdb_mon_id 
_pdbx_nonpoly_scheme.auth_mon_id 
_pdbx_nonpoly_scheme.pdb_strand_id 
_pdbx_nonpoly_scheme.pdb_ins_code 
C 2 HOH 1  105 1   HOH HOH A . 
C 2 HOH 2  106 3   HOH HOH A . 
C 2 HOH 3  107 4   HOH HOH A . 
C 2 HOH 4  108 5   HOH HOH A . 
C 2 HOH 5  109 6   HOH HOH A . 
C 2 HOH 6  110 7   HOH HOH A . 
C 2 HOH 7  111 8   HOH HOH A . 
C 2 HOH 8  112 9   HOH HOH A . 
C 2 HOH 9  113 10  HOH HOH A . 
C 2 HOH 10 114 11  HOH HOH A . 
C 2 HOH 11 115 14  HOH HOH A . 
C 2 HOH 12 116 16  HOH HOH A . 
C 2 HOH 13 117 17  HOH HOH A . 
C 2 HOH 14 118 20  HOH HOH A . 
C 2 HOH 15 119 21  HOH HOH A . 
C 2 HOH 16 120 22  HOH HOH A . 
C 2 HOH 17 121 23  HOH HOH A . 
C 2 HOH 18 122 24  HOH HOH A . 
C 2 HOH 19 123 25  HOH HOH A . 
C 2 HOH 20 124 26  HOH HOH A . 
C 2 HOH 21 125 28  HOH HOH A . 
C 2 HOH 22 126 30  HOH HOH A . 
C 2 HOH 23 127 32  HOH HOH A . 
C 2 HOH 24 128 33  HOH HOH A . 
C 2 HOH 25 129 36  HOH HOH A . 
C 2 HOH 26 130 37  HOH HOH A . 
C 2 HOH 27 131 38  HOH HOH A . 
C 2 HOH 28 132 39  HOH HOH A . 
C 2 HOH 29 133 40  HOH HOH A . 
C 2 HOH 30 134 43  HOH HOH A . 
C 2 HOH 31 135 47  HOH HOH A . 
C 2 HOH 32 136 49  HOH HOH A . 
C 2 HOH 33 137 54  HOH HOH A . 
C 2 HOH 34 138 55  HOH HOH A . 
C 2 HOH 35 139 56  HOH HOH A . 
C 2 HOH 36 140 57  HOH HOH A . 
C 2 HOH 37 141 58  HOH HOH A . 
C 2 HOH 38 142 61  HOH HOH A . 
C 2 HOH 39 143 62  HOH HOH A . 
C 2 HOH 40 144 63  HOH HOH A . 
C 2 HOH 41 145 65  HOH HOH A . 
C 2 HOH 42 146 67  HOH HOH A . 
C 2 HOH 43 147 68  HOH HOH A . 
C 2 HOH 44 148 69  HOH HOH A . 
C 2 HOH 45 149 72  HOH HOH A . 
C 2 HOH 46 150 75  HOH HOH A . 
C 2 HOH 47 151 76  HOH HOH A . 
C 2 HOH 48 152 77  HOH HOH A . 
C 2 HOH 49 153 78  HOH HOH A . 
C 2 HOH 50 154 79  HOH HOH A . 
C 2 HOH 51 155 80  HOH HOH A . 
C 2 HOH 52 156 81  HOH HOH A . 
C 2 HOH 53 157 82  HOH HOH A . 
C 2 HOH 54 158 83  HOH HOH A . 
C 2 HOH 55 159 84  HOH HOH A . 
C 2 HOH 56 160 85  HOH HOH A . 
C 2 HOH 57 161 87  HOH HOH A . 
C 2 HOH 58 162 88  HOH HOH A . 
C 2 HOH 59 163 92  HOH HOH A . 
C 2 HOH 60 164 94  HOH HOH A . 
C 2 HOH 61 165 95  HOH HOH A . 
C 2 HOH 62 166 98  HOH HOH A . 
C 2 HOH 63 167 100 HOH HOH A . 
C 2 HOH 64 168 105 HOH HOH A . 
C 2 HOH 65 169 107 HOH HOH A . 
C 2 HOH 66 170 109 HOH HOH A . 
C 2 HOH 67 171 111 HOH HOH A . 
C 2 HOH 68 172 112 HOH HOH A . 
C 2 HOH 69 173 113 HOH HOH A . 
C 2 HOH 70 174 114 HOH HOH A . 
C 2 HOH 71 175 115 HOH HOH A . 
C 2 HOH 72 176 117 HOH HOH A . 
C 2 HOH 73 177 118 HOH HOH A . 
C 2 HOH 74 178 119 HOH HOH A . 
C 2 HOH 75 179 121 HOH HOH A . 
C 2 HOH 76 180 125 HOH HOH A . 
C 2 HOH 77 181 126 HOH HOH A . 
C 2 HOH 78 182 127 HOH HOH A . 
C 2 HOH 79 183 132 HOH HOH A . 
C 2 HOH 80 184 133 HOH HOH A . 
C 2 HOH 81 185 134 HOH HOH A . 
C 2 HOH 82 186 136 HOH HOH A . 
C 2 HOH 83 187 137 HOH HOH A . 
C 2 HOH 84 188 138 HOH HOH A . 
C 2 HOH 85 189 139 HOH HOH A . 
C 2 HOH 86 190 140 HOH HOH A . 
D 2 HOH 1  105 2   HOH HOH B . 
D 2 HOH 2  106 12  HOH HOH B . 
D 2 HOH 3  107 13  HOH HOH B . 
D 2 HOH 4  108 15  HOH HOH B . 
D 2 HOH 5  109 18  HOH HOH B . 
D 2 HOH 6  110 19  HOH HOH B . 
D 2 HOH 7  111 27  HOH HOH B . 
D 2 HOH 8  112 29  HOH HOH B . 
D 2 HOH 9  113 31  HOH HOH B . 
D 2 HOH 10 114 34  HOH HOH B . 
D 2 HOH 11 115 35  HOH HOH B . 
D 2 HOH 12 116 41  HOH HOH B . 
D 2 HOH 13 117 42  HOH HOH B . 
D 2 HOH 14 118 44  HOH HOH B . 
D 2 HOH 15 119 45  HOH HOH B . 
D 2 HOH 16 120 46  HOH HOH B . 
D 2 HOH 17 121 48  HOH HOH B . 
D 2 HOH 18 122 50  HOH HOH B . 
D 2 HOH 19 123 51  HOH HOH B . 
D 2 HOH 20 124 52  HOH HOH B . 
D 2 HOH 21 125 53  HOH HOH B . 
D 2 HOH 22 126 59  HOH HOH B . 
D 2 HOH 23 127 60  HOH HOH B . 
D 2 HOH 24 128 64  HOH HOH B . 
D 2 HOH 25 129 66  HOH HOH B . 
D 2 HOH 26 130 70  HOH HOH B . 
D 2 HOH 27 131 71  HOH HOH B . 
D 2 HOH 28 132 73  HOH HOH B . 
D 2 HOH 29 133 74  HOH HOH B . 
D 2 HOH 30 134 86  HOH HOH B . 
D 2 HOH 31 135 89  HOH HOH B . 
D 2 HOH 32 136 90  HOH HOH B . 
D 2 HOH 33 137 91  HOH HOH B . 
D 2 HOH 34 138 93  HOH HOH B . 
D 2 HOH 35 139 96  HOH HOH B . 
D 2 HOH 36 140 97  HOH HOH B . 
D 2 HOH 37 141 99  HOH HOH B . 
D 2 HOH 38 142 101 HOH HOH B . 
D 2 HOH 39 143 102 HOH HOH B . 
D 2 HOH 40 144 103 HOH HOH B . 
D 2 HOH 41 145 104 HOH HOH B . 
D 2 HOH 42 146 106 HOH HOH B . 
D 2 HOH 43 147 108 HOH HOH B . 
D 2 HOH 44 148 110 HOH HOH B . 
D 2 HOH 45 149 116 HOH HOH B . 
D 2 HOH 46 150 120 HOH HOH B . 
D 2 HOH 47 151 122 HOH HOH B . 
D 2 HOH 48 152 123 HOH HOH B . 
D 2 HOH 49 153 124 HOH HOH B . 
D 2 HOH 50 154 128 HOH HOH B . 
D 2 HOH 51 155 129 HOH HOH B . 
D 2 HOH 52 156 130 HOH HOH B . 
D 2 HOH 53 157 131 HOH HOH B . 
D 2 HOH 54 158 135 HOH HOH B . 
# 
loop_
_software.name 
_software.classification 
_software.version 
_software.citation_id 
_software.pdbx_ordinal 
REFMAC refinement       5.0       ? 1 
MOSFLM 'data reduction' .         ? 2 
CCP4   'data scaling'   '(SCALA)' ? 3 
SOLVE  phasing          .         ? 4 
# 
_cell.entry_id           1TXY 
_cell.length_a           49.902 
_cell.length_b           60.294 
_cell.length_c           66.304 
_cell.angle_alpha        90.00 
_cell.angle_beta         90.00 
_cell.angle_gamma        90.00 
_cell.Z_PDB              8 
_cell.pdbx_unique_axis   ? 
# 
_symmetry.entry_id                         1TXY 
_symmetry.space_group_name_H-M             'P 21 21 21' 
_symmetry.pdbx_full_space_group_name_H-M   ? 
_symmetry.cell_setting                     ? 
_symmetry.Int_Tables_number                19 
_symmetry.space_group_name_Hall            ? 
# 
_exptl.entry_id          1TXY 
_exptl.method            'X-RAY DIFFRACTION' 
_exptl.crystals_number   1 
# 
_exptl_crystal.id                    1 
_exptl_crystal.density_meas          ? 
_exptl_crystal.density_Matthews      2.13 
_exptl_crystal.density_percent_sol   41 
_exptl_crystal.description           ? 
_exptl_crystal.F_000                 ? 
_exptl_crystal.preparation           ? 
# 
_exptl_crystal_grow.crystal_id      1 
_exptl_crystal_grow.method          'VAPOR DIFFUSION, HANGING DROP' 
_exptl_crystal_grow.temp            298 
_exptl_crystal_grow.temp_details    ? 
_exptl_crystal_grow.pH              8.5 
_exptl_crystal_grow.pdbx_details    'PEG 8000, Tris-HCl, pH 8.5, VAPOR DIFFUSION, HANGING DROP, temperature 298K' 
_exptl_crystal_grow.pdbx_pH_range   . 
# 
_diffrn.id                     1 
_diffrn.ambient_temp           110 
_diffrn.ambient_temp_details   ? 
_diffrn.crystal_id             1 
# 
_diffrn_detector.diffrn_id              1 
_diffrn_detector.detector               CCD 
_diffrn_detector.type                   'ADSC QUANTUM 4' 
_diffrn_detector.pdbx_collection_date   2004-06-10 
_diffrn_detector.details                ? 
# 
_diffrn_radiation.diffrn_id                        1 
_diffrn_radiation.wavelength_id                    1 
_diffrn_radiation.pdbx_monochromatic_or_laue_m_l   M 
_diffrn_radiation.monochromator                    'Double crystal' 
_diffrn_radiation.pdbx_diffrn_protocol             MAD 
_diffrn_radiation.pdbx_scattering_type             x-ray 
# 
loop_
_diffrn_radiation_wavelength.id 
_diffrn_radiation_wavelength.wavelength 
_diffrn_radiation_wavelength.wt 
1 1.0200 1.0 
2 0.9798 1.0 
3 0.9797 1.0 
# 
_diffrn_source.diffrn_id                   1 
_diffrn_source.source                      SYNCHROTRON 
_diffrn_source.type                        'ALS BEAMLINE 8.3.1' 
_diffrn_source.pdbx_synchrotron_site       ALS 
_diffrn_source.pdbx_synchrotron_beamline   8.3.1 
_diffrn_source.pdbx_wavelength             ? 
_diffrn_source.pdbx_wavelength_list        '1.0200, 0.9798, 0.9797' 
# 
_reflns.entry_id                     1TXY 
_reflns.observed_criterion_sigma_F   0 
_reflns.observed_criterion_sigma_I   0 
_reflns.d_resolution_high            2.0 
_reflns.d_resolution_low             34 
_reflns.number_all                   16070 
_reflns.number_obs                   16070 
_reflns.percent_possible_obs         99.9 
_reflns.pdbx_Rmerge_I_obs            ? 
_reflns.pdbx_Rsym_value              ? 
_reflns.pdbx_netI_over_sigmaI        ? 
_reflns.B_iso_Wilson_estimate        ? 
_reflns.pdbx_redundancy              ? 
_reflns.R_free_details               ? 
_reflns.limit_h_max                  ? 
_reflns.limit_h_min                  ? 
_reflns.limit_k_max                  ? 
_reflns.limit_k_min                  ? 
_reflns.limit_l_max                  ? 
_reflns.limit_l_min                  ? 
_reflns.observed_criterion_F_max     ? 
_reflns.observed_criterion_F_min     ? 
_reflns.pdbx_chi_squared             ? 
_reflns.pdbx_scaling_rejects         ? 
_reflns.pdbx_ordinal                 1 
_reflns.pdbx_diffrn_id               1 
# 
_reflns_shell.d_res_high             2.00 
_reflns_shell.d_res_low              2.10 
_reflns_shell.percent_possible_all   99.8 
_reflns_shell.Rmerge_I_obs           ? 
_reflns_shell.pdbx_Rsym_value        ? 
_reflns_shell.meanI_over_sigI_obs    ? 
_reflns_shell.pdbx_redundancy        ? 
_reflns_shell.percent_possible_obs   ? 
_reflns_shell.number_unique_all      ? 
_reflns_shell.number_measured_all    ? 
_reflns_shell.number_measured_obs    ? 
_reflns_shell.number_unique_obs      ? 
_reflns_shell.pdbx_chi_squared       ? 
_reflns_shell.pdbx_ordinal           1 
_reflns_shell.pdbx_diffrn_id         1 
# 
_refine.entry_id                                 1TXY 
_refine.ls_number_reflns_obs                     13288 
_refine.ls_number_reflns_all                     13288 
_refine.pdbx_ls_sigma_I                          ? 
_refine.pdbx_ls_sigma_F                          0 
_refine.pdbx_data_cutoff_high_absF               ? 
_refine.pdbx_data_cutoff_low_absF                ? 
_refine.pdbx_data_cutoff_high_rms_absF           ? 
_refine.ls_d_res_low                             20.00 
_refine.ls_d_res_high                            2.00 
_refine.ls_percent_reflns_obs                    99.72 
_refine.ls_R_factor_obs                          0.26009 
_refine.ls_R_factor_all                          0.26009 
_refine.ls_R_factor_R_work                       0.25884 
_refine.ls_R_factor_R_free                       0.28485 
_refine.ls_R_factor_R_free_error                 ? 
_refine.ls_R_factor_R_free_error_details         ? 
_refine.ls_percent_reflns_R_free                 5.0 
_refine.ls_number_reflns_R_free                  693 
_refine.ls_number_parameters                     ? 
_refine.ls_number_restraints                     ? 
_refine.occupancy_min                            ? 
_refine.occupancy_max                            ? 
_refine.correlation_coeff_Fo_to_Fc               0.913 
_refine.correlation_coeff_Fo_to_Fc_free          0.903 
_refine.B_iso_mean                               22.371 
_refine.aniso_B[1][1]                            -1.01 
_refine.aniso_B[2][2]                            -0.16 
_refine.aniso_B[3][3]                            1.18 
_refine.aniso_B[1][2]                            0.00 
_refine.aniso_B[1][3]                            0.00 
_refine.aniso_B[2][3]                            0.00 
_refine.solvent_model_details                    'BABINET MODEL WITH MASK' 
_refine.solvent_model_param_ksol                 ? 
_refine.solvent_model_param_bsol                 ? 
_refine.pdbx_solvent_vdw_probe_radii             1.40 
_refine.pdbx_solvent_ion_probe_radii             0.80 
_refine.pdbx_solvent_shrinkage_radii             0.80 
_refine.pdbx_ls_cross_valid_method               THROUGHOUT 
_refine.details                                  ? 
_refine.pdbx_starting_model                      ? 
_refine.pdbx_method_to_determine_struct          MAD 
_refine.pdbx_isotropic_thermal_model             ? 
_refine.pdbx_stereochemistry_target_values       'MAXIMUM LIKELIHOOD' 
_refine.pdbx_stereochem_target_val_spec_case     ? 
_refine.pdbx_R_Free_selection_details            RANDOM 
_refine.pdbx_overall_ESU_R                       0.241 
_refine.pdbx_overall_ESU_R_Free                  0.196 
_refine.overall_SU_ML                            0.149 
_refine.overall_SU_B                             5.173 
_refine.ls_redundancy_reflns_obs                 ? 
_refine.B_iso_min                                ? 
_refine.B_iso_max                                ? 
_refine.overall_SU_R_Cruickshank_DPI             ? 
_refine.overall_SU_R_free                        ? 
_refine.ls_wR_factor_R_free                      ? 
_refine.ls_wR_factor_R_work                      ? 
_refine.overall_FOM_free_R_set                   ? 
_refine.overall_FOM_work_R_set                   ? 
_refine.pdbx_refine_id                           'X-RAY DIFFRACTION' 
_refine.pdbx_TLS_residual_ADP_flag               'LIKELY RESIDUAL' 
_refine.pdbx_diffrn_id                           1 
_refine.pdbx_overall_phase_error                 ? 
_refine.pdbx_overall_SU_R_free_Cruickshank_DPI   ? 
_refine.pdbx_overall_SU_R_Blow_DPI               ? 
_refine.pdbx_overall_SU_R_free_Blow_DPI          ? 
# 
_refine_hist.pdbx_refine_id                   'X-RAY DIFFRACTION' 
_refine_hist.cycle_id                         LAST 
_refine_hist.pdbx_number_atoms_protein        1375 
_refine_hist.pdbx_number_atoms_nucleic_acid   0 
_refine_hist.pdbx_number_atoms_ligand         0 
_refine_hist.number_atoms_solvent             140 
_refine_hist.number_atoms_total               1515 
_refine_hist.d_res_high                       2.00 
_refine_hist.d_res_low                        20.00 
# 
loop_
_refine_ls_restr.type 
_refine_ls_restr.dev_ideal 
_refine_ls_restr.dev_ideal_target 
_refine_ls_restr.weight 
_refine_ls_restr.number 
_refine_ls_restr.pdbx_refine_id 
_refine_ls_restr.pdbx_restraint_function 
r_bond_refined_d         0.012  0.021  ? 1401 'X-RAY DIFFRACTION' ? 
r_angle_refined_deg      1.147  1.911  ? 1890 'X-RAY DIFFRACTION' ? 
r_dihedral_angle_1_deg   4.188  3.000  ? 171  'X-RAY DIFFRACTION' ? 
r_dihedral_angle_3_deg   17.493 15.000 ? 252  'X-RAY DIFFRACTION' ? 
r_chiral_restr           0.080  0.200  ? 219  'X-RAY DIFFRACTION' ? 
r_gen_planes_refined     0.005  0.020  ? 1028 'X-RAY DIFFRACTION' ? 
r_nbd_refined            0.292  0.300  ? 623  'X-RAY DIFFRACTION' ? 
r_xyhbond_nbd_refined    0.172  0.500  ? 174  'X-RAY DIFFRACTION' ? 
r_symmetry_vdw_refined   0.317  0.300  ? 40   'X-RAY DIFFRACTION' ? 
r_symmetry_hbond_refined 0.226  0.500  ? 8    'X-RAY DIFFRACTION' ? 
r_mcbond_it              0.874  1.500  ? 871  'X-RAY DIFFRACTION' ? 
r_mcangle_it             1.511  2.000  ? 1413 'X-RAY DIFFRACTION' ? 
r_scbond_it              2.417  3.000  ? 530  'X-RAY DIFFRACTION' ? 
r_scangle_it             3.739  4.500  ? 477  'X-RAY DIFFRACTION' ? 
# 
_refine_ls_shell.pdbx_total_number_of_bins_used   20 
_refine_ls_shell.d_res_high                       2.000 
_refine_ls_shell.d_res_low                        2.051 
_refine_ls_shell.number_reflns_R_work             940 
_refine_ls_shell.R_factor_R_work                  0.264 
_refine_ls_shell.percent_reflns_obs               ? 
_refine_ls_shell.R_factor_R_free                  0.248 
_refine_ls_shell.R_factor_R_free_error            ? 
_refine_ls_shell.percent_reflns_R_free            ? 
_refine_ls_shell.number_reflns_R_free             47 
_refine_ls_shell.number_reflns_obs                ? 
_refine_ls_shell.redundancy_reflns_obs            ? 
_refine_ls_shell.number_reflns_all                ? 
_refine_ls_shell.pdbx_refine_id                   'X-RAY DIFFRACTION' 
_refine_ls_shell.R_factor_all                     ? 
# 
_struct.entry_id                  1TXY 
_struct.title                     'E. coli PriB' 
_struct.pdbx_model_details        ? 
_struct.pdbx_CASP_flag            ? 
_struct.pdbx_model_type_details   ? 
# 
_struct_keywords.entry_id        1TXY 
_struct_keywords.pdbx_keywords   'DNA BINDING PROTEIN' 
_struct_keywords.text            'OB fold, dimer, DNA BINDING PROTEIN' 
# 
loop_
_struct_asym.id 
_struct_asym.pdbx_blank_PDB_chainid_flag 
_struct_asym.pdbx_modified 
_struct_asym.entity_id 
_struct_asym.details 
A N N 1 ? 
B N N 1 ? 
C N N 2 ? 
D N N 2 ? 
# 
_struct_ref.id                         1 
_struct_ref.db_name                    UNP 
_struct_ref.db_code                    PRIB_ECOLI 
_struct_ref.pdbx_db_accession          P07013 
_struct_ref.entity_id                  1 
_struct_ref.pdbx_seq_one_letter_code   
;TNRLVLSGTVCRAPLRKVSPSGIPHCQFVLEHRSVQEEAGFHRQAWCQMPVIVSGHENQAITHSITVGSRITVQGFISCH
KAKNGLSKMVLHAEQIELIDSGD
;
_struct_ref.pdbx_align_begin           1 
_struct_ref.pdbx_db_isoform            ? 
# 
loop_
_struct_ref_seq.align_id 
_struct_ref_seq.ref_id 
_struct_ref_seq.pdbx_PDB_id_code 
_struct_ref_seq.pdbx_strand_id 
_struct_ref_seq.seq_align_beg 
_struct_ref_seq.pdbx_seq_align_beg_ins_code 
_struct_ref_seq.seq_align_end 
_struct_ref_seq.pdbx_seq_align_end_ins_code 
_struct_ref_seq.pdbx_db_accession 
_struct_ref_seq.db_align_beg 
_struct_ref_seq.pdbx_db_align_beg_ins_code 
_struct_ref_seq.db_align_end 
_struct_ref_seq.pdbx_db_align_end_ins_code 
_struct_ref_seq.pdbx_auth_seq_align_beg 
_struct_ref_seq.pdbx_auth_seq_align_end 
1 1 1TXY A 2 ? 104 ? P07013 1 ? 103 ? 2 104 
2 1 1TXY B 2 ? 104 ? P07013 1 ? 103 ? 2 104 
# 
loop_
_struct_ref_seq_dif.align_id 
_struct_ref_seq_dif.pdbx_pdb_id_code 
_struct_ref_seq_dif.mon_id 
_struct_ref_seq_dif.pdbx_pdb_strand_id 
_struct_ref_seq_dif.seq_num 
_struct_ref_seq_dif.pdbx_pdb_ins_code 
_struct_ref_seq_dif.pdbx_seq_db_name 
_struct_ref_seq_dif.pdbx_seq_db_accession_code 
_struct_ref_seq_dif.db_mon_id 
_struct_ref_seq_dif.pdbx_seq_db_seq_num 
_struct_ref_seq_dif.details 
_struct_ref_seq_dif.pdbx_auth_seq_num 
_struct_ref_seq_dif.pdbx_ordinal 
1 1TXY MSE A 1  ? UNP P07013 MET 0  'initiating methionine' 1  1 
1 1TXY MSE A 50 ? UNP P07013 MET 49 'modified residue'      50 2 
1 1TXY MSE A 90 ? UNP P07013 MET 89 'modified residue'      90 3 
2 1TXY MSE B 1  ? UNP P07013 MET 0  'initiating methionine' 1  4 
2 1TXY MSE B 50 ? UNP P07013 MET 49 'modified residue'      50 5 
2 1TXY MSE B 90 ? UNP P07013 MET 89 'modified residue'      90 6 
# 
_pdbx_struct_assembly.id                   1 
_pdbx_struct_assembly.details              author_and_software_defined_assembly 
_pdbx_struct_assembly.method_details       PISA 
_pdbx_struct_assembly.oligomeric_details   dimeric 
_pdbx_struct_assembly.oligomeric_count     2 
# 
loop_
_pdbx_struct_assembly_prop.biol_id 
_pdbx_struct_assembly_prop.type 
_pdbx_struct_assembly_prop.value 
_pdbx_struct_assembly_prop.details 
1 'ABSA (A^2)' 2710 ? 
1 MORE         -21  ? 
1 'SSA (A^2)'  9460 ? 
# 
_pdbx_struct_assembly_gen.assembly_id       1 
_pdbx_struct_assembly_gen.oper_expression   1 
_pdbx_struct_assembly_gen.asym_id_list      A,B,C,D 
# 
_pdbx_struct_oper_list.id                   1 
_pdbx_struct_oper_list.type                 'identity operation' 
_pdbx_struct_oper_list.name                 1_555 
_pdbx_struct_oper_list.symmetry_operation   x,y,z 
_pdbx_struct_oper_list.matrix[1][1]         1.0000000000 
_pdbx_struct_oper_list.matrix[1][2]         0.0000000000 
_pdbx_struct_oper_list.matrix[1][3]         0.0000000000 
_pdbx_struct_oper_list.vector[1]            0.0000000000 
_pdbx_struct_oper_list.matrix[2][1]         0.0000000000 
_pdbx_struct_oper_list.matrix[2][2]         1.0000000000 
_pdbx_struct_oper_list.matrix[2][3]         0.0000000000 
_pdbx_struct_oper_list.vector[2]            0.0000000000 
_pdbx_struct_oper_list.matrix[3][1]         0.0000000000 
_pdbx_struct_oper_list.matrix[3][2]         0.0000000000 
_pdbx_struct_oper_list.matrix[3][3]         1.0000000000 
_pdbx_struct_oper_list.vector[3]            0.0000000000 
# 
_struct_biol.id   1 
# 
loop_
_struct_conf.conf_type_id 
_struct_conf.id 
_struct_conf.pdbx_PDB_helix_id 
_struct_conf.beg_label_comp_id 
_struct_conf.beg_label_asym_id 
_struct_conf.beg_label_seq_id 
_struct_conf.pdbx_beg_PDB_ins_code 
_struct_conf.end_label_comp_id 
_struct_conf.end_label_asym_id 
_struct_conf.end_label_seq_id 
_struct_conf.pdbx_end_PDB_ins_code 
_struct_conf.beg_auth_comp_id 
_struct_conf.beg_auth_asym_id 
_struct_conf.beg_auth_seq_id 
_struct_conf.end_auth_comp_id 
_struct_conf.end_auth_asym_id 
_struct_conf.end_auth_seq_id 
_struct_conf.pdbx_PDB_helix_class 
_struct_conf.details 
_struct_conf.pdbx_PDB_helix_length 
HELX_P HELX_P1 1 ASN A 59 ? HIS A 64 ? ASN A 59 HIS A 64 1 ? 6 
HELX_P HELX_P2 2 HIS B 57 ? GLN B 60 ? HIS B 57 GLN B 60 5 ? 4 
# 
_struct_conf_type.id          HELX_P 
_struct_conf_type.criteria    ? 
_struct_conf_type.reference   ? 
# 
loop_
_struct_conn.id 
_struct_conn.conn_type_id 
_struct_conn.pdbx_leaving_atom_flag 
_struct_conn.pdbx_PDB_id 
_struct_conn.ptnr1_label_asym_id 
_struct_conn.ptnr1_label_comp_id 
_struct_conn.ptnr1_label_seq_id 
_struct_conn.ptnr1_label_atom_id 
_struct_conn.pdbx_ptnr1_label_alt_id 
_struct_conn.pdbx_ptnr1_PDB_ins_code 
_struct_conn.pdbx_ptnr1_standard_comp_id 
_struct_conn.ptnr1_symmetry 
_struct_conn.ptnr2_label_asym_id 
_struct_conn.ptnr2_label_comp_id 
_struct_conn.ptnr2_label_seq_id 
_struct_conn.ptnr2_label_atom_id 
_struct_conn.pdbx_ptnr2_label_alt_id 
_struct_conn.pdbx_ptnr2_PDB_ins_code 
_struct_conn.ptnr1_auth_asym_id 
_struct_conn.ptnr1_auth_comp_id 
_struct_conn.ptnr1_auth_seq_id 
_struct_conn.ptnr2_auth_asym_id 
_struct_conn.ptnr2_auth_comp_id 
_struct_conn.ptnr2_auth_seq_id 
_struct_conn.ptnr2_symmetry 
_struct_conn.pdbx_ptnr3_label_atom_id 
_struct_conn.pdbx_ptnr3_label_seq_id 
_struct_conn.pdbx_ptnr3_label_comp_id 
_struct_conn.pdbx_ptnr3_label_asym_id 
_struct_conn.pdbx_ptnr3_label_alt_id 
_struct_conn.pdbx_ptnr3_PDB_ins_code 
_struct_conn.details 
_struct_conn.pdbx_dist_value 
_struct_conn.pdbx_value_order 
_struct_conn.pdbx_role 
disulf1 disulf ?    ? A CYS 48 SG ? ? ? 1_555 B CYS 80 SG ? ? A CYS 48 B CYS 80 1_555 ? ? ? ? ? ? ? 2.512 ? ? 
disulf2 disulf ?    ? A CYS 80 SG ? ? ? 1_555 B CYS 48 SG ? ? A CYS 80 B CYS 48 1_555 ? ? ? ? ? ? ? 2.036 ? ? 
covale1 covale both ? A MSE 1  C  ? ? ? 1_555 A THR 2  N  ? ? A MSE 1  A THR 2  1_555 ? ? ? ? ? ? ? 1.330 ? ? 
covale2 covale both ? A GLN 49 C  ? ? ? 1_555 A MSE 50 N  ? ? A GLN 49 A MSE 50 1_555 ? ? ? ? ? ? ? 1.319 ? ? 
covale3 covale both ? A MSE 50 C  ? ? ? 1_555 A PRO 51 N  ? ? A MSE 50 A PRO 51 1_555 ? ? ? ? ? ? ? 1.335 ? ? 
covale4 covale both ? A LYS 89 C  ? ? ? 1_555 A MSE 90 N  ? ? A LYS 89 A MSE 90 1_555 ? ? ? ? ? ? ? 1.337 ? ? 
covale5 covale both ? A MSE 90 C  ? ? ? 1_555 A VAL 91 N  ? ? A MSE 90 A VAL 91 1_555 ? ? ? ? ? ? ? 1.331 ? ? 
covale6 covale both ? B MSE 1  C  ? ? ? 1_555 B THR 2  N  ? ? B MSE 1  B THR 2  1_555 ? ? ? ? ? ? ? 1.321 ? ? 
covale7 covale both ? B GLN 49 C  ? ? ? 1_555 B MSE 50 N  ? ? B GLN 49 B MSE 50 1_555 ? ? ? ? ? ? ? 1.323 ? ? 
covale8 covale both ? B MSE 50 C  ? ? ? 1_555 B PRO 51 N  ? ? B MSE 50 B PRO 51 1_555 ? ? ? ? ? ? ? 1.324 ? ? 
covale9 covale both ? B MSE 90 C  ? ? ? 1_555 B VAL 91 N  ? ? B MSE 90 B VAL 91 1_555 ? ? ? ? ? ? ? 1.338 ? ? 
# 
loop_
_struct_conn_type.id 
_struct_conn_type.criteria 
_struct_conn_type.reference 
disulf ? ? 
covale ? ? 
# 
loop_
_pdbx_modification_feature.ordinal 
_pdbx_modification_feature.label_comp_id 
_pdbx_modification_feature.label_asym_id 
_pdbx_modification_feature.label_seq_id 
_pdbx_modification_feature.label_alt_id 
_pdbx_modification_feature.modified_residue_label_comp_id 
_pdbx_modification_feature.modified_residue_label_asym_id 
_pdbx_modification_feature.modified_residue_label_seq_id 
_pdbx_modification_feature.modified_residue_label_alt_id 
_pdbx_modification_feature.auth_comp_id 
_pdbx_modification_feature.auth_asym_id 
_pdbx_modification_feature.auth_seq_id 
_pdbx_modification_feature.PDB_ins_code 
_pdbx_modification_feature.symmetry 
_pdbx_modification_feature.modified_residue_auth_comp_id 
_pdbx_modification_feature.modified_residue_auth_asym_id 
_pdbx_modification_feature.modified_residue_auth_seq_id 
_pdbx_modification_feature.modified_residue_PDB_ins_code 
_pdbx_modification_feature.modified_residue_symmetry 
_pdbx_modification_feature.comp_id_linking_atom 
_pdbx_modification_feature.modified_residue_id_linking_atom 
_pdbx_modification_feature.modified_residue_id 
_pdbx_modification_feature.ref_pcm_id 
_pdbx_modification_feature.ref_comp_id 
_pdbx_modification_feature.type 
_pdbx_modification_feature.category 
1 MSE A 1  ? .   . .  . MSE A 1  ? 1_555 .   . .  . .     .  .  MET 1 MSE Selenomethionine 'Named protein modification' 
2 MSE A 50 ? .   . .  . MSE A 50 ? 1_555 .   . .  . .     .  .  MET 1 MSE Selenomethionine 'Named protein modification' 
3 MSE A 90 ? .   . .  . MSE A 90 ? 1_555 .   . .  . .     .  .  MET 1 MSE Selenomethionine 'Named protein modification' 
4 MSE B 1  ? .   . .  . MSE B 1  ? 1_555 .   . .  . .     .  .  MET 1 MSE Selenomethionine 'Named protein modification' 
5 MSE B 50 ? .   . .  . MSE B 50 ? 1_555 .   . .  . .     .  .  MET 1 MSE Selenomethionine 'Named protein modification' 
6 MSE B 90 ? .   . .  . MSE B 90 ? 1_555 .   . .  . .     .  .  MET 1 MSE Selenomethionine 'Named protein modification' 
7 CYS A 48 ? CYS B 80 ? CYS A 48 ? 1_555 CYS B 80 ? 1_555 SG SG .   . .   None             'Disulfide bridge'           
8 CYS A 80 ? CYS B 48 ? CYS A 80 ? 1_555 CYS B 48 ? 1_555 SG SG .   . .   None             'Disulfide bridge'           
# 
_struct_sheet.id               A 
_struct_sheet.type             ? 
_struct_sheet.number_strands   12 
_struct_sheet.details          ? 
# 
loop_
_struct_sheet_order.sheet_id 
_struct_sheet_order.range_id_1 
_struct_sheet_order.range_id_2 
_struct_sheet_order.offset 
_struct_sheet_order.sense 
A 1  2  ? anti-parallel 
A 2  3  ? anti-parallel 
A 3  4  ? parallel      
A 4  5  ? anti-parallel 
A 5  6  ? anti-parallel 
A 6  7  ? anti-parallel 
A 7  8  ? anti-parallel 
A 8  9  ? anti-parallel 
A 9  10 ? parallel      
A 10 11 ? anti-parallel 
A 11 12 ? anti-parallel 
# 
loop_
_struct_sheet_range.sheet_id 
_struct_sheet_range.id 
_struct_sheet_range.beg_label_comp_id 
_struct_sheet_range.beg_label_asym_id 
_struct_sheet_range.beg_label_seq_id 
_struct_sheet_range.pdbx_beg_PDB_ins_code 
_struct_sheet_range.end_label_comp_id 
_struct_sheet_range.end_label_asym_id 
_struct_sheet_range.end_label_seq_id 
_struct_sheet_range.pdbx_end_PDB_ins_code 
_struct_sheet_range.beg_auth_comp_id 
_struct_sheet_range.beg_auth_asym_id 
_struct_sheet_range.beg_auth_seq_id 
_struct_sheet_range.end_auth_comp_id 
_struct_sheet_range.end_auth_asym_id 
_struct_sheet_range.end_auth_seq_id 
A 1  ASN A 3  ? VAL A 19 ? ASN A 3  VAL A 19 
A 2  PRO A 25 ? GLU A 39 ? PRO A 25 GLU A 39 
A 3  PHE A 42 ? SER A 55 ? PHE A 42 SER A 55 
A 4  VAL A 91 ? LEU A 99 ? VAL A 91 LEU A 99 
A 5  ARG A 71 ? SER A 79 ? ARG A 71 SER A 79 
A 6  ASN A 3  ? VAL A 19 ? ASN A 3  VAL A 19 
A 7  ASN B 3  ? ARG B 17 ? ASN B 3  ARG B 17 
A 8  ARG B 71 ? SER B 79 ? ARG B 71 SER B 79 
A 9  VAL B 91 ? GLU B 98 ? VAL B 91 GLU B 98 
A 10 PHE B 42 ? SER B 55 ? PHE B 42 SER B 55 
A 11 HIS B 26 ? GLU B 39 ? HIS B 26 GLU B 39 
A 12 ASN B 3  ? ARG B 17 ? ASN B 3  ARG B 17 
# 
loop_
_pdbx_struct_sheet_hbond.sheet_id 
_pdbx_struct_sheet_hbond.range_id_1 
_pdbx_struct_sheet_hbond.range_id_2 
_pdbx_struct_sheet_hbond.range_1_label_atom_id 
_pdbx_struct_sheet_hbond.range_1_label_comp_id 
_pdbx_struct_sheet_hbond.range_1_label_asym_id 
_pdbx_struct_sheet_hbond.range_1_label_seq_id 
_pdbx_struct_sheet_hbond.range_1_PDB_ins_code 
_pdbx_struct_sheet_hbond.range_1_auth_atom_id 
_pdbx_struct_sheet_hbond.range_1_auth_comp_id 
_pdbx_struct_sheet_hbond.range_1_auth_asym_id 
_pdbx_struct_sheet_hbond.range_1_auth_seq_id 
_pdbx_struct_sheet_hbond.range_2_label_atom_id 
_pdbx_struct_sheet_hbond.range_2_label_comp_id 
_pdbx_struct_sheet_hbond.range_2_label_asym_id 
_pdbx_struct_sheet_hbond.range_2_label_seq_id 
_pdbx_struct_sheet_hbond.range_2_PDB_ins_code 
_pdbx_struct_sheet_hbond.range_2_auth_atom_id 
_pdbx_struct_sheet_hbond.range_2_auth_comp_id 
_pdbx_struct_sheet_hbond.range_2_auth_asym_id 
_pdbx_struct_sheet_hbond.range_2_auth_seq_id 
A 1  2  N LYS A 18 ? N LYS A 18 O HIS A 26 ? O HIS A 26 
A 2  3  N HIS A 33 ? N HIS A 33 O CYS A 48 ? O CYS A 48 
A 3  4  N PRO A 51 ? N PRO A 51 O LEU A 92 ? O LEU A 92 
A 4  5  O GLU A 95 ? O GLU A 95 N GLN A 75 ? N GLN A 75 
A 5  6  O GLY A 76 ? O GLY A 76 N LEU A 5  ? N LEU A 5  
A 6  7  N VAL A 6  ? N VAL A 6  O ARG B 4  ? O ARG B 4  
A 7  8  N LEU B 5  ? N LEU B 5  O GLY B 76 ? O GLY B 76 
A 8  9  N GLN B 75 ? N GLN B 75 O GLU B 95 ? O GLU B 95 
A 9  10 O LEU B 92 ? O LEU B 92 N PRO B 51 ? N PRO B 51 
A 10 11 O PHE B 42 ? O PHE B 42 N GLU B 39 ? N GLU B 39 
A 11 12 O GLU B 32 ? O GLU B 32 N THR B 10 ? N THR B 10 
# 
_pdbx_entry_details.entry_id                   1TXY 
_pdbx_entry_details.compound_details           ? 
_pdbx_entry_details.source_details             ? 
_pdbx_entry_details.nonpolymer_details         ? 
_pdbx_entry_details.sequence_details           ? 
_pdbx_entry_details.has_ligand_of_interest     ? 
_pdbx_entry_details.has_protein_modification   Y 
# 
_pdbx_validate_torsion.id              1 
_pdbx_validate_torsion.PDB_model_num   1 
_pdbx_validate_torsion.auth_comp_id    ASN 
_pdbx_validate_torsion.auth_asym_id    B 
_pdbx_validate_torsion.auth_seq_id     59 
_pdbx_validate_torsion.PDB_ins_code    ? 
_pdbx_validate_torsion.label_alt_id    ? 
_pdbx_validate_torsion.phi             -107.98 
_pdbx_validate_torsion.psi             66.80 
# 
loop_
_pdbx_struct_mod_residue.id 
_pdbx_struct_mod_residue.label_asym_id 
_pdbx_struct_mod_residue.label_comp_id 
_pdbx_struct_mod_residue.label_seq_id 
_pdbx_struct_mod_residue.auth_asym_id 
_pdbx_struct_mod_residue.auth_comp_id 
_pdbx_struct_mod_residue.auth_seq_id 
_pdbx_struct_mod_residue.PDB_ins_code 
_pdbx_struct_mod_residue.parent_comp_id 
_pdbx_struct_mod_residue.details 
1 A MSE 1  A MSE 1  ? MET SELENOMETHIONINE 
2 A MSE 50 A MSE 50 ? MET SELENOMETHIONINE 
3 A MSE 90 A MSE 90 ? MET SELENOMETHIONINE 
4 B MSE 1  B MSE 1  ? MET SELENOMETHIONINE 
5 B MSE 50 B MSE 50 ? MET SELENOMETHIONINE 
6 B MSE 90 B MSE 90 ? MET SELENOMETHIONINE 
# 
loop_
_pdbx_refine_tls.pdbx_refine_id 
_pdbx_refine_tls.id 
_pdbx_refine_tls.details 
_pdbx_refine_tls.method 
_pdbx_refine_tls.origin_x 
_pdbx_refine_tls.origin_y 
_pdbx_refine_tls.origin_z 
_pdbx_refine_tls.T[1][1] 
_pdbx_refine_tls.T[2][2] 
_pdbx_refine_tls.T[3][3] 
_pdbx_refine_tls.T[1][2] 
_pdbx_refine_tls.T[1][3] 
_pdbx_refine_tls.T[2][3] 
_pdbx_refine_tls.L[1][1] 
_pdbx_refine_tls.L[2][2] 
_pdbx_refine_tls.L[3][3] 
_pdbx_refine_tls.L[1][2] 
_pdbx_refine_tls.L[1][3] 
_pdbx_refine_tls.L[2][3] 
_pdbx_refine_tls.S[1][1] 
_pdbx_refine_tls.S[2][2] 
_pdbx_refine_tls.S[3][3] 
_pdbx_refine_tls.S[1][2] 
_pdbx_refine_tls.S[1][3] 
_pdbx_refine_tls.S[2][3] 
_pdbx_refine_tls.S[2][1] 
_pdbx_refine_tls.S[3][1] 
_pdbx_refine_tls.S[3][2] 
'X-RAY DIFFRACTION' 1 ? refined -0.6356 -7.1801 -5.5367 0.0742 0.0362 0.1074 0.0167  -0.0072 0.0143  2.3439 2.0491 2.8565 0.2501  1.7100 0.8444  0.0956  0.0338 -0.1295 0.0619  -0.0876 0.0194  -0.0791 0.0161  0.0352  
'X-RAY DIFFRACTION' 2 ? refined 0.6228  7.7403  6.3253  0.0926 0.0404 0.0932 0.0566  -0.0523 -0.0515 4.0775 3.2738 5.6950 -0.5968 2.3166 -0.2576 -0.3726 0.1527 0.2199  -0.4836 0.3618  -0.1333 0.0446  -0.4503 -0.3149 
'X-RAY DIFFRACTION' 3 ? refined -0.3693 -1.4821 -0.5454 0.0802 0.0911 0.1451 -0.0271 -0.0045 0.0114  1.2087 2.2274 2.6369 -0.6591 0.9878 1.0806  -0.0618 0.0334 0.0284  0.0155  -0.0167 0.0962  -0.0593 -0.0048 0.0219 
# 
loop_
_pdbx_refine_tls_group.pdbx_refine_id 
_pdbx_refine_tls_group.id 
_pdbx_refine_tls_group.refine_tls_id 
_pdbx_refine_tls_group.beg_auth_asym_id 
_pdbx_refine_tls_group.beg_auth_seq_id 
_pdbx_refine_tls_group.end_auth_asym_id 
_pdbx_refine_tls_group.end_auth_seq_id 
_pdbx_refine_tls_group.selection_details 
_pdbx_refine_tls_group.beg_label_asym_id 
_pdbx_refine_tls_group.beg_label_seq_id 
_pdbx_refine_tls_group.end_label_asym_id 
_pdbx_refine_tls_group.end_label_seq_id 
_pdbx_refine_tls_group.selection 
'X-RAY DIFFRACTION' 1 1 A 1   A 100 ? . . . . ? 
'X-RAY DIFFRACTION' 2 2 B 1   B 98  ? . . . . ? 
'X-RAY DIFFRACTION' 3 3 A 105 A 190 ? . . . . ? 
'X-RAY DIFFRACTION' 4 3 B 105 B 158 ? . . . . ? 
# 
loop_
_pdbx_unobs_or_zero_occ_residues.id 
_pdbx_unobs_or_zero_occ_residues.PDB_model_num 
_pdbx_unobs_or_zero_occ_residues.polymer_flag 
_pdbx_unobs_or_zero_occ_residues.occupancy_flag 
_pdbx_unobs_or_zero_occ_residues.auth_asym_id 
_pdbx_unobs_or_zero_occ_residues.auth_comp_id 
_pdbx_unobs_or_zero_occ_residues.auth_seq_id 
_pdbx_unobs_or_zero_occ_residues.PDB_ins_code 
_pdbx_unobs_or_zero_occ_residues.label_asym_id 
_pdbx_unobs_or_zero_occ_residues.label_comp_id 
_pdbx_unobs_or_zero_occ_residues.label_seq_id 
1  1 Y 1 A HIS 81  ? A HIS 81  
2  1 Y 1 A LYS 82  ? A LYS 82  
3  1 Y 1 A ALA 83  ? A ALA 83  
4  1 Y 1 A LYS 84  ? A LYS 84  
5  1 Y 1 A ASN 85  ? A ASN 85  
6  1 Y 1 A GLY 86  ? A GLY 86  
7  1 Y 1 A LEU 87  ? A LEU 87  
8  1 Y 1 A SER 88  ? A SER 88  
9  1 Y 1 A ASP 101 ? A ASP 101 
10 1 Y 1 A SER 102 ? A SER 102 
11 1 Y 1 A GLY 103 ? A GLY 103 
12 1 Y 1 A ASP 104 ? A ASP 104 
13 1 Y 1 B VAL 19  ? B VAL 19  
14 1 Y 1 B SER 20  ? B SER 20  
15 1 Y 1 B PRO 21  ? B PRO 21  
16 1 Y 1 B SER 22  ? B SER 22  
17 1 Y 1 B GLY 23  ? B GLY 23  
18 1 Y 1 B ILE 24  ? B ILE 24  
19 1 Y 1 B LYS 82  ? B LYS 82  
20 1 Y 1 B ALA 83  ? B ALA 83  
21 1 Y 1 B LYS 84  ? B LYS 84  
22 1 Y 1 B ASN 85  ? B ASN 85  
23 1 Y 1 B GLY 86  ? B GLY 86  
24 1 Y 1 B LEU 87  ? B LEU 87  
25 1 Y 1 B SER 88  ? B SER 88  
26 1 Y 1 B LYS 89  ? B LYS 89  
27 1 Y 1 B LEU 99  ? B LEU 99  
28 1 Y 1 B ILE 100 ? B ILE 100 
29 1 Y 1 B ASP 101 ? B ASP 101 
30 1 Y 1 B SER 102 ? B SER 102 
31 1 Y 1 B GLY 103 ? B GLY 103 
32 1 Y 1 B ASP 104 ? B ASP 104 
# 
loop_
_chem_comp_atom.comp_id 
_chem_comp_atom.atom_id 
_chem_comp_atom.type_symbol 
_chem_comp_atom.pdbx_aromatic_flag 
_chem_comp_atom.pdbx_stereo_config 
_chem_comp_atom.pdbx_ordinal 
ALA N    N  N N 1   
ALA CA   C  N S 2   
ALA C    C  N N 3   
ALA O    O  N N 4   
ALA CB   C  N N 5   
ALA OXT  O  N N 6   
ALA H    H  N N 7   
ALA H2   H  N N 8   
ALA HA   H  N N 9   
ALA HB1  H  N N 10  
ALA HB2  H  N N 11  
ALA HB3  H  N N 12  
ALA HXT  H  N N 13  
ARG N    N  N N 14  
ARG CA   C  N S 15  
ARG C    C  N N 16  
ARG O    O  N N 17  
ARG CB   C  N N 18  
ARG CG   C  N N 19  
ARG CD   C  N N 20  
ARG NE   N  N N 21  
ARG CZ   C  N N 22  
ARG NH1  N  N N 23  
ARG NH2  N  N N 24  
ARG OXT  O  N N 25  
ARG H    H  N N 26  
ARG H2   H  N N 27  
ARG HA   H  N N 28  
ARG HB2  H  N N 29  
ARG HB3  H  N N 30  
ARG HG2  H  N N 31  
ARG HG3  H  N N 32  
ARG HD2  H  N N 33  
ARG HD3  H  N N 34  
ARG HE   H  N N 35  
ARG HH11 H  N N 36  
ARG HH12 H  N N 37  
ARG HH21 H  N N 38  
ARG HH22 H  N N 39  
ARG HXT  H  N N 40  
ASN N    N  N N 41  
ASN CA   C  N S 42  
ASN C    C  N N 43  
ASN O    O  N N 44  
ASN CB   C  N N 45  
ASN CG   C  N N 46  
ASN OD1  O  N N 47  
ASN ND2  N  N N 48  
ASN OXT  O  N N 49  
ASN H    H  N N 50  
ASN H2   H  N N 51  
ASN HA   H  N N 52  
ASN HB2  H  N N 53  
ASN HB3  H  N N 54  
ASN HD21 H  N N 55  
ASN HD22 H  N N 56  
ASN HXT  H  N N 57  
ASP N    N  N N 58  
ASP CA   C  N S 59  
ASP C    C  N N 60  
ASP O    O  N N 61  
ASP CB   C  N N 62  
ASP CG   C  N N 63  
ASP OD1  O  N N 64  
ASP OD2  O  N N 65  
ASP OXT  O  N N 66  
ASP H    H  N N 67  
ASP H2   H  N N 68  
ASP HA   H  N N 69  
ASP HB2  H  N N 70  
ASP HB3  H  N N 71  
ASP HD2  H  N N 72  
ASP HXT  H  N N 73  
CYS N    N  N N 74  
CYS CA   C  N R 75  
CYS C    C  N N 76  
CYS O    O  N N 77  
CYS CB   C  N N 78  
CYS SG   S  N N 79  
CYS OXT  O  N N 80  
CYS H    H  N N 81  
CYS H2   H  N N 82  
CYS HA   H  N N 83  
CYS HB2  H  N N 84  
CYS HB3  H  N N 85  
CYS HG   H  N N 86  
CYS HXT  H  N N 87  
GLN N    N  N N 88  
GLN CA   C  N S 89  
GLN C    C  N N 90  
GLN O    O  N N 91  
GLN CB   C  N N 92  
GLN CG   C  N N 93  
GLN CD   C  N N 94  
GLN OE1  O  N N 95  
GLN NE2  N  N N 96  
GLN OXT  O  N N 97  
GLN H    H  N N 98  
GLN H2   H  N N 99  
GLN HA   H  N N 100 
GLN HB2  H  N N 101 
GLN HB3  H  N N 102 
GLN HG2  H  N N 103 
GLN HG3  H  N N 104 
GLN HE21 H  N N 105 
GLN HE22 H  N N 106 
GLN HXT  H  N N 107 
GLU N    N  N N 108 
GLU CA   C  N S 109 
GLU C    C  N N 110 
GLU O    O  N N 111 
GLU CB   C  N N 112 
GLU CG   C  N N 113 
GLU CD   C  N N 114 
GLU OE1  O  N N 115 
GLU OE2  O  N N 116 
GLU OXT  O  N N 117 
GLU H    H  N N 118 
GLU H2   H  N N 119 
GLU HA   H  N N 120 
GLU HB2  H  N N 121 
GLU HB3  H  N N 122 
GLU HG2  H  N N 123 
GLU HG3  H  N N 124 
GLU HE2  H  N N 125 
GLU HXT  H  N N 126 
GLY N    N  N N 127 
GLY CA   C  N N 128 
GLY C    C  N N 129 
GLY O    O  N N 130 
GLY OXT  O  N N 131 
GLY H    H  N N 132 
GLY H2   H  N N 133 
GLY HA2  H  N N 134 
GLY HA3  H  N N 135 
GLY HXT  H  N N 136 
HIS N    N  N N 137 
HIS CA   C  N S 138 
HIS C    C  N N 139 
HIS O    O  N N 140 
HIS CB   C  N N 141 
HIS CG   C  Y N 142 
HIS ND1  N  Y N 143 
HIS CD2  C  Y N 144 
HIS CE1  C  Y N 145 
HIS NE2  N  Y N 146 
HIS OXT  O  N N 147 
HIS H    H  N N 148 
HIS H2   H  N N 149 
HIS HA   H  N N 150 
HIS HB2  H  N N 151 
HIS HB3  H  N N 152 
HIS HD1  H  N N 153 
HIS HD2  H  N N 154 
HIS HE1  H  N N 155 
HIS HE2  H  N N 156 
HIS HXT  H  N N 157 
HOH O    O  N N 158 
HOH H1   H  N N 159 
HOH H2   H  N N 160 
ILE N    N  N N 161 
ILE CA   C  N S 162 
ILE C    C  N N 163 
ILE O    O  N N 164 
ILE CB   C  N S 165 
ILE CG1  C  N N 166 
ILE CG2  C  N N 167 
ILE CD1  C  N N 168 
ILE OXT  O  N N 169 
ILE H    H  N N 170 
ILE H2   H  N N 171 
ILE HA   H  N N 172 
ILE HB   H  N N 173 
ILE HG12 H  N N 174 
ILE HG13 H  N N 175 
ILE HG21 H  N N 176 
ILE HG22 H  N N 177 
ILE HG23 H  N N 178 
ILE HD11 H  N N 179 
ILE HD12 H  N N 180 
ILE HD13 H  N N 181 
ILE HXT  H  N N 182 
LEU N    N  N N 183 
LEU CA   C  N S 184 
LEU C    C  N N 185 
LEU O    O  N N 186 
LEU CB   C  N N 187 
LEU CG   C  N N 188 
LEU CD1  C  N N 189 
LEU CD2  C  N N 190 
LEU OXT  O  N N 191 
LEU H    H  N N 192 
LEU H2   H  N N 193 
LEU HA   H  N N 194 
LEU HB2  H  N N 195 
LEU HB3  H  N N 196 
LEU HG   H  N N 197 
LEU HD11 H  N N 198 
LEU HD12 H  N N 199 
LEU HD13 H  N N 200 
LEU HD21 H  N N 201 
LEU HD22 H  N N 202 
LEU HD23 H  N N 203 
LEU HXT  H  N N 204 
LYS N    N  N N 205 
LYS CA   C  N S 206 
LYS C    C  N N 207 
LYS O    O  N N 208 
LYS CB   C  N N 209 
LYS CG   C  N N 210 
LYS CD   C  N N 211 
LYS CE   C  N N 212 
LYS NZ   N  N N 213 
LYS OXT  O  N N 214 
LYS H    H  N N 215 
LYS H2   H  N N 216 
LYS HA   H  N N 217 
LYS HB2  H  N N 218 
LYS HB3  H  N N 219 
LYS HG2  H  N N 220 
LYS HG3  H  N N 221 
LYS HD2  H  N N 222 
LYS HD3  H  N N 223 
LYS HE2  H  N N 224 
LYS HE3  H  N N 225 
LYS HZ1  H  N N 226 
LYS HZ2  H  N N 227 
LYS HZ3  H  N N 228 
LYS HXT  H  N N 229 
MET N    N  N N 230 
MET CA   C  N S 231 
MET C    C  N N 232 
MET O    O  N N 233 
MET CB   C  N N 234 
MET CG   C  N N 235 
MET SD   S  N N 236 
MET CE   C  N N 237 
MET OXT  O  N N 238 
MET H    H  N N 239 
MET H2   H  N N 240 
MET HA   H  N N 241 
MET HB2  H  N N 242 
MET HB3  H  N N 243 
MET HG2  H  N N 244 
MET HG3  H  N N 245 
MET HE1  H  N N 246 
MET HE2  H  N N 247 
MET HE3  H  N N 248 
MET HXT  H  N N 249 
MSE N    N  N N 250 
MSE CA   C  N S 251 
MSE C    C  N N 252 
MSE O    O  N N 253 
MSE OXT  O  N N 254 
MSE CB   C  N N 255 
MSE CG   C  N N 256 
MSE SE   SE N N 257 
MSE CE   C  N N 258 
MSE H    H  N N 259 
MSE H2   H  N N 260 
MSE HA   H  N N 261 
MSE HXT  H  N N 262 
MSE HB2  H  N N 263 
MSE HB3  H  N N 264 
MSE HG2  H  N N 265 
MSE HG3  H  N N 266 
MSE HE1  H  N N 267 
MSE HE2  H  N N 268 
MSE HE3  H  N N 269 
PHE N    N  N N 270 
PHE CA   C  N S 271 
PHE C    C  N N 272 
PHE O    O  N N 273 
PHE CB   C  N N 274 
PHE CG   C  Y N 275 
PHE CD1  C  Y N 276 
PHE CD2  C  Y N 277 
PHE CE1  C  Y N 278 
PHE CE2  C  Y N 279 
PHE CZ   C  Y N 280 
PHE OXT  O  N N 281 
PHE H    H  N N 282 
PHE H2   H  N N 283 
PHE HA   H  N N 284 
PHE HB2  H  N N 285 
PHE HB3  H  N N 286 
PHE HD1  H  N N 287 
PHE HD2  H  N N 288 
PHE HE1  H  N N 289 
PHE HE2  H  N N 290 
PHE HZ   H  N N 291 
PHE HXT  H  N N 292 
PRO N    N  N N 293 
PRO CA   C  N S 294 
PRO C    C  N N 295 
PRO O    O  N N 296 
PRO CB   C  N N 297 
PRO CG   C  N N 298 
PRO CD   C  N N 299 
PRO OXT  O  N N 300 
PRO H    H  N N 301 
PRO HA   H  N N 302 
PRO HB2  H  N N 303 
PRO HB3  H  N N 304 
PRO HG2  H  N N 305 
PRO HG3  H  N N 306 
PRO HD2  H  N N 307 
PRO HD3  H  N N 308 
PRO HXT  H  N N 309 
SER N    N  N N 310 
SER CA   C  N S 311 
SER C    C  N N 312 
SER O    O  N N 313 
SER CB   C  N N 314 
SER OG   O  N N 315 
SER OXT  O  N N 316 
SER H    H  N N 317 
SER H2   H  N N 318 
SER HA   H  N N 319 
SER HB2  H  N N 320 
SER HB3  H  N N 321 
SER HG   H  N N 322 
SER HXT  H  N N 323 
THR N    N  N N 324 
THR CA   C  N S 325 
THR C    C  N N 326 
THR O    O  N N 327 
THR CB   C  N R 328 
THR OG1  O  N N 329 
THR CG2  C  N N 330 
THR OXT  O  N N 331 
THR H    H  N N 332 
THR H2   H  N N 333 
THR HA   H  N N 334 
THR HB   H  N N 335 
THR HG1  H  N N 336 
THR HG21 H  N N 337 
THR HG22 H  N N 338 
THR HG23 H  N N 339 
THR HXT  H  N N 340 
TRP N    N  N N 341 
TRP CA   C  N S 342 
TRP C    C  N N 343 
TRP O    O  N N 344 
TRP CB   C  N N 345 
TRP CG   C  Y N 346 
TRP CD1  C  Y N 347 
TRP CD2  C  Y N 348 
TRP NE1  N  Y N 349 
TRP CE2  C  Y N 350 
TRP CE3  C  Y N 351 
TRP CZ2  C  Y N 352 
TRP CZ3  C  Y N 353 
TRP CH2  C  Y N 354 
TRP OXT  O  N N 355 
TRP H    H  N N 356 
TRP H2   H  N N 357 
TRP HA   H  N N 358 
TRP HB2  H  N N 359 
TRP HB3  H  N N 360 
TRP HD1  H  N N 361 
TRP HE1  H  N N 362 
TRP HE3  H  N N 363 
TRP HZ2  H  N N 364 
TRP HZ3  H  N N 365 
TRP HH2  H  N N 366 
TRP HXT  H  N N 367 
VAL N    N  N N 368 
VAL CA   C  N S 369 
VAL C    C  N N 370 
VAL O    O  N N 371 
VAL CB   C  N N 372 
VAL CG1  C  N N 373 
VAL CG2  C  N N 374 
VAL OXT  O  N N 375 
VAL H    H  N N 376 
VAL H2   H  N N 377 
VAL HA   H  N N 378 
VAL HB   H  N N 379 
VAL HG11 H  N N 380 
VAL HG12 H  N N 381 
VAL HG13 H  N N 382 
VAL HG21 H  N N 383 
VAL HG22 H  N N 384 
VAL HG23 H  N N 385 
VAL HXT  H  N N 386 
# 
loop_
_chem_comp_bond.comp_id 
_chem_comp_bond.atom_id_1 
_chem_comp_bond.atom_id_2 
_chem_comp_bond.value_order 
_chem_comp_bond.pdbx_aromatic_flag 
_chem_comp_bond.pdbx_stereo_config 
_chem_comp_bond.pdbx_ordinal 
ALA N   CA   sing N N 1   
ALA N   H    sing N N 2   
ALA N   H2   sing N N 3   
ALA CA  C    sing N N 4   
ALA CA  CB   sing N N 5   
ALA CA  HA   sing N N 6   
ALA C   O    doub N N 7   
ALA C   OXT  sing N N 8   
ALA CB  HB1  sing N N 9   
ALA CB  HB2  sing N N 10  
ALA CB  HB3  sing N N 11  
ALA OXT HXT  sing N N 12  
ARG N   CA   sing N N 13  
ARG N   H    sing N N 14  
ARG N   H2   sing N N 15  
ARG CA  C    sing N N 16  
ARG CA  CB   sing N N 17  
ARG CA  HA   sing N N 18  
ARG C   O    doub N N 19  
ARG C   OXT  sing N N 20  
ARG CB  CG   sing N N 21  
ARG CB  HB2  sing N N 22  
ARG CB  HB3  sing N N 23  
ARG CG  CD   sing N N 24  
ARG CG  HG2  sing N N 25  
ARG CG  HG3  sing N N 26  
ARG CD  NE   sing N N 27  
ARG CD  HD2  sing N N 28  
ARG CD  HD3  sing N N 29  
ARG NE  CZ   sing N N 30  
ARG NE  HE   sing N N 31  
ARG CZ  NH1  sing N N 32  
ARG CZ  NH2  doub N N 33  
ARG NH1 HH11 sing N N 34  
ARG NH1 HH12 sing N N 35  
ARG NH2 HH21 sing N N 36  
ARG NH2 HH22 sing N N 37  
ARG OXT HXT  sing N N 38  
ASN N   CA   sing N N 39  
ASN N   H    sing N N 40  
ASN N   H2   sing N N 41  
ASN CA  C    sing N N 42  
ASN CA  CB   sing N N 43  
ASN CA  HA   sing N N 44  
ASN C   O    doub N N 45  
ASN C   OXT  sing N N 46  
ASN CB  CG   sing N N 47  
ASN CB  HB2  sing N N 48  
ASN CB  HB3  sing N N 49  
ASN CG  OD1  doub N N 50  
ASN CG  ND2  sing N N 51  
ASN ND2 HD21 sing N N 52  
ASN ND2 HD22 sing N N 53  
ASN OXT HXT  sing N N 54  
ASP N   CA   sing N N 55  
ASP N   H    sing N N 56  
ASP N   H2   sing N N 57  
ASP CA  C    sing N N 58  
ASP CA  CB   sing N N 59  
ASP CA  HA   sing N N 60  
ASP C   O    doub N N 61  
ASP C   OXT  sing N N 62  
ASP CB  CG   sing N N 63  
ASP CB  HB2  sing N N 64  
ASP CB  HB3  sing N N 65  
ASP CG  OD1  doub N N 66  
ASP CG  OD2  sing N N 67  
ASP OD2 HD2  sing N N 68  
ASP OXT HXT  sing N N 69  
CYS N   CA   sing N N 70  
CYS N   H    sing N N 71  
CYS N   H2   sing N N 72  
CYS CA  C    sing N N 73  
CYS CA  CB   sing N N 74  
CYS CA  HA   sing N N 75  
CYS C   O    doub N N 76  
CYS C   OXT  sing N N 77  
CYS CB  SG   sing N N 78  
CYS CB  HB2  sing N N 79  
CYS CB  HB3  sing N N 80  
CYS SG  HG   sing N N 81  
CYS OXT HXT  sing N N 82  
GLN N   CA   sing N N 83  
GLN N   H    sing N N 84  
GLN N   H2   sing N N 85  
GLN CA  C    sing N N 86  
GLN CA  CB   sing N N 87  
GLN CA  HA   sing N N 88  
GLN C   O    doub N N 89  
GLN C   OXT  sing N N 90  
GLN CB  CG   sing N N 91  
GLN CB  HB2  sing N N 92  
GLN CB  HB3  sing N N 93  
GLN CG  CD   sing N N 94  
GLN CG  HG2  sing N N 95  
GLN CG  HG3  sing N N 96  
GLN CD  OE1  doub N N 97  
GLN CD  NE2  sing N N 98  
GLN NE2 HE21 sing N N 99  
GLN NE2 HE22 sing N N 100 
GLN OXT HXT  sing N N 101 
GLU N   CA   sing N N 102 
GLU N   H    sing N N 103 
GLU N   H2   sing N N 104 
GLU CA  C    sing N N 105 
GLU CA  CB   sing N N 106 
GLU CA  HA   sing N N 107 
GLU C   O    doub N N 108 
GLU C   OXT  sing N N 109 
GLU CB  CG   sing N N 110 
GLU CB  HB2  sing N N 111 
GLU CB  HB3  sing N N 112 
GLU CG  CD   sing N N 113 
GLU CG  HG2  sing N N 114 
GLU CG  HG3  sing N N 115 
GLU CD  OE1  doub N N 116 
GLU CD  OE2  sing N N 117 
GLU OE2 HE2  sing N N 118 
GLU OXT HXT  sing N N 119 
GLY N   CA   sing N N 120 
GLY N   H    sing N N 121 
GLY N   H2   sing N N 122 
GLY CA  C    sing N N 123 
GLY CA  HA2  sing N N 124 
GLY CA  HA3  sing N N 125 
GLY C   O    doub N N 126 
GLY C   OXT  sing N N 127 
GLY OXT HXT  sing N N 128 
HIS N   CA   sing N N 129 
HIS N   H    sing N N 130 
HIS N   H2   sing N N 131 
HIS CA  C    sing N N 132 
HIS CA  CB   sing N N 133 
HIS CA  HA   sing N N 134 
HIS C   O    doub N N 135 
HIS C   OXT  sing N N 136 
HIS CB  CG   sing N N 137 
HIS CB  HB2  sing N N 138 
HIS CB  HB3  sing N N 139 
HIS CG  ND1  sing Y N 140 
HIS CG  CD2  doub Y N 141 
HIS ND1 CE1  doub Y N 142 
HIS ND1 HD1  sing N N 143 
HIS CD2 NE2  sing Y N 144 
HIS CD2 HD2  sing N N 145 
HIS CE1 NE2  sing Y N 146 
HIS CE1 HE1  sing N N 147 
HIS NE2 HE2  sing N N 148 
HIS OXT HXT  sing N N 149 
HOH O   H1   sing N N 150 
HOH O   H2   sing N N 151 
ILE N   CA   sing N N 152 
ILE N   H    sing N N 153 
ILE N   H2   sing N N 154 
ILE CA  C    sing N N 155 
ILE CA  CB   sing N N 156 
ILE CA  HA   sing N N 157 
ILE C   O    doub N N 158 
ILE C   OXT  sing N N 159 
ILE CB  CG1  sing N N 160 
ILE CB  CG2  sing N N 161 
ILE CB  HB   sing N N 162 
ILE CG1 CD1  sing N N 163 
ILE CG1 HG12 sing N N 164 
ILE CG1 HG13 sing N N 165 
ILE CG2 HG21 sing N N 166 
ILE CG2 HG22 sing N N 167 
ILE CG2 HG23 sing N N 168 
ILE CD1 HD11 sing N N 169 
ILE CD1 HD12 sing N N 170 
ILE CD1 HD13 sing N N 171 
ILE OXT HXT  sing N N 172 
LEU N   CA   sing N N 173 
LEU N   H    sing N N 174 
LEU N   H2   sing N N 175 
LEU CA  C    sing N N 176 
LEU CA  CB   sing N N 177 
LEU CA  HA   sing N N 178 
LEU C   O    doub N N 179 
LEU C   OXT  sing N N 180 
LEU CB  CG   sing N N 181 
LEU CB  HB2  sing N N 182 
LEU CB  HB3  sing N N 183 
LEU CG  CD1  sing N N 184 
LEU CG  CD2  sing N N 185 
LEU CG  HG   sing N N 186 
LEU CD1 HD11 sing N N 187 
LEU CD1 HD12 sing N N 188 
LEU CD1 HD13 sing N N 189 
LEU CD2 HD21 sing N N 190 
LEU CD2 HD22 sing N N 191 
LEU CD2 HD23 sing N N 192 
LEU OXT HXT  sing N N 193 
LYS N   CA   sing N N 194 
LYS N   H    sing N N 195 
LYS N   H2   sing N N 196 
LYS CA  C    sing N N 197 
LYS CA  CB   sing N N 198 
LYS CA  HA   sing N N 199 
LYS C   O    doub N N 200 
LYS C   OXT  sing N N 201 
LYS CB  CG   sing N N 202 
LYS CB  HB2  sing N N 203 
LYS CB  HB3  sing N N 204 
LYS CG  CD   sing N N 205 
LYS CG  HG2  sing N N 206 
LYS CG  HG3  sing N N 207 
LYS CD  CE   sing N N 208 
LYS CD  HD2  sing N N 209 
LYS CD  HD3  sing N N 210 
LYS CE  NZ   sing N N 211 
LYS CE  HE2  sing N N 212 
LYS CE  HE3  sing N N 213 
LYS NZ  HZ1  sing N N 214 
LYS NZ  HZ2  sing N N 215 
LYS NZ  HZ3  sing N N 216 
LYS OXT HXT  sing N N 217 
MET N   CA   sing N N 218 
MET N   H    sing N N 219 
MET N   H2   sing N N 220 
MET CA  C    sing N N 221 
MET CA  CB   sing N N 222 
MET CA  HA   sing N N 223 
MET C   O    doub N N 224 
MET C   OXT  sing N N 225 
MET CB  CG   sing N N 226 
MET CB  HB2  sing N N 227 
MET CB  HB3  sing N N 228 
MET CG  SD   sing N N 229 
MET CG  HG2  sing N N 230 
MET CG  HG3  sing N N 231 
MET SD  CE   sing N N 232 
MET CE  HE1  sing N N 233 
MET CE  HE2  sing N N 234 
MET CE  HE3  sing N N 235 
MET OXT HXT  sing N N 236 
MSE N   CA   sing N N 237 
MSE N   H    sing N N 238 
MSE N   H2   sing N N 239 
MSE CA  C    sing N N 240 
MSE CA  CB   sing N N 241 
MSE CA  HA   sing N N 242 
MSE C   O    doub N N 243 
MSE C   OXT  sing N N 244 
MSE OXT HXT  sing N N 245 
MSE CB  CG   sing N N 246 
MSE CB  HB2  sing N N 247 
MSE CB  HB3  sing N N 248 
MSE CG  SE   sing N N 249 
MSE CG  HG2  sing N N 250 
MSE CG  HG3  sing N N 251 
MSE SE  CE   sing N N 252 
MSE CE  HE1  sing N N 253 
MSE CE  HE2  sing N N 254 
MSE CE  HE3  sing N N 255 
PHE N   CA   sing N N 256 
PHE N   H    sing N N 257 
PHE N   H2   sing N N 258 
PHE CA  C    sing N N 259 
PHE CA  CB   sing N N 260 
PHE CA  HA   sing N N 261 
PHE C   O    doub N N 262 
PHE C   OXT  sing N N 263 
PHE CB  CG   sing N N 264 
PHE CB  HB2  sing N N 265 
PHE CB  HB3  sing N N 266 
PHE CG  CD1  doub Y N 267 
PHE CG  CD2  sing Y N 268 
PHE CD1 CE1  sing Y N 269 
PHE CD1 HD1  sing N N 270 
PHE CD2 CE2  doub Y N 271 
PHE CD2 HD2  sing N N 272 
PHE CE1 CZ   doub Y N 273 
PHE CE1 HE1  sing N N 274 
PHE CE2 CZ   sing Y N 275 
PHE CE2 HE2  sing N N 276 
PHE CZ  HZ   sing N N 277 
PHE OXT HXT  sing N N 278 
PRO N   CA   sing N N 279 
PRO N   CD   sing N N 280 
PRO N   H    sing N N 281 
PRO CA  C    sing N N 282 
PRO CA  CB   sing N N 283 
PRO CA  HA   sing N N 284 
PRO C   O    doub N N 285 
PRO C   OXT  sing N N 286 
PRO CB  CG   sing N N 287 
PRO CB  HB2  sing N N 288 
PRO CB  HB3  sing N N 289 
PRO CG  CD   sing N N 290 
PRO CG  HG2  sing N N 291 
PRO CG  HG3  sing N N 292 
PRO CD  HD2  sing N N 293 
PRO CD  HD3  sing N N 294 
PRO OXT HXT  sing N N 295 
SER N   CA   sing N N 296 
SER N   H    sing N N 297 
SER N   H2   sing N N 298 
SER CA  C    sing N N 299 
SER CA  CB   sing N N 300 
SER CA  HA   sing N N 301 
SER C   O    doub N N 302 
SER C   OXT  sing N N 303 
SER CB  OG   sing N N 304 
SER CB  HB2  sing N N 305 
SER CB  HB3  sing N N 306 
SER OG  HG   sing N N 307 
SER OXT HXT  sing N N 308 
THR N   CA   sing N N 309 
THR N   H    sing N N 310 
THR N   H2   sing N N 311 
THR CA  C    sing N N 312 
THR CA  CB   sing N N 313 
THR CA  HA   sing N N 314 
THR C   O    doub N N 315 
THR C   OXT  sing N N 316 
THR CB  OG1  sing N N 317 
THR CB  CG2  sing N N 318 
THR CB  HB   sing N N 319 
THR OG1 HG1  sing N N 320 
THR CG2 HG21 sing N N 321 
THR CG2 HG22 sing N N 322 
THR CG2 HG23 sing N N 323 
THR OXT HXT  sing N N 324 
TRP N   CA   sing N N 325 
TRP N   H    sing N N 326 
TRP N   H2   sing N N 327 
TRP CA  C    sing N N 328 
TRP CA  CB   sing N N 329 
TRP CA  HA   sing N N 330 
TRP C   O    doub N N 331 
TRP C   OXT  sing N N 332 
TRP CB  CG   sing N N 333 
TRP CB  HB2  sing N N 334 
TRP CB  HB3  sing N N 335 
TRP CG  CD1  doub Y N 336 
TRP CG  CD2  sing Y N 337 
TRP CD1 NE1  sing Y N 338 
TRP CD1 HD1  sing N N 339 
TRP CD2 CE2  doub Y N 340 
TRP CD2 CE3  sing Y N 341 
TRP NE1 CE2  sing Y N 342 
TRP NE1 HE1  sing N N 343 
TRP CE2 CZ2  sing Y N 344 
TRP CE3 CZ3  doub Y N 345 
TRP CE3 HE3  sing N N 346 
TRP CZ2 CH2  doub Y N 347 
TRP CZ2 HZ2  sing N N 348 
TRP CZ3 CH2  sing Y N 349 
TRP CZ3 HZ3  sing N N 350 
TRP CH2 HH2  sing N N 351 
TRP OXT HXT  sing N N 352 
VAL N   CA   sing N N 353 
VAL N   H    sing N N 354 
VAL N   H2   sing N N 355 
VAL CA  C    sing N N 356 
VAL CA  CB   sing N N 357 
VAL CA  HA   sing N N 358 
VAL C   O    doub N N 359 
VAL C   OXT  sing N N 360 
VAL CB  CG1  sing N N 361 
VAL CB  CG2  sing N N 362 
VAL CB  HB   sing N N 363 
VAL CG1 HG11 sing N N 364 
VAL CG1 HG12 sing N N 365 
VAL CG1 HG13 sing N N 366 
VAL CG2 HG21 sing N N 367 
VAL CG2 HG22 sing N N 368 
VAL CG2 HG23 sing N N 369 
VAL OXT HXT  sing N N 370 
# 
_atom_sites.entry_id                    1TXY 
_atom_sites.fract_transf_matrix[1][1]   0.00015460 
_atom_sites.fract_transf_matrix[1][2]   0.01021651 
_atom_sites.fract_transf_matrix[1][3]   0.01723834 
_atom_sites.fract_transf_matrix[2][1]   0.01650449 
_atom_sites.fract_transf_matrix[2][2]   -0.00147352 
_atom_sites.fract_transf_matrix[2][3]   0.00072528 
_atom_sites.fract_transf_matrix[3][1]   0.00148888 
_atom_sites.fract_transf_matrix[3][2]   0.01290529 
_atom_sites.fract_transf_matrix[3][3]   -0.00766183 
_atom_sites.fract_transf_vector[1]      0.791410 
_atom_sites.fract_transf_vector[2]      0.059397 
_atom_sites.fract_transf_vector[3]      0.198643 
# 
loop_
_atom_type.symbol 
C  
N  
O  
S  
SE 
# 
loop_
_atom_site.group_PDB 
_atom_site.id 
_atom_site.type_symbol 
_atom_site.label_atom_id 
_atom_site.label_alt_id 
_atom_site.label_comp_id 
_atom_site.label_asym_id 
_atom_site.label_entity_id 
_atom_site.label_seq_id 
_atom_site.pdbx_PDB_ins_code 
_atom_site.Cartn_x 
_atom_site.Cartn_y 
_atom_site.Cartn_z 
_atom_site.occupancy 
_atom_site.B_iso_or_equiv 
_atom_site.pdbx_formal_charge 
_atom_site.auth_seq_id 
_atom_site.auth_comp_id 
_atom_site.auth_asym_id 
_atom_site.auth_atom_id 
_atom_site.pdbx_PDB_model_num 
HETATM 1    N  N   . MSE A 1 1   ? 0.063   14.104  -3.387  1.00 22.78 ? 1   MSE A N   1 
HETATM 2    C  CA  . MSE A 1 1   ? 0.663   13.603  -4.655  1.00 22.00 ? 1   MSE A CA  1 
HETATM 3    C  C   . MSE A 1 1   ? 0.918   12.107  -4.620  1.00 21.68 ? 1   MSE A C   1 
HETATM 4    O  O   . MSE A 1 1   ? 0.190   11.311  -5.239  1.00 20.94 ? 1   MSE A O   1 
HETATM 5    C  CB  . MSE A 1 1   ? 1.960   14.373  -4.973  1.00 23.36 ? 1   MSE A CB  1 
HETATM 6    C  CG  . MSE A 1 1   ? 3.111   14.059  -4.019  1.00 24.66 ? 1   MSE A CG  1 
HETATM 7    SE SE  . MSE A 1 1   ? 4.652   15.158  -4.283  1.00 32.80 ? 1   MSE A SE  1 
HETATM 8    C  CE  . MSE A 1 1   ? 3.971   16.808  -3.611  1.00 30.94 ? 1   MSE A CE  1 
ATOM   9    N  N   . THR A 1 2   ? 1.909   11.699  -3.832  1.00 20.54 ? 2   THR A N   1 
ATOM   10   C  CA  . THR A 1 2   ? 2.363   10.335  -3.844  1.00 18.14 ? 2   THR A CA  1 
ATOM   11   C  C   . THR A 1 2   ? 1.404   9.261   -3.250  1.00 16.43 ? 2   THR A C   1 
ATOM   12   O  O   . THR A 1 2   ? 0.762   9.439   -2.200  1.00 14.57 ? 2   THR A O   1 
ATOM   13   C  CB  . THR A 1 2   ? 3.759   10.254  -3.167  1.00 19.24 ? 2   THR A CB  1 
ATOM   14   O  OG1 . THR A 1 2   ? 4.614   11.248  -3.743  1.00 19.44 ? 2   THR A OG1 1 
ATOM   15   C  CG2 . THR A 1 2   ? 4.446   8.943   -3.526  1.00 19.67 ? 2   THR A CG2 1 
ATOM   16   N  N   . ASN A 1 3   ? 1.354   8.145   -3.932  1.00 14.18 ? 3   ASN A N   1 
ATOM   17   C  CA  . ASN A 1 3   ? 0.585   6.972   -3.562  1.00 12.04 ? 3   ASN A CA  1 
ATOM   18   C  C   . ASN A 1 3   ? 1.234   5.851   -4.326  1.00 11.88 ? 3   ASN A C   1 
ATOM   19   O  O   . ASN A 1 3   ? 0.873   5.591   -5.468  1.00 11.85 ? 3   ASN A O   1 
ATOM   20   C  CB  . ASN A 1 3   ? -0.902  7.082   -3.933  1.00 11.93 ? 3   ASN A CB  1 
ATOM   21   C  CG  . ASN A 1 3   ? -1.753  5.878   -3.523  1.00 11.40 ? 3   ASN A CG  1 
ATOM   22   O  OD1 . ASN A 1 3   ? -2.986  5.975   -3.427  1.00 12.62 ? 3   ASN A OD1 1 
ATOM   23   N  ND2 . ASN A 1 3   ? -1.114  4.757   -3.298  1.00 4.92  ? 3   ASN A ND2 1 
ATOM   24   N  N   . ARG A 1 4   ? 2.189   5.188   -3.691  1.00 11.23 ? 4   ARG A N   1 
ATOM   25   C  CA  . ARG A 1 4   ? 2.927   4.102   -4.332  1.00 11.58 ? 4   ARG A CA  1 
ATOM   26   C  C   . ARG A 1 4   ? 3.264   2.997   -3.312  1.00 11.17 ? 4   ARG A C   1 
ATOM   27   O  O   . ARG A 1 4   ? 3.936   3.245   -2.315  1.00 10.27 ? 4   ARG A O   1 
ATOM   28   C  CB  . ARG A 1 4   ? 4.211   4.629   -4.956  1.00 11.71 ? 4   ARG A CB  1 
ATOM   29   C  CG  . ARG A 1 4   ? 4.922   3.603   -5.874  1.00 16.15 ? 4   ARG A CG  1 
ATOM   30   C  CD  . ARG A 1 4   ? 5.787   4.277   -6.937  1.00 20.32 ? 4   ARG A CD  1 
ATOM   31   N  NE  . ARG A 1 4   ? 6.144   3.376   -8.018  1.00 24.09 ? 4   ARG A NE  1 
ATOM   32   C  CZ  . ARG A 1 4   ? 6.891   3.729   -9.057  1.00 26.48 ? 4   ARG A CZ  1 
ATOM   33   N  NH1 . ARG A 1 4   ? 7.311   4.976   -9.165  1.00 26.00 ? 4   ARG A NH1 1 
ATOM   34   N  NH2 . ARG A 1 4   ? 7.198   2.827   -10.006 1.00 30.86 ? 4   ARG A NH2 1 
ATOM   35   N  N   . LEU A 1 5   ? 2.774   1.807   -3.583  1.00 9.09  ? 5   LEU A N   1 
ATOM   36   C  CA  . LEU A 1 5   ? 3.108   0.636   -2.781  1.00 10.66 ? 5   LEU A CA  1 
ATOM   37   C  C   . LEU A 1 5   ? 3.848   -0.373  -3.652  1.00 10.06 ? 5   LEU A C   1 
ATOM   38   O  O   . LEU A 1 5   ? 3.446   -0.637  -4.783  1.00 10.12 ? 5   LEU A O   1 
ATOM   39   C  CB  . LEU A 1 5   ? 1.861   0.000   -2.196  1.00 9.72  ? 5   LEU A CB  1 
ATOM   40   C  CG  . LEU A 1 5   ? 2.050   -1.360  -1.487  1.00 10.23 ? 5   LEU A CG  1 
ATOM   41   C  CD1 . LEU A 1 5   ? 2.942   -1.229  -0.247  1.00 11.49 ? 5   LEU A CD1 1 
ATOM   42   C  CD2 . LEU A 1 5   ? 0.721   -1.984  -1.121  1.00 11.64 ? 5   LEU A CD2 1 
ATOM   43   N  N   . VAL A 1 6   ? 4.932   -0.888  -3.127  1.00 9.80  ? 6   VAL A N   1 
ATOM   44   C  CA  . VAL A 1 6   ? 5.649   -2.022  -3.755  1.00 10.20 ? 6   VAL A CA  1 
ATOM   45   C  C   . VAL A 1 6   ? 5.639   -3.090  -2.720  1.00 10.26 ? 6   VAL A C   1 
ATOM   46   O  O   . VAL A 1 6   ? 6.114   -2.876  -1.566  1.00 10.04 ? 6   VAL A O   1 
ATOM   47   C  CB  . VAL A 1 6   ? 7.105   -1.667  -4.128  1.00 10.41 ? 6   VAL A CB  1 
ATOM   48   C  CG1 . VAL A 1 6   ? 7.756   -2.833  -4.929  1.00 12.64 ? 6   VAL A CG1 1 
ATOM   49   C  CG2 . VAL A 1 6   ? 7.148   -0.366  -4.932  1.00 10.28 ? 6   VAL A CG2 1 
ATOM   50   N  N   . LEU A 1 7   ? 5.089   -4.244  -3.084  1.00 9.80  ? 7   LEU A N   1 
ATOM   51   C  CA  . LEU A 1 7   ? 4.901   -5.324  -2.133  1.00 10.96 ? 7   LEU A CA  1 
ATOM   52   C  C   . LEU A 1 7   ? 5.184   -6.660  -2.813  1.00 11.04 ? 7   LEU A C   1 
ATOM   53   O  O   . LEU A 1 7   ? 4.595   -6.975  -3.835  1.00 10.33 ? 7   LEU A O   1 
ATOM   54   C  CB  . LEU A 1 7   ? 3.458   -5.311  -1.614  1.00 11.33 ? 7   LEU A CB  1 
ATOM   55   C  CG  . LEU A 1 7   ? 3.126   -6.232  -0.423  1.00 10.92 ? 7   LEU A CG  1 
ATOM   56   C  CD1 . LEU A 1 7   ? 3.842   -5.694  0.831   1.00 11.97 ? 7   LEU A CD1 1 
ATOM   57   C  CD2 . LEU A 1 7   ? 1.590   -6.261  -0.209  1.00 11.82 ? 7   LEU A CD2 1 
ATOM   58   N  N   . SER A 1 8   ? 6.115   -7.422  -2.240  1.00 11.44 ? 8   SER A N   1 
ATOM   59   C  CA  . SER A 1 8   ? 6.372   -8.762  -2.749  1.00 12.44 ? 8   SER A CA  1 
ATOM   60   C  C   . SER A 1 8   ? 5.594   -9.741  -1.874  1.00 12.84 ? 8   SER A C   1 
ATOM   61   O  O   . SER A 1 8   ? 5.224   -9.419  -0.747  1.00 13.36 ? 8   SER A O   1 
ATOM   62   C  CB  . SER A 1 8   ? 7.856   -9.092  -2.683  1.00 12.90 ? 8   SER A CB  1 
ATOM   63   O  OG  . SER A 1 8   ? 8.640   -8.014  -3.163  1.00 17.05 ? 8   SER A OG  1 
ATOM   64   N  N   . GLY A 1 9   ? 5.353   -10.932 -2.382  1.00 12.32 ? 9   GLY A N   1 
ATOM   65   C  CA  . GLY A 1 9   ? 4.681   -11.943 -1.601  1.00 12.68 ? 9   GLY A CA  1 
ATOM   66   C  C   . GLY A 1 9   ? 4.375   -13.168 -2.417  1.00 12.00 ? 9   GLY A C   1 
ATOM   67   O  O   . GLY A 1 9   ? 4.894   -13.326 -3.533  1.00 12.29 ? 9   GLY A O   1 
ATOM   68   N  N   . THR A 1 10  ? 3.528   -14.016 -1.872  1.00 11.29 ? 10  THR A N   1 
ATOM   69   C  CA  . THR A 1 10  ? 3.130   -15.240 -2.566  1.00 12.03 ? 10  THR A CA  1 
ATOM   70   C  C   . THR A 1 10  ? 1.642   -15.143 -2.870  1.00 11.92 ? 10  THR A C   1 
ATOM   71   O  O   . THR A 1 10  ? 0.855   -14.766 -1.993  1.00 11.72 ? 10  THR A O   1 
ATOM   72   C  CB  . THR A 1 10  ? 3.379   -16.436 -1.669  1.00 11.75 ? 10  THR A CB  1 
ATOM   73   O  OG1 . THR A 1 10  ? 4.774   -16.517 -1.391  1.00 14.62 ? 10  THR A OG1 1 
ATOM   74   C  CG2 . THR A 1 10  ? 3.088   -17.746 -2.422  1.00 12.79 ? 10  THR A CG2 1 
ATOM   75   N  N   . VAL A 1 11  ? 1.254   -15.454 -4.097  1.00 10.66 ? 11  VAL A N   1 
ATOM   76   C  CA  . VAL A 1 11  ? -0.153  -15.412 -4.449  1.00 12.82 ? 11  VAL A CA  1 
ATOM   77   C  C   . VAL A 1 11  ? -0.874  -16.490 -3.649  1.00 13.72 ? 11  VAL A C   1 
ATOM   78   O  O   . VAL A 1 11  ? -0.444  -17.652 -3.644  1.00 12.89 ? 11  VAL A O   1 
ATOM   79   C  CB  . VAL A 1 11  ? -0.368  -15.600 -5.963  1.00 12.48 ? 11  VAL A CB  1 
ATOM   80   C  CG1 . VAL A 1 11  ? -1.866  -15.704 -6.277  1.00 13.20 ? 11  VAL A CG1 1 
ATOM   81   C  CG2 . VAL A 1 11  ? 0.245   -14.417 -6.717  1.00 13.37 ? 11  VAL A CG2 1 
ATOM   82   N  N   . CYS A 1 12  ? -1.905  -16.091 -2.903  1.00 13.01 ? 12  CYS A N   1 
ATOM   83   C  CA  . CYS A 1 12  ? -2.643  -17.062 -2.076  1.00 14.50 ? 12  CYS A CA  1 
ATOM   84   C  C   . CYS A 1 12  ? -4.052  -17.287 -2.621  1.00 15.06 ? 12  CYS A C   1 
ATOM   85   O  O   . CYS A 1 12  ? -4.799  -18.098 -2.105  1.00 14.23 ? 12  CYS A O   1 
ATOM   86   C  CB  . CYS A 1 12  ? -2.675  -16.624 -0.599  1.00 14.90 ? 12  CYS A CB  1 
ATOM   87   S  SG  . CYS A 1 12  ? -3.562  -15.030 -0.314  1.00 17.10 ? 12  CYS A SG  1 
ATOM   88   N  N   . ARG A 1 13  ? -4.419  -16.522 -3.640  1.00 15.46 ? 13  ARG A N   1 
ATOM   89   C  CA  . ARG A 1 13  ? -5.704  -16.720 -4.320  1.00 16.63 ? 13  ARG A CA  1 
ATOM   90   C  C   . ARG A 1 13  ? -5.532  -16.479 -5.801  1.00 16.25 ? 13  ARG A C   1 
ATOM   91   O  O   . ARG A 1 13  ? -5.087  -15.395 -6.207  1.00 16.75 ? 13  ARG A O   1 
ATOM   92   C  CB  . ARG A 1 13  ? -6.780  -15.790 -3.775  1.00 17.02 ? 13  ARG A CB  1 
ATOM   93   C  CG  . ARG A 1 13  ? -8.160  -16.148 -4.275  1.00 20.61 ? 13  ARG A CG  1 
ATOM   94   C  CD  . ARG A 1 13  ? -9.203  -15.063 -4.093  1.00 25.58 ? 13  ARG A CD  1 
ATOM   95   N  NE  . ARG A 1 13  ? -10.548 -15.602 -4.210  1.00 27.36 ? 13  ARG A NE  1 
ATOM   96   C  CZ  . ARG A 1 13  ? -10.818 -16.896 -4.258  1.00 30.82 ? 13  ARG A CZ  1 
ATOM   97   N  NH1 . ARG A 1 13  ? -9.827  -17.781 -4.214  1.00 33.85 ? 13  ARG A NH1 1 
ATOM   98   N  NH2 . ARG A 1 13  ? -12.076 -17.316 -4.363  1.00 32.20 ? 13  ARG A NH2 1 
ATOM   99   N  N   . ALA A 1 14  ? -5.863  -17.481 -6.602  1.00 16.34 ? 14  ALA A N   1 
ATOM   100  C  CA  . ALA A 1 14  ? -5.712  -17.416 -8.046  1.00 17.47 ? 14  ALA A CA  1 
ATOM   101  C  C   . ALA A 1 14  ? -6.547  -16.293 -8.685  1.00 17.32 ? 14  ALA A C   1 
ATOM   102  O  O   . ALA A 1 14  ? -7.574  -15.910 -8.168  1.00 17.42 ? 14  ALA A O   1 
ATOM   103  C  CB  . ALA A 1 14  ? -6.056  -18.767 -8.689  1.00 17.52 ? 14  ALA A CB  1 
ATOM   104  N  N   . PRO A 1 15  ? -6.063  -15.767 -9.797  1.00 17.28 ? 15  PRO A N   1 
ATOM   105  C  CA  . PRO A 1 15  ? -6.753  -14.697 -10.514 1.00 18.16 ? 15  PRO A CA  1 
ATOM   106  C  C   . PRO A 1 15  ? -8.189  -15.051 -10.899 1.00 19.01 ? 15  PRO A C   1 
ATOM   107  O  O   . PRO A 1 15  ? -8.466  -16.109 -11.461 1.00 18.56 ? 15  PRO A O   1 
ATOM   108  C  CB  . PRO A 1 15  ? -5.844  -14.448 -11.718 1.00 18.59 ? 15  PRO A CB  1 
ATOM   109  C  CG  . PRO A 1 15  ? -4.533  -15.042 -11.326 1.00 18.42 ? 15  PRO A CG  1 
ATOM   110  C  CD  . PRO A 1 15  ? -4.854  -16.309 -10.585 1.00 17.62 ? 15  PRO A CD  1 
ATOM   111  N  N   . LEU A 1 16  ? -9.131  -14.435 -10.347 1.00 19.24 ? 16  LEU A N   1 
ATOM   112  C  CA  . LEU A 1 16  ? -10.496 -14.294 -10.863 1.00 20.35 ? 16  LEU A CA  1 
ATOM   113  C  C   . LEU A 1 16  ? -10.533 -13.258 -11.992 1.00 21.01 ? 16  LEU A C   1 
ATOM   114  O  O   . LEU A 1 16  ? -10.134 -12.097 -11.796 1.00 20.76 ? 16  LEU A O   1 
ATOM   115  C  CB  . LEU A 1 16  ? -11.457 -13.909 -9.736  1.00 20.82 ? 16  LEU A CB  1 
ATOM   116  C  CG  . LEU A 1 16  ? -12.949 -13.958 -10.073 1.00 23.84 ? 16  LEU A CG  1 
ATOM   117  C  CD1 . LEU A 1 16  ? -13.415 -15.396 -10.248 1.00 24.59 ? 16  LEU A CD1 1 
ATOM   118  C  CD2 . LEU A 1 16  ? -13.766 -13.259 -8.997  1.00 25.70 ? 16  LEU A CD2 1 
ATOM   119  N  N   . ARG A 1 17  ? -11.042 -13.690 -13.155 1.00 20.51 ? 17  ARG A N   1 
ATOM   120  C  CA  . ARG A 1 17  ? -11.050 -12.808 -14.300 1.00 21.58 ? 17  ARG A CA  1 
ATOM   121  C  C   . ARG A 1 17  ? -12.415 -12.484 -14.879 1.00 22.01 ? 17  ARG A C   1 
ATOM   122  O  O   . ARG A 1 17  ? -13.327 -13.312 -14.877 1.00 21.58 ? 17  ARG A O   1 
ATOM   123  C  CB  . ARG A 1 17  ? -10.230 -13.408 -15.444 1.00 21.81 ? 17  ARG A CB  1 
ATOM   124  C  CG  . ARG A 1 17  ? -8.771  -13.655 -15.098 1.00 24.52 ? 17  ARG A CG  1 
ATOM   125  C  CD  . ARG A 1 17  ? -7.964  -14.017 -16.335 1.00 29.56 ? 17  ARG A CD  1 
ATOM   126  N  NE  . ARG A 1 17  ? -6.558  -14.257 -16.020 1.00 32.97 ? 17  ARG A NE  1 
ATOM   127  C  CZ  . ARG A 1 17  ? -6.096  -15.383 -15.487 1.00 34.96 ? 17  ARG A CZ  1 
ATOM   128  N  NH1 . ARG A 1 17  ? -6.928  -16.376 -15.207 1.00 36.42 ? 17  ARG A NH1 1 
ATOM   129  N  NH2 . ARG A 1 17  ? -4.800  -15.512 -15.235 1.00 38.80 ? 17  ARG A NH2 1 
ATOM   130  N  N   . LYS A 1 18  ? -12.553 -11.245 -15.356 1.00 21.93 ? 18  LYS A N   1 
ATOM   131  C  CA  . LYS A 1 18  ? -13.802 -10.818 -15.964 1.00 21.45 ? 18  LYS A CA  1 
ATOM   132  C  C   . LYS A 1 18  ? -13.583 -9.641  -16.891 1.00 20.46 ? 18  LYS A C   1 
ATOM   133  O  O   . LYS A 1 18  ? -12.525 -9.015  -16.881 1.00 19.41 ? 18  LYS A O   1 
ATOM   134  C  CB  . LYS A 1 18  ? -14.826 -10.468 -14.899 1.00 21.82 ? 18  LYS A CB  1 
ATOM   135  C  CG  . LYS A 1 18  ? -14.534 -9.175  -14.160 1.00 24.17 ? 18  LYS A CG  1 
ATOM   136  C  CD  . LYS A 1 18  ? -15.570 -8.907  -13.103 1.00 26.65 ? 18  LYS A CD  1 
ATOM   137  C  CE  . LYS A 1 18  ? -15.740 -7.395  -12.893 1.00 30.16 ? 18  LYS A CE  1 
ATOM   138  N  NZ  . LYS A 1 18  ? -16.441 -7.065  -11.609 1.00 32.89 ? 18  LYS A NZ  1 
ATOM   139  N  N   . VAL A 1 19  ? -14.580 -9.369  -17.725 1.00 19.39 ? 19  VAL A N   1 
ATOM   140  C  CA  . VAL A 1 19  ? -14.523 -8.264  -18.658 1.00 19.02 ? 19  VAL A CA  1 
ATOM   141  C  C   . VAL A 1 19  ? -15.770 -7.424  -18.496 1.00 18.79 ? 19  VAL A C   1 
ATOM   142  O  O   . VAL A 1 19  ? -16.862 -7.954  -18.323 1.00 18.53 ? 19  VAL A O   1 
ATOM   143  C  CB  . VAL A 1 19  ? -14.402 -8.757  -20.113 1.00 20.20 ? 19  VAL A CB  1 
ATOM   144  C  CG1 . VAL A 1 19  ? -14.430 -7.604  -21.089 1.00 19.01 ? 19  VAL A CG1 1 
ATOM   145  C  CG2 . VAL A 1 19  ? -13.094 -9.600  -20.294 1.00 20.61 ? 19  VAL A CG2 1 
ATOM   146  N  N   . SER A 1 20  ? -15.608 -6.102  -18.484 1.00 17.63 ? 20  SER A N   1 
ATOM   147  C  CA  . SER A 1 20  ? -16.751 -5.229  -18.346 1.00 17.26 ? 20  SER A CA  1 
ATOM   148  C  C   . SER A 1 20  ? -17.511 -5.178  -19.667 1.00 16.81 ? 20  SER A C   1 
ATOM   149  O  O   . SER A 1 20  ? -16.972 -5.549  -20.703 1.00 15.97 ? 20  SER A O   1 
ATOM   150  C  CB  . SER A 1 20  ? -16.283 -3.831  -17.956 1.00 17.94 ? 20  SER A CB  1 
ATOM   151  O  OG  . SER A 1 20  ? -15.816 -3.124  -19.101 1.00 18.55 ? 20  SER A OG  1 
ATOM   152  N  N   . PRO A 1 21  ? -18.753 -4.709  -19.633 1.00 16.87 ? 21  PRO A N   1 
ATOM   153  C  CA  . PRO A 1 21  ? -19.545 -4.560  -20.859 1.00 17.45 ? 21  PRO A CA  1 
ATOM   154  C  C   . PRO A 1 21  ? -18.793 -3.742  -21.918 1.00 17.50 ? 21  PRO A C   1 
ATOM   155  O  O   . PRO A 1 21  ? -18.810 -4.119  -23.095 1.00 17.42 ? 21  PRO A O   1 
ATOM   156  C  CB  . PRO A 1 21  ? -20.799 -3.813  -20.376 1.00 17.42 ? 21  PRO A CB  1 
ATOM   157  C  CG  . PRO A 1 21  ? -20.911 -4.220  -18.918 1.00 17.93 ? 21  PRO A CG  1 
ATOM   158  C  CD  . PRO A 1 21  ? -19.504 -4.314  -18.435 1.00 17.28 ? 21  PRO A CD  1 
ATOM   159  N  N   . SER A 1 22  ? -18.124 -2.664  -21.505 1.00 17.07 ? 22  SER A N   1 
ATOM   160  C  CA  . SER A 1 22  ? -17.386 -1.806  -22.452 1.00 18.60 ? 22  SER A CA  1 
ATOM   161  C  C   . SER A 1 22  ? -16.120 -2.485  -23.024 1.00 19.12 ? 22  SER A C   1 
ATOM   162  O  O   . SER A 1 22  ? -15.437 -1.909  -23.878 1.00 19.54 ? 22  SER A O   1 
ATOM   163  C  CB  . SER A 1 22  ? -17.006 -0.472  -21.814 1.00 18.00 ? 22  SER A CB  1 
ATOM   164  O  OG  . SER A 1 22  ? -16.174 -0.692  -20.690 1.00 21.00 ? 22  SER A OG  1 
ATOM   165  N  N   . GLY A 1 23  ? -15.816 -3.686  -22.546 1.00 17.72 ? 23  GLY A N   1 
ATOM   166  C  CA  . GLY A 1 23  ? -14.697 -4.445  -23.059 1.00 18.24 ? 23  GLY A CA  1 
ATOM   167  C  C   . GLY A 1 23  ? -13.390 -4.295  -22.291 1.00 18.28 ? 23  GLY A C   1 
ATOM   168  O  O   . GLY A 1 23  ? -12.314 -4.587  -22.826 1.00 18.44 ? 23  GLY A O   1 
ATOM   169  N  N   . ILE A 1 24  ? -13.466 -3.844  -21.037 1.00 17.29 ? 24  ILE A N   1 
ATOM   170  C  CA  . ILE A 1 24  ? -12.268 -3.686  -20.231 1.00 17.24 ? 24  ILE A CA  1 
ATOM   171  C  C   . ILE A 1 24  ? -12.042 -4.922  -19.357 1.00 16.84 ? 24  ILE A C   1 
ATOM   172  O  O   . ILE A 1 24  ? -12.850 -5.224  -18.499 1.00 16.18 ? 24  ILE A O   1 
ATOM   173  C  CB  . ILE A 1 24  ? -12.371 -2.439  -19.349 1.00 17.15 ? 24  ILE A CB  1 
ATOM   174  C  CG1 . ILE A 1 24  ? -12.735 -1.216  -20.200 1.00 18.45 ? 24  ILE A CG1 1 
ATOM   175  C  CG2 . ILE A 1 24  ? -11.020 -2.214  -18.618 1.00 17.73 ? 24  ILE A CG2 1 
ATOM   176  C  CD1 . ILE A 1 24  ? -13.067 0.012   -19.372 1.00 21.30 ? 24  ILE A CD1 1 
ATOM   177  N  N   . PRO A 1 25  ? -10.937 -5.619  -19.587 1.00 16.63 ? 25  PRO A N   1 
ATOM   178  C  CA  . PRO A 1 25  ? -10.603 -6.814  -18.800 1.00 17.23 ? 25  PRO A CA  1 
ATOM   179  C  C   . PRO A 1 25  ? -10.147 -6.443  -17.398 1.00 17.11 ? 25  PRO A C   1 
ATOM   180  O  O   . PRO A 1 25  ? -9.479  -5.411  -17.219 1.00 16.02 ? 25  PRO A O   1 
ATOM   181  C  CB  . PRO A 1 25  ? -9.435  -7.458  -19.575 1.00 17.31 ? 25  PRO A CB  1 
ATOM   182  C  CG  . PRO A 1 25  ? -8.840  -6.327  -20.390 1.00 18.64 ? 25  PRO A CG  1 
ATOM   183  C  CD  . PRO A 1 25  ? -9.924  -5.300  -20.619 1.00 16.83 ? 25  PRO A CD  1 
ATOM   184  N  N   . HIS A 1 26  ? -10.568 -7.236  -16.424 1.00 16.58 ? 26  HIS A N   1 
ATOM   185  C  CA  . HIS A 1 26  ? -10.165 -7.029  -15.026 1.00 18.11 ? 26  HIS A CA  1 
ATOM   186  C  C   . HIS A 1 26  ? -9.747  -8.378  -14.448 1.00 18.13 ? 26  HIS A C   1 
ATOM   187  O  O   . HIS A 1 26  ? -10.387 -9.404  -14.710 1.00 17.44 ? 26  HIS A O   1 
ATOM   188  C  CB  . HIS A 1 26  ? -11.326 -6.469  -14.186 1.00 18.83 ? 26  HIS A CB  1 
ATOM   189  C  CG  . HIS A 1 26  ? -11.718 -5.072  -14.545 1.00 20.31 ? 26  HIS A CG  1 
ATOM   190  N  ND1 . HIS A 1 26  ? -10.973 -3.975  -14.170 1.00 22.71 ? 26  HIS A ND1 1 
ATOM   191  C  CD2 . HIS A 1 26  ? -12.782 -4.588  -15.226 1.00 21.94 ? 26  HIS A CD2 1 
ATOM   192  C  CE1 . HIS A 1 26  ? -11.561 -2.874  -14.592 1.00 22.37 ? 26  HIS A CE1 1 
ATOM   193  N  NE2 . HIS A 1 26  ? -12.657 -3.219  -15.249 1.00 25.00 ? 26  HIS A NE2 1 
ATOM   194  N  N   . CYS A 1 27  ? -8.674  -8.370  -13.656 1.00 17.04 ? 27  CYS A N   1 
ATOM   195  C  CA  . CYS A 1 27  ? -8.189  -9.575  -13.042 1.00 18.65 ? 27  CYS A CA  1 
ATOM   196  C  C   . CYS A 1 27  ? -7.909  -9.272  -11.572 1.00 18.21 ? 27  CYS A C   1 
ATOM   197  O  O   . CYS A 1 27  ? -7.260  -8.243  -11.247 1.00 17.11 ? 27  CYS A O   1 
ATOM   198  C  CB  . CYS A 1 27  ? -6.953  -10.095 -13.798 1.00 18.15 ? 27  CYS A CB  1 
ATOM   199  S  SG  . CYS A 1 27  ? -5.973  -11.301 -12.902 1.00 25.29 ? 27  CYS A SG  1 
ATOM   200  N  N   . GLN A 1 28  ? -8.431  -10.113 -10.692 1.00 16.15 ? 28  GLN A N   1 
ATOM   201  C  CA  . GLN A 1 28  ? -8.290  -9.911  -9.268  1.00 15.94 ? 28  GLN A CA  1 
ATOM   202  C  C   . GLN A 1 28  ? -7.721  -11.150 -8.553  1.00 15.28 ? 28  GLN A C   1 
ATOM   203  O  O   . GLN A 1 28  ? -8.223  -12.264 -8.704  1.00 14.23 ? 28  GLN A O   1 
ATOM   204  C  CB  . GLN A 1 28  ? -9.635  -9.554  -8.642  1.00 16.67 ? 28  GLN A CB  1 
ATOM   205  C  CG  . GLN A 1 28  ? -10.266 -8.281  -9.207  1.00 19.93 ? 28  GLN A CG  1 
ATOM   206  C  CD  . GLN A 1 28  ? -11.599 -7.958  -8.560  1.00 25.55 ? 28  GLN A CD  1 
ATOM   207  O  OE1 . GLN A 1 28  ? -12.070 -8.687  -7.686  1.00 28.92 ? 28  GLN A OE1 1 
ATOM   208  N  NE2 . GLN A 1 28  ? -12.182 -6.869  -8.967  1.00 29.86 ? 28  GLN A NE2 1 
ATOM   209  N  N   . PHE A 1 29  ? -6.665  -10.938 -7.772  1.00 14.20 ? 29  PHE A N   1 
ATOM   210  C  CA  . PHE A 1 29  ? -6.096  -12.023 -6.986  1.00 12.95 ? 29  PHE A CA  1 
ATOM   211  C  C   . PHE A 1 29  ? -5.676  -11.478 -5.617  1.00 12.45 ? 29  PHE A C   1 
ATOM   212  O  O   . PHE A 1 29  ? -5.859  -10.306 -5.341  1.00 12.79 ? 29  PHE A O   1 
ATOM   213  C  CB  . PHE A 1 29  ? -4.925  -12.706 -7.732  1.00 13.06 ? 29  PHE A CB  1 
ATOM   214  C  CG  . PHE A 1 29  ? -3.769  -11.787 -8.042  1.00 12.71 ? 29  PHE A CG  1 
ATOM   215  C  CD1 . PHE A 1 29  ? -2.731  -11.629 -7.136  1.00 12.81 ? 29  PHE A CD1 1 
ATOM   216  C  CD2 . PHE A 1 29  ? -3.705  -11.114 -9.242  1.00 14.16 ? 29  PHE A CD2 1 
ATOM   217  C  CE1 . PHE A 1 29  ? -1.652  -10.794 -7.428  1.00 11.63 ? 29  PHE A CE1 1 
ATOM   218  C  CE2 . PHE A 1 29  ? -2.625  -10.258 -9.551  1.00 12.25 ? 29  PHE A CE2 1 
ATOM   219  C  CZ  . PHE A 1 29  ? -1.608  -10.104 -8.649  1.00 12.01 ? 29  PHE A CZ  1 
ATOM   220  N  N   . VAL A 1 30  ? -5.175  -12.335 -4.749  1.00 12.06 ? 30  VAL A N   1 
ATOM   221  C  CA  . VAL A 1 30  ? -4.739  -11.900 -3.429  1.00 11.48 ? 30  VAL A CA  1 
ATOM   222  C  C   . VAL A 1 30  ? -3.255  -12.243 -3.244  1.00 11.90 ? 30  VAL A C   1 
ATOM   223  O  O   . VAL A 1 30  ? -2.819  -13.350 -3.560  1.00 11.23 ? 30  VAL A O   1 
ATOM   224  C  CB  . VAL A 1 30  ? -5.576  -12.532 -2.308  1.00 11.73 ? 30  VAL A CB  1 
ATOM   225  C  CG1 . VAL A 1 30  ? -5.131  -12.003 -0.949  1.00 11.76 ? 30  VAL A CG1 1 
ATOM   226  C  CG2 . VAL A 1 30  ? -7.080  -12.224 -2.522  1.00 13.03 ? 30  VAL A CG2 1 
ATOM   227  N  N   . LEU A 1 31  ? -2.500  -11.286 -2.716  1.00 11.08 ? 31  LEU A N   1 
ATOM   228  C  CA  . LEU A 1 31  ? -1.074  -11.438 -2.511  1.00 11.33 ? 31  LEU A CA  1 
ATOM   229  C  C   . LEU A 1 31  ? -0.777  -11.518 -1.024  1.00 11.98 ? 31  LEU A C   1 
ATOM   230  O  O   . LEU A 1 31  ? -1.059  -10.575 -0.270  1.00 11.16 ? 31  LEU A O   1 
ATOM   231  C  CB  . LEU A 1 31  ? -0.325  -10.242 -3.120  1.00 11.74 ? 31  LEU A CB  1 
ATOM   232  C  CG  . LEU A 1 31  ? 1.217   -10.255 -3.140  1.00 12.39 ? 31  LEU A CG  1 
ATOM   233  C  CD1 . LEU A 1 31  ? 1.740   -11.452 -3.918  1.00 12.20 ? 31  LEU A CD1 1 
ATOM   234  C  CD2 . LEU A 1 31  ? 1.738   -8.955  -3.759  1.00 13.16 ? 31  LEU A CD2 1 
ATOM   235  N  N   . GLU A 1 32  ? -0.203  -12.640 -0.596  1.00 10.81 ? 32  GLU A N   1 
ATOM   236  C  CA  . GLU A 1 32  ? 0.160   -12.821 0.778   1.00 11.56 ? 32  GLU A CA  1 
ATOM   237  C  C   . GLU A 1 32  ? 1.602   -12.412 1.050   1.00 11.71 ? 32  GLU A C   1 
ATOM   238  O  O   . GLU A 1 32  ? 2.545   -13.056 0.587   1.00 10.83 ? 32  GLU A O   1 
ATOM   239  C  CB  . GLU A 1 32  ? -0.030  -14.278 1.184   1.00 12.31 ? 32  GLU A CB  1 
ATOM   240  C  CG  . GLU A 1 32  ? 0.280   -14.524 2.630   1.00 14.90 ? 32  GLU A CG  1 
ATOM   241  C  CD  . GLU A 1 32  ? -0.194  -15.901 3.072   1.00 19.33 ? 32  GLU A CD  1 
ATOM   242  O  OE1 . GLU A 1 32  ? 0.624   -16.841 3.069   1.00 21.95 ? 32  GLU A OE1 1 
ATOM   243  O  OE2 . GLU A 1 32  ? -1.390  -16.037 3.383   1.00 23.60 ? 32  GLU A OE2 1 
ATOM   244  N  N   . HIS A 1 33  ? 1.766   -11.354 1.828   1.00 11.11 ? 33  HIS A N   1 
ATOM   245  C  CA  . HIS A 1 33  ? 3.095   -10.874 2.161   1.00 12.41 ? 33  HIS A CA  1 
ATOM   246  C  C   . HIS A 1 33  ? 3.529   -11.287 3.560   1.00 13.02 ? 33  HIS A C   1 
ATOM   247  O  O   . HIS A 1 33  ? 2.756   -11.199 4.523   1.00 12.71 ? 33  HIS A O   1 
ATOM   248  C  CB  . HIS A 1 33  ? 3.186   -9.345  2.030   1.00 12.37 ? 33  HIS A CB  1 
ATOM   249  C  CG  . HIS A 1 33  ? 4.494   -8.782  2.517   1.00 11.60 ? 33  HIS A CG  1 
ATOM   250  N  ND1 . HIS A 1 33  ? 4.735   -8.497  3.849   1.00 11.27 ? 33  HIS A ND1 1 
ATOM   251  C  CD2 . HIS A 1 33  ? 5.642   -8.499  1.863   1.00 10.54 ? 33  HIS A CD2 1 
ATOM   252  C  CE1 . HIS A 1 33  ? 5.955   -8.019  3.988   1.00 10.09 ? 33  HIS A CE1 1 
ATOM   253  N  NE2 . HIS A 1 33  ? 6.540   -8.023  2.806   1.00 14.34 ? 33  HIS A NE2 1 
ATOM   254  N  N   . ARG A 1 34  ? 4.764   -11.791 3.655   1.00 13.65 ? 34  ARG A N   1 
ATOM   255  C  CA  . ARG A 1 34  ? 5.352   -12.076 4.952   1.00 16.67 ? 34  ARG A CA  1 
ATOM   256  C  C   . ARG A 1 34  ? 6.828   -11.726 4.901   1.00 17.79 ? 34  ARG A C   1 
ATOM   257  O  O   . ARG A 1 34  ? 7.532   -12.048 3.925   1.00 18.32 ? 34  ARG A O   1 
ATOM   258  C  CB  . ARG A 1 34  ? 5.084   -13.528 5.355   1.00 17.15 ? 34  ARG A CB  1 
ATOM   259  C  CG  . ARG A 1 34  ? 5.847   -14.551 4.529   1.00 20.74 ? 34  ARG A CG  1 
ATOM   260  C  CD  . ARG A 1 34  ? 5.357   -15.962 4.809   1.00 24.24 ? 34  ARG A CD  1 
ATOM   261  N  NE  . ARG A 1 34  ? 6.080   -16.958 4.024   1.00 27.15 ? 34  ARG A NE  1 
ATOM   262  C  CZ  . ARG A 1 34  ? 5.847   -18.266 4.079   1.00 28.66 ? 34  ARG A CZ  1 
ATOM   263  N  NH1 . ARG A 1 34  ? 4.907   -18.739 4.887   1.00 29.10 ? 34  ARG A NH1 1 
ATOM   264  N  NH2 . ARG A 1 34  ? 6.542   -19.097 3.313   1.00 31.84 ? 34  ARG A NH2 1 
ATOM   265  N  N   . SER A 1 35  ? 7.312   -11.031 5.921   1.00 16.65 ? 35  SER A N   1 
ATOM   266  C  CA  . SER A 1 35  ? 8.715   -10.668 5.948   1.00 16.69 ? 35  SER A CA  1 
ATOM   267  C  C   . SER A 1 35  ? 9.105   -10.156 7.308   1.00 16.28 ? 35  SER A C   1 
ATOM   268  O  O   . SER A 1 35  ? 8.246   -9.923  8.172   1.00 16.10 ? 35  SER A O   1 
ATOM   269  C  CB  . SER A 1 35  ? 8.996   -9.579  4.914   1.00 17.04 ? 35  SER A CB  1 
ATOM   270  O  OG  . SER A 1 35  ? 8.365   -8.338  5.278   1.00 17.67 ? 35  SER A OG  1 
ATOM   271  N  N   . VAL A 1 36  ? 10.397  -9.978  7.506   1.00 16.43 ? 36  VAL A N   1 
ATOM   272  C  CA  . VAL A 1 36  ? 10.868  -9.306  8.708   1.00 16.55 ? 36  VAL A CA  1 
ATOM   273  C  C   . VAL A 1 36  ? 11.320  -7.930  8.275   1.00 16.68 ? 36  VAL A C   1 
ATOM   274  O  O   . VAL A 1 36  ? 12.036  -7.792  7.288   1.00 17.46 ? 36  VAL A O   1 
ATOM   275  C  CB  . VAL A 1 36  ? 12.010  -10.069 9.403   1.00 17.61 ? 36  VAL A CB  1 
ATOM   276  C  CG1 . VAL A 1 36  ? 13.265  -10.070 8.515   1.00 20.33 ? 36  VAL A CG1 1 
ATOM   277  C  CG2 . VAL A 1 36  ? 12.324  -9.437  10.721  1.00 17.38 ? 36  VAL A CG2 1 
ATOM   278  N  N   . GLN A 1 37  ? 10.841  -6.905  8.963   1.00 14.48 ? 37  GLN A N   1 
ATOM   279  C  CA  . GLN A 1 37  ? 11.188  -5.544  8.646   1.00 15.31 ? 37  GLN A CA  1 
ATOM   280  C  C   . GLN A 1 37  ? 11.911  -4.935  9.839   1.00 16.37 ? 37  GLN A C   1 
ATOM   281  O  O   . GLN A 1 37  ? 11.755  -5.408  10.966  1.00 15.33 ? 37  GLN A O   1 
ATOM   282  C  CB  . GLN A 1 37  ? 9.918   -4.727  8.373   1.00 14.56 ? 37  GLN A CB  1 
ATOM   283  C  CG  . GLN A 1 37  ? 9.145   -5.211  7.135   1.00 15.33 ? 37  GLN A CG  1 
ATOM   284  C  CD  . GLN A 1 37  ? 9.878   -4.876  5.851   1.00 15.84 ? 37  GLN A CD  1 
ATOM   285  O  OE1 . GLN A 1 37  ? 10.554  -3.844  5.776   1.00 16.19 ? 37  GLN A OE1 1 
ATOM   286  N  NE2 . GLN A 1 37  ? 9.800   -5.778  4.868   1.00 15.01 ? 37  GLN A NE2 1 
ATOM   287  N  N   . GLU A 1 38  ? 12.679  -3.889  9.586   1.00 16.26 ? 38  GLU A N   1 
ATOM   288  C  CA  . GLU A 1 38  ? 13.329  -3.177  10.662  1.00 18.48 ? 38  GLU A CA  1 
ATOM   289  C  C   . GLU A 1 38  ? 12.520  -1.936  11.013  1.00 18.41 ? 38  GLU A C   1 
ATOM   290  O  O   . GLU A 1 38  ? 12.044  -1.241  10.131  1.00 19.41 ? 38  GLU A O   1 
ATOM   291  C  CB  . GLU A 1 38  ? 14.757  -2.776  10.282  1.00 18.86 ? 38  GLU A CB  1 
ATOM   292  C  CG  . GLU A 1 38  ? 15.529  -2.136  11.430  1.00 21.31 ? 38  GLU A CG  1 
ATOM   293  C  CD  . GLU A 1 38  ? 16.693  -1.287  10.957  1.00 24.58 ? 38  GLU A CD  1 
ATOM   294  O  OE1 . GLU A 1 38  ? 17.269  -1.596  9.888   1.00 26.16 ? 38  GLU A OE1 1 
ATOM   295  O  OE2 . GLU A 1 38  ? 17.028  -0.297  11.658  1.00 25.80 ? 38  GLU A OE2 1 
ATOM   296  N  N   . GLU A 1 39  ? 12.341  -1.698  12.303  1.00 17.90 ? 39  GLU A N   1 
ATOM   297  C  CA  . GLU A 1 39  ? 11.645  -0.524  12.782  1.00 18.88 ? 39  GLU A CA  1 
ATOM   298  C  C   . GLU A 1 39  ? 12.321  -0.039  14.057  1.00 18.65 ? 39  GLU A C   1 
ATOM   299  O  O   . GLU A 1 39  ? 12.430  -0.777  15.053  1.00 17.65 ? 39  GLU A O   1 
ATOM   300  C  CB  . GLU A 1 39  ? 10.187  -0.851  13.050  1.00 18.95 ? 39  GLU A CB  1 
ATOM   301  C  CG  . GLU A 1 39  ? 9.354   0.335   13.475  1.00 21.91 ? 39  GLU A CG  1 
ATOM   302  C  CD  . GLU A 1 39  ? 7.978   -0.063  13.981  1.00 25.27 ? 39  GLU A CD  1 
ATOM   303  O  OE1 . GLU A 1 39  ? 7.686   -1.284  13.998  1.00 25.78 ? 39  GLU A OE1 1 
ATOM   304  O  OE2 . GLU A 1 39  ? 7.191   0.845   14.368  1.00 26.90 ? 39  GLU A OE2 1 
ATOM   305  N  N   . ALA A 1 40  ? 12.810  1.191   14.030  1.00 18.44 ? 40  ALA A N   1 
ATOM   306  C  CA  . ALA A 1 40  ? 13.466  1.757   15.215  1.00 17.67 ? 40  ALA A CA  1 
ATOM   307  C  C   . ALA A 1 40  ? 14.543  0.822   15.793  1.00 17.57 ? 40  ALA A C   1 
ATOM   308  O  O   . ALA A 1 40  ? 14.702  0.734   17.002  1.00 17.06 ? 40  ALA A O   1 
ATOM   309  C  CB  . ALA A 1 40  ? 12.432  2.091   16.278  1.00 18.38 ? 40  ALA A CB  1 
ATOM   310  N  N   . GLY A 1 41  ? 15.254  0.115   14.918  1.00 16.47 ? 41  GLY A N   1 
ATOM   311  C  CA  . GLY A 1 41  ? 16.333  -0.747  15.346  1.00 17.98 ? 41  GLY A CA  1 
ATOM   312  C  C   . GLY A 1 41  ? 15.987  -2.176  15.751  1.00 17.89 ? 41  GLY A C   1 
ATOM   313  O  O   . GLY A 1 41  ? 16.899  -2.966  16.022  1.00 18.71 ? 41  GLY A O   1 
ATOM   314  N  N   . PHE A 1 42  ? 14.706  -2.505  15.823  1.00 16.73 ? 42  PHE A N   1 
ATOM   315  C  CA  . PHE A 1 42  ? 14.282  -3.865  16.198  1.00 16.77 ? 42  PHE A CA  1 
ATOM   316  C  C   . PHE A 1 42  ? 13.653  -4.543  14.981  1.00 16.86 ? 42  PHE A C   1 
ATOM   317  O  O   . PHE A 1 42  ? 13.092  -3.867  14.129  1.00 15.74 ? 42  PHE A O   1 
ATOM   318  C  CB  . PHE A 1 42  ? 13.279  -3.855  17.362  1.00 17.11 ? 42  PHE A CB  1 
ATOM   319  C  CG  . PHE A 1 42  ? 12.114  -2.937  17.158  1.00 19.22 ? 42  PHE A CG  1 
ATOM   320  C  CD1 . PHE A 1 42  ? 10.984  -3.366  16.487  1.00 22.94 ? 42  PHE A CD1 1 
ATOM   321  C  CD2 . PHE A 1 42  ? 12.134  -1.650  17.671  1.00 21.89 ? 42  PHE A CD2 1 
ATOM   322  C  CE1 . PHE A 1 42  ? 9.897   -2.507  16.298  1.00 23.88 ? 42  PHE A CE1 1 
ATOM   323  C  CE2 . PHE A 1 42  ? 11.046  -0.797  17.478  1.00 23.94 ? 42  PHE A CE2 1 
ATOM   324  C  CZ  . PHE A 1 42  ? 9.944   -1.235  16.798  1.00 23.82 ? 42  PHE A CZ  1 
ATOM   325  N  N   . HIS A 1 43  ? 13.786  -5.865  14.912  1.00 15.26 ? 43  HIS A N   1 
ATOM   326  C  CA  . HIS A 1 43  ? 13.193  -6.655  13.828  1.00 16.85 ? 43  HIS A CA  1 
ATOM   327  C  C   . HIS A 1 43  ? 11.786  -7.083  14.219  1.00 17.60 ? 43  HIS A C   1 
ATOM   328  O  O   . HIS A 1 43  ? 11.555  -7.592  15.320  1.00 17.90 ? 43  HIS A O   1 
ATOM   329  C  CB  . HIS A 1 43  ? 14.051  -7.885  13.511  1.00 16.68 ? 43  HIS A CB  1 
ATOM   330  C  CG  . HIS A 1 43  ? 15.341  -7.555  12.844  1.00 17.12 ? 43  HIS A CG  1 
ATOM   331  N  ND1 . HIS A 1 43  ? 15.592  -6.320  12.296  1.00 19.09 ? 43  HIS A ND1 1 
ATOM   332  C  CD2 . HIS A 1 43  ? 16.461  -8.290  12.644  1.00 18.41 ? 43  HIS A CD2 1 
ATOM   333  C  CE1 . HIS A 1 43  ? 16.821  -6.298  11.806  1.00 20.57 ? 43  HIS A CE1 1 
ATOM   334  N  NE2 . HIS A 1 43  ? 17.367  -7.486  11.998  1.00 19.88 ? 43  HIS A NE2 1 
ATOM   335  N  N   . ARG A 1 44  ? 10.856  -6.902  13.300  1.00 17.42 ? 44  ARG A N   1 
ATOM   336  C  CA  . ARG A 1 44  ? 9.465   -7.206  13.540  1.00 17.91 ? 44  ARG A CA  1 
ATOM   337  C  C   . ARG A 1 44  ? 8.884   -7.901  12.306  1.00 17.22 ? 44  ARG A C   1 
ATOM   338  O  O   . ARG A 1 44  ? 9.272   -7.591  11.175  1.00 16.86 ? 44  ARG A O   1 
ATOM   339  C  CB  . ARG A 1 44  ? 8.709   -5.901  13.818  1.00 18.05 ? 44  ARG A CB  1 
ATOM   340  C  CG  . ARG A 1 44  ? 7.302   -5.843  13.255  1.00 22.11 ? 44  ARG A CG  1 
ATOM   341  C  CD  . ARG A 1 44  ? 6.624   -4.531  13.466  1.00 25.85 ? 44  ARG A CD  1 
ATOM   342  N  NE  . ARG A 1 44  ? 5.233   -4.532  13.033  1.00 29.80 ? 44  ARG A NE  1 
ATOM   343  C  CZ  . ARG A 1 44  ? 4.272   -5.244  13.603  1.00 31.95 ? 44  ARG A CZ  1 
ATOM   344  N  NH1 . ARG A 1 44  ? 4.548   -6.045  14.617  1.00 33.90 ? 44  ARG A NH1 1 
ATOM   345  N  NH2 . ARG A 1 44  ? 3.027   -5.162  13.146  1.00 36.31 ? 44  ARG A NH2 1 
ATOM   346  N  N   . GLN A 1 45  ? 7.975   -8.829  12.536  1.00 16.67 ? 45  GLN A N   1 
ATOM   347  C  CA  . GLN A 1 45  ? 7.313   -9.554  11.454  1.00 16.64 ? 45  GLN A CA  1 
ATOM   348  C  C   . GLN A 1 45  ? 6.225   -8.659  10.850  1.00 16.27 ? 45  GLN A C   1 
ATOM   349  O  O   . GLN A 1 45  ? 5.477   -7.998  11.568  1.00 14.69 ? 45  GLN A O   1 
ATOM   350  C  CB  . GLN A 1 45  ? 6.674   -10.849 11.995  1.00 18.43 ? 45  GLN A CB  1 
ATOM   351  C  CG  . GLN A 1 45  ? 5.910   -11.663 10.934  1.00 21.09 ? 45  GLN A CG  1 
ATOM   352  C  CD  . GLN A 1 45  ? 5.205   -12.880 11.530  1.00 22.62 ? 45  GLN A CD  1 
ATOM   353  O  OE1 . GLN A 1 45  ? 5.164   -13.042 12.742  1.00 24.98 ? 45  GLN A OE1 1 
ATOM   354  N  NE2 . GLN A 1 45  ? 4.675   -13.739 10.681  1.00 24.28 ? 45  GLN A NE2 1 
ATOM   355  N  N   . ALA A 1 46  ? 6.201   -8.584  9.530   1.00 15.18 ? 46  ALA A N   1 
ATOM   356  C  CA  . ALA A 1 46  ? 5.146   -7.856  8.836   1.00 15.15 ? 46  ALA A CA  1 
ATOM   357  C  C   . ALA A 1 46  ? 4.369   -8.891  8.011   1.00 14.73 ? 46  ALA A C   1 
ATOM   358  O  O   . ALA A 1 46  ? 4.964   -9.751  7.376   1.00 15.02 ? 46  ALA A O   1 
ATOM   359  C  CB  . ALA A 1 46  ? 5.731   -6.791  7.933   1.00 14.36 ? 46  ALA A CB  1 
ATOM   360  N  N   . TRP A 1 47  ? 3.055   -8.805  8.065   1.00 14.13 ? 47  TRP A N   1 
ATOM   361  C  CA  . TRP A 1 47  ? 2.188   -9.734  7.356   1.00 15.12 ? 47  TRP A CA  1 
ATOM   362  C  C   . TRP A 1 47  ? 0.972   -9.006  6.835   1.00 14.69 ? 47  TRP A C   1 
ATOM   363  O  O   . TRP A 1 47  ? 0.408   -8.161  7.523   1.00 13.66 ? 47  TRP A O   1 
ATOM   364  C  CB  . TRP A 1 47  ? 1.756   -10.889 8.268   1.00 15.03 ? 47  TRP A CB  1 
ATOM   365  C  CG  . TRP A 1 47  ? 0.678   -11.764 7.656   1.00 17.01 ? 47  TRP A CG  1 
ATOM   366  C  CD1 . TRP A 1 47  ? 0.868   -12.847 6.842   1.00 18.36 ? 47  TRP A CD1 1 
ATOM   367  C  CD2 . TRP A 1 47  ? -0.743  -11.635 7.828   1.00 17.60 ? 47  TRP A CD2 1 
ATOM   368  N  NE1 . TRP A 1 47  ? -0.347  -13.394 6.487   1.00 20.01 ? 47  TRP A NE1 1 
ATOM   369  C  CE2 . TRP A 1 47  ? -1.352  -12.660 7.073   1.00 20.13 ? 47  TRP A CE2 1 
ATOM   370  C  CE3 . TRP A 1 47  ? -1.561  -10.749 8.529   1.00 18.20 ? 47  TRP A CE3 1 
ATOM   371  C  CZ2 . TRP A 1 47  ? -2.723  -12.831 7.020   1.00 19.17 ? 47  TRP A CZ2 1 
ATOM   372  C  CZ3 . TRP A 1 47  ? -2.920  -10.909 8.470   1.00 20.29 ? 47  TRP A CZ3 1 
ATOM   373  C  CH2 . TRP A 1 47  ? -3.495  -11.953 7.725   1.00 20.06 ? 47  TRP A CH2 1 
ATOM   374  N  N   . CYS A 1 48  ? 0.597   -9.324  5.598   1.00 14.21 ? 48  CYS A N   1 
ATOM   375  C  CA  . CYS A 1 48  ? -0.600  -8.771  5.003   1.00 15.88 ? 48  CYS A CA  1 
ATOM   376  C  C   . CYS A 1 48  ? -1.118  -9.661  3.877   1.00 15.11 ? 48  CYS A C   1 
ATOM   377  O  O   . CYS A 1 48  ? -0.331  -10.262 3.147   1.00 15.84 ? 48  CYS A O   1 
ATOM   378  C  CB  . CYS A 1 48  ? -0.296  -7.376  4.432   1.00 17.32 ? 48  CYS A CB  1 
ATOM   379  S  SG  . CYS A 1 48  ? -1.775  -6.366  4.266   1.00 26.56 ? 48  CYS A SG  1 
ATOM   380  N  N   . GLN A 1 49  ? -2.434  -9.751  3.758   1.00 13.55 ? 49  GLN A N   1 
ATOM   381  C  CA  . GLN A 1 49  ? -3.072  -10.422 2.644   1.00 13.36 ? 49  GLN A CA  1 
ATOM   382  C  C   . GLN A 1 49  ? -3.694  -9.290  1.828   1.00 12.58 ? 49  GLN A C   1 
ATOM   383  O  O   . GLN A 1 49  ? -4.682  -8.695  2.261   1.00 12.90 ? 49  GLN A O   1 
ATOM   384  C  CB  . GLN A 1 49  ? -4.179  -11.366 3.133   1.00 14.11 ? 49  GLN A CB  1 
ATOM   385  C  CG  . GLN A 1 49  ? -3.658  -12.604 3.848   1.00 16.51 ? 49  GLN A CG  1 
ATOM   386  C  CD  . GLN A 1 49  ? -4.790  -13.523 4.323   1.00 18.98 ? 49  GLN A CD  1 
ATOM   387  O  OE1 . GLN A 1 49  ? -5.820  -13.050 4.789   1.00 23.10 ? 49  GLN A OE1 1 
ATOM   388  N  NE2 . GLN A 1 49  ? -4.577  -14.814 4.228   1.00 21.05 ? 49  GLN A NE2 1 
HETATM 389  N  N   . MSE A 1 50  ? -3.067  -8.954  0.716   1.00 10.14 ? 50  MSE A N   1 
HETATM 390  C  CA  . MSE A 1 50  ? -3.449  -7.786  -0.062  1.00 9.65  ? 50  MSE A CA  1 
HETATM 391  C  C   . MSE A 1 50  ? -4.137  -8.160  -1.370  1.00 9.08  ? 50  MSE A C   1 
HETATM 392  O  O   . MSE A 1 50  ? -3.539  -8.793  -2.221  1.00 8.35  ? 50  MSE A O   1 
HETATM 393  C  CB  . MSE A 1 50  ? -2.215  -6.935  -0.376  1.00 9.46  ? 50  MSE A CB  1 
HETATM 394  C  CG  . MSE A 1 50  ? -2.466  -5.746  -1.321  1.00 9.62  ? 50  MSE A CG  1 
HETATM 395  SE SE  . MSE A 1 50  ? -3.439  -4.303  -0.387  1.00 7.84  ? 50  MSE A SE  1 
HETATM 396  C  CE  . MSE A 1 50  ? -2.079  -3.908  0.860   1.00 11.01 ? 50  MSE A CE  1 
ATOM   397  N  N   . PRO A 1 51  ? -5.386  -7.718  -1.527  1.00 9.38  ? 51  PRO A N   1 
ATOM   398  C  CA  . PRO A 1 51  ? -6.115  -7.906  -2.780  1.00 9.38  ? 51  PRO A CA  1 
ATOM   399  C  C   . PRO A 1 51  ? -5.435  -7.057  -3.844  1.00 9.36  ? 51  PRO A C   1 
ATOM   400  O  O   . PRO A 1 51  ? -5.015  -5.918  -3.563  1.00 8.85  ? 51  PRO A O   1 
ATOM   401  C  CB  . PRO A 1 51  ? -7.516  -7.333  -2.482  1.00 10.31 ? 51  PRO A CB  1 
ATOM   402  C  CG  . PRO A 1 51  ? -7.585  -7.212  -0.976  1.00 10.34 ? 51  PRO A CG  1 
ATOM   403  C  CD  . PRO A 1 51  ? -6.179  -7.023  -0.505  1.00 9.25  ? 51  PRO A CD  1 
ATOM   404  N  N   . VAL A 1 52  ? -5.273  -7.601  -5.020  1.00 8.85  ? 52  VAL A N   1 
ATOM   405  C  CA  . VAL A 1 52  ? -4.648  -6.897  -6.098  1.00 10.08 ? 52  VAL A CA  1 
ATOM   406  C  C   . VAL A 1 52  ? -5.598  -6.918  -7.307  1.00 10.63 ? 52  VAL A C   1 
ATOM   407  O  O   . VAL A 1 52  ? -6.212  -7.948  -7.599  1.00 10.21 ? 52  VAL A O   1 
ATOM   408  C  CB  . VAL A 1 52  ? -3.297  -7.556  -6.496  1.00 10.08 ? 52  VAL A CB  1 
ATOM   409  C  CG1 . VAL A 1 52  ? -2.634  -6.767  -7.638  1.00 9.02  ? 52  VAL A CG1 1 
ATOM   410  C  CG2 . VAL A 1 52  ? -2.362  -7.604  -5.275  1.00 11.05 ? 52  VAL A CG2 1 
ATOM   411  N  N   . ILE A 1 53  ? -5.721  -5.790  -7.984  1.00 10.32 ? 53  ILE A N   1 
ATOM   412  C  CA  . ILE A 1 53  ? -6.482  -5.740  -9.217  1.00 11.16 ? 53  ILE A CA  1 
ATOM   413  C  C   . ILE A 1 53  ? -5.620  -5.258  -10.365 1.00 11.54 ? 53  ILE A C   1 
ATOM   414  O  O   . ILE A 1 53  ? -4.837  -4.297  -10.222 1.00 11.60 ? 53  ILE A O   1 
ATOM   415  C  CB  . ILE A 1 53  ? -7.777  -4.864  -9.063  1.00 12.00 ? 53  ILE A CB  1 
ATOM   416  C  CG1 . ILE A 1 53  ? -8.556  -4.849  -10.393 1.00 13.00 ? 53  ILE A CG1 1 
ATOM   417  C  CG2 . ILE A 1 53  ? -7.437  -3.472  -8.659  1.00 14.60 ? 53  ILE A CG2 1 
ATOM   418  C  CD1 . ILE A 1 53  ? -10.041 -4.507  -10.215 1.00 18.37 ? 53  ILE A CD1 1 
ATOM   419  N  N   . VAL A 1 54  ? -5.702  -5.951  -11.476 1.00 10.92 ? 54  VAL A N   1 
ATOM   420  C  CA  . VAL A 1 54  ? -4.992  -5.594  -12.670 1.00 13.25 ? 54  VAL A CA  1 
ATOM   421  C  C   . VAL A 1 54  ? -6.068  -5.254  -13.704 1.00 14.64 ? 54  VAL A C   1 
ATOM   422  O  O   . VAL A 1 54  ? -6.833  -6.106  -14.112 1.00 14.30 ? 54  VAL A O   1 
ATOM   423  C  CB  . VAL A 1 54  ? -4.117  -6.777  -13.192 1.00 13.11 ? 54  VAL A CB  1 
ATOM   424  C  CG1 . VAL A 1 54  ? -3.272  -6.330  -14.352 1.00 13.85 ? 54  VAL A CG1 1 
ATOM   425  C  CG2 . VAL A 1 54  ? -3.225  -7.301  -12.072 1.00 13.70 ? 54  VAL A CG2 1 
ATOM   426  N  N   . SER A 1 55  ? -6.142  -3.987  -14.087 1.00 15.63 ? 55  SER A N   1 
ATOM   427  C  CA  . SER A 1 55  ? -7.169  -3.532  -15.004 1.00 17.08 ? 55  SER A CA  1 
ATOM   428  C  C   . SER A 1 55  ? -6.560  -3.019  -16.313 1.00 18.51 ? 55  SER A C   1 
ATOM   429  O  O   . SER A 1 55  ? -5.448  -2.509  -16.334 1.00 18.53 ? 55  SER A O   1 
ATOM   430  C  CB  . SER A 1 55  ? -7.995  -2.421  -14.349 1.00 17.29 ? 55  SER A CB  1 
ATOM   431  O  OG  . SER A 1 55  ? -8.776  -2.953  -13.295 1.00 19.48 ? 55  SER A OG  1 
ATOM   432  N  N   . GLY A 1 56  ? -7.315  -3.145  -17.400 1.00 19.40 ? 56  GLY A N   1 
ATOM   433  C  CA  . GLY A 1 56  ? -6.833  -2.703  -18.696 1.00 20.70 ? 56  GLY A CA  1 
ATOM   434  C  C   . GLY A 1 56  ? -6.177  -3.832  -19.447 1.00 21.76 ? 56  GLY A C   1 
ATOM   435  O  O   . GLY A 1 56  ? -5.838  -4.869  -18.854 1.00 22.16 ? 56  GLY A O   1 
ATOM   436  N  N   . HIS A 1 57  ? -5.981  -3.640  -20.739 1.00 22.59 ? 57  HIS A N   1 
ATOM   437  C  CA  . HIS A 1 57  ? -5.451  -4.692  -21.607 1.00 24.57 ? 57  HIS A CA  1 
ATOM   438  C  C   . HIS A 1 57  ? -3.977  -4.980  -21.391 1.00 25.21 ? 57  HIS A C   1 
ATOM   439  O  O   . HIS A 1 57  ? -3.542  -6.130  -21.472 1.00 25.36 ? 57  HIS A O   1 
ATOM   440  C  CB  . HIS A 1 57  ? -5.664  -4.310  -23.085 1.00 24.41 ? 57  HIS A CB  1 
ATOM   441  C  CG  . HIS A 1 57  ? -7.069  -3.933  -23.418 1.00 24.95 ? 57  HIS A CG  1 
ATOM   442  N  ND1 . HIS A 1 57  ? -8.028  -4.864  -23.764 1.00 27.87 ? 57  HIS A ND1 1 
ATOM   443  C  CD2 . HIS A 1 57  ? -7.672  -2.725  -23.496 1.00 26.63 ? 57  HIS A CD2 1 
ATOM   444  C  CE1 . HIS A 1 57  ? -9.165  -4.244  -24.035 1.00 27.04 ? 57  HIS A CE1 1 
ATOM   445  N  NE2 . HIS A 1 57  ? -8.978  -2.945  -23.877 1.00 28.42 ? 57  HIS A NE2 1 
ATOM   446  N  N   . GLU A 1 58  ? -3.227  -3.942  -21.067 1.00 26.28 ? 58  GLU A N   1 
ATOM   447  C  CA  . GLU A 1 58  ? -1.754  -3.976  -21.137 1.00 27.13 ? 58  GLU A CA  1 
ATOM   448  C  C   . GLU A 1 58  ? -1.037  -4.904  -20.177 1.00 27.29 ? 58  GLU A C   1 
ATOM   449  O  O   . GLU A 1 58  ? 0.096   -5.319  -20.450 1.00 28.15 ? 58  GLU A O   1 
ATOM   450  C  CB  . GLU A 1 58  ? -1.179  -2.589  -20.887 1.00 27.47 ? 58  GLU A CB  1 
ATOM   451  C  CG  . GLU A 1 58  ? -1.648  -1.532  -21.870 1.00 28.60 ? 58  GLU A CG  1 
ATOM   452  C  CD  . GLU A 1 58  ? -2.911  -0.823  -21.410 1.00 32.10 ? 58  GLU A CD  1 
ATOM   453  O  OE1 . GLU A 1 58  ? -3.424  -1.156  -20.311 1.00 34.68 ? 58  GLU A OE1 1 
ATOM   454  O  OE2 . GLU A 1 58  ? -3.391  0.068   -22.135 1.00 33.46 ? 58  GLU A OE2 1 
ATOM   455  N  N   . ASN A 1 59  ? -1.661  -5.221  -19.049 1.00 26.26 ? 59  ASN A N   1 
ATOM   456  C  CA  . ASN A 1 59  ? -1.005  -6.073  -18.076 1.00 26.01 ? 59  ASN A CA  1 
ATOM   457  C  C   . ASN A 1 59  ? -1.683  -7.420  -17.879 1.00 24.16 ? 59  ASN A C   1 
ATOM   458  O  O   . ASN A 1 59  ? -1.321  -8.157  -16.960 1.00 24.05 ? 59  ASN A O   1 
ATOM   459  C  CB  . ASN A 1 59  ? -0.900  -5.360  -16.722 1.00 26.56 ? 59  ASN A CB  1 
ATOM   460  C  CG  . ASN A 1 59  ? 0.028   -4.165  -16.768 1.00 28.52 ? 59  ASN A CG  1 
ATOM   461  O  OD1 . ASN A 1 59  ? 1.011   -4.155  -17.514 1.00 31.35 ? 59  ASN A OD1 1 
ATOM   462  N  ND2 . ASN A 1 59  ? -0.282  -3.145  -15.986 1.00 29.50 ? 59  ASN A ND2 1 
ATOM   463  N  N   . GLN A 1 60  ? -2.645  -7.735  -18.737 1.00 21.94 ? 60  GLN A N   1 
ATOM   464  C  CA  . GLN A 1 60  ? -3.391  -8.994  -18.613 1.00 21.56 ? 60  GLN A CA  1 
ATOM   465  C  C   . GLN A 1 60  ? -2.530  -10.204 -18.929 1.00 20.55 ? 60  GLN A C   1 
ATOM   466  O  O   . GLN A 1 60  ? -2.634  -11.235 -18.255 1.00 20.18 ? 60  GLN A O   1 
ATOM   467  C  CB  . GLN A 1 60  ? -4.640  -8.980  -19.515 1.00 21.99 ? 60  GLN A CB  1 
ATOM   468  C  CG  . GLN A 1 60  ? -5.625  -7.872  -19.178 1.00 20.76 ? 60  GLN A CG  1 
ATOM   469  C  CD  . GLN A 1 60  ? -5.998  -7.816  -17.699 1.00 20.07 ? 60  GLN A CD  1 
ATOM   470  O  OE1 . GLN A 1 60  ? -6.165  -8.840  -17.056 1.00 21.87 ? 60  GLN A OE1 1 
ATOM   471  N  NE2 . GLN A 1 60  ? -6.135  -6.626  -17.168 1.00 20.15 ? 60  GLN A NE2 1 
ATOM   472  N  N   . ALA A 1 61  ? -1.685  -10.075 -19.947 1.00 19.87 ? 61  ALA A N   1 
ATOM   473  C  CA  . ALA A 1 61  ? -0.837  -11.194 -20.399 1.00 19.38 ? 61  ALA A CA  1 
ATOM   474  C  C   . ALA A 1 61  ? -0.088  -11.912 -19.262 1.00 18.82 ? 61  ALA A C   1 
ATOM   475  O  O   . ALA A 1 61  ? -0.251  -13.144 -19.087 1.00 18.14 ? 61  ALA A O   1 
ATOM   476  C  CB  . ALA A 1 61  ? 0.140   -10.727 -21.484 1.00 19.42 ? 61  ALA A CB  1 
ATOM   477  N  N   . ILE A 1 62  ? 0.755   -11.172 -18.536 1.00 17.73 ? 62  ILE A N   1 
ATOM   478  C  CA  . ILE A 1 62  ? 1.584   -11.760 -17.475 1.00 17.97 ? 62  ILE A CA  1 
ATOM   479  C  C   . ILE A 1 62  ? 0.739   -12.488 -16.418 1.00 17.79 ? 62  ILE A C   1 
ATOM   480  O  O   . ILE A 1 62  ? 1.143   -13.500 -15.863 1.00 18.58 ? 62  ILE A O   1 
ATOM   481  C  CB  . ILE A 1 62  ? 2.457   -10.686 -16.804 1.00 18.75 ? 62  ILE A CB  1 
ATOM   482  C  CG1 . ILE A 1 62  ? 3.491   -11.348 -15.878 1.00 18.64 ? 62  ILE A CG1 1 
ATOM   483  C  CG2 . ILE A 1 62  ? 1.591   -9.678  -16.003 1.00 17.34 ? 62  ILE A CG2 1 
ATOM   484  C  CD1 . ILE A 1 62  ? 4.502   -10.366 -15.292 1.00 22.79 ? 62  ILE A CD1 1 
ATOM   485  N  N   . THR A 1 63  ? -0.454  -11.981 -16.202 1.00 17.26 ? 63  THR A N   1 
ATOM   486  C  CA  . THR A 1 63  ? -1.384  -12.511 -15.230 1.00 17.88 ? 63  THR A CA  1 
ATOM   487  C  C   . THR A 1 63  ? -1.654  -14.002 -15.400 1.00 17.39 ? 63  THR A C   1 
ATOM   488  O  O   . THR A 1 63  ? -1.936  -14.684 -14.427 1.00 17.56 ? 63  THR A O   1 
ATOM   489  C  CB  . THR A 1 63  ? -2.714  -11.712 -15.314 1.00 18.46 ? 63  THR A CB  1 
ATOM   490  O  OG1 . THR A 1 63  ? -2.514  -10.391 -14.755 1.00 20.03 ? 63  THR A OG1 1 
ATOM   491  C  CG2 . THR A 1 63  ? -3.739  -12.295 -14.428 1.00 19.95 ? 63  THR A CG2 1 
ATOM   492  N  N   . HIS A 1 64  ? -1.596  -14.499 -16.636 1.00 16.50 ? 64  HIS A N   1 
ATOM   493  C  CA  . HIS A 1 64  ? -1.854  -15.920 -16.897 1.00 17.36 ? 64  HIS A CA  1 
ATOM   494  C  C   . HIS A 1 64  ? -0.748  -16.847 -16.420 1.00 17.19 ? 64  HIS A C   1 
ATOM   495  O  O   . HIS A 1 64  ? -0.873  -18.061 -16.509 1.00 16.83 ? 64  HIS A O   1 
ATOM   496  C  CB  . HIS A 1 64  ? -2.157  -16.162 -18.397 1.00 17.29 ? 64  HIS A CB  1 
ATOM   497  C  CG  . HIS A 1 64  ? -3.490  -15.636 -18.819 1.00 18.24 ? 64  HIS A CG  1 
ATOM   498  N  ND1 . HIS A 1 64  ? -4.640  -16.393 -18.759 1.00 19.17 ? 64  HIS A ND1 1 
ATOM   499  C  CD2 . HIS A 1 64  ? -3.868  -14.406 -19.255 1.00 19.32 ? 64  HIS A CD2 1 
ATOM   500  C  CE1 . HIS A 1 64  ? -5.664  -15.662 -19.173 1.00 20.02 ? 64  HIS A CE1 1 
ATOM   501  N  NE2 . HIS A 1 64  ? -5.223  -14.449 -19.461 1.00 18.95 ? 64  HIS A NE2 1 
ATOM   502  N  N   . SER A 1 65  ? 0.335   -16.262 -15.926 1.00 17.08 ? 65  SER A N   1 
ATOM   503  C  CA  . SER A 1 65  ? 1.444   -17.054 -15.383 1.00 17.28 ? 65  SER A CA  1 
ATOM   504  C  C   . SER A 1 65  ? 1.415   -17.024 -13.867 1.00 17.89 ? 65  SER A C   1 
ATOM   505  O  O   . SER A 1 65  ? 2.331   -17.534 -13.196 1.00 18.37 ? 65  SER A O   1 
ATOM   506  C  CB  . SER A 1 65  ? 2.776   -16.516 -15.884 1.00 17.17 ? 65  SER A CB  1 
ATOM   507  O  OG  . SER A 1 65  ? 2.909   -16.712 -17.276 1.00 16.74 ? 65  SER A OG  1 
ATOM   508  N  N   . ILE A 1 66  ? 0.367   -16.414 -13.316 1.00 17.63 ? 66  ILE A N   1 
ATOM   509  C  CA  . ILE A 1 66  ? 0.229   -16.298 -11.871 1.00 17.74 ? 66  ILE A CA  1 
ATOM   510  C  C   . ILE A 1 66  ? -0.786  -17.303 -11.328 1.00 18.09 ? 66  ILE A C   1 
ATOM   511  O  O   . ILE A 1 66  ? -1.955  -17.277 -11.702 1.00 18.59 ? 66  ILE A O   1 
ATOM   512  C  CB  . ILE A 1 66  ? -0.199  -14.862 -11.501 1.00 17.54 ? 66  ILE A CB  1 
ATOM   513  C  CG1 . ILE A 1 66  ? 0.872   -13.856 -11.918 1.00 18.33 ? 66  ILE A CG1 1 
ATOM   514  C  CG2 . ILE A 1 66  ? -0.462  -14.745 -10.023 1.00 18.40 ? 66  ILE A CG2 1 
ATOM   515  C  CD1 . ILE A 1 66  ? 0.459   -12.370 -11.650 1.00 20.78 ? 66  ILE A CD1 1 
ATOM   516  N  N   . THR A 1 67  ? -0.332  -18.189 -10.450 1.00 17.87 ? 67  THR A N   1 
ATOM   517  C  CA  . THR A 1 67  ? -1.223  -19.133 -9.774  1.00 17.94 ? 67  THR A CA  1 
ATOM   518  C  C   . THR A 1 67  ? -0.931  -19.064 -8.290  1.00 16.76 ? 67  THR A C   1 
ATOM   519  O  O   . THR A 1 67  ? -0.012  -18.386 -7.875  1.00 15.85 ? 67  THR A O   1 
ATOM   520  C  CB  . THR A 1 67  ? -1.004  -20.601 -10.281 1.00 17.95 ? 67  THR A CB  1 
ATOM   521  O  OG1 . THR A 1 67  ? 0.386   -20.903 -10.283 1.00 20.42 ? 67  THR A OG1 1 
ATOM   522  C  CG2 . THR A 1 67  ? -1.394  -20.738 -11.753 1.00 19.80 ? 67  THR A CG2 1 
ATOM   523  N  N   . VAL A 1 68  ? -1.719  -19.774 -7.490  1.00 16.44 ? 68  VAL A N   1 
ATOM   524  C  CA  . VAL A 1 68  ? -1.449  -19.859 -6.057  1.00 15.12 ? 68  VAL A CA  1 
ATOM   525  C  C   . VAL A 1 68  ? -0.051  -20.480 -5.871  1.00 14.82 ? 68  VAL A C   1 
ATOM   526  O  O   . VAL A 1 68  ? 0.252   -21.522 -6.446  1.00 14.85 ? 68  VAL A O   1 
ATOM   527  C  CB  . VAL A 1 68  ? -2.519  -20.716 -5.348  1.00 16.09 ? 68  VAL A CB  1 
ATOM   528  C  CG1 . VAL A 1 68  ? -2.150  -20.962 -3.882  1.00 15.92 ? 68  VAL A CG1 1 
ATOM   529  C  CG2 . VAL A 1 68  ? -3.902  -20.060 -5.483  1.00 16.40 ? 68  VAL A CG2 1 
ATOM   530  N  N   . GLY A 1 69  ? 0.805   -19.823 -5.074  1.00 13.95 ? 69  GLY A N   1 
ATOM   531  C  CA  . GLY A 1 69  ? 2.166   -20.285 -4.897  1.00 12.65 ? 69  GLY A CA  1 
ATOM   532  C  C   . GLY A 1 69  ? 3.161   -19.436 -5.657  1.00 12.15 ? 69  GLY A C   1 
ATOM   533  O  O   . GLY A 1 69  ? 4.339   -19.432 -5.330  1.00 11.63 ? 69  GLY A O   1 
ATOM   534  N  N   . SER A 1 70  ? 2.674   -18.678 -6.646  1.00 11.72 ? 70  SER A N   1 
ATOM   535  C  CA  . SER A 1 70  ? 3.517   -17.772 -7.413  1.00 11.86 ? 70  SER A CA  1 
ATOM   536  C  C   . SER A 1 70  ? 4.113   -16.654 -6.549  1.00 12.32 ? 70  SER A C   1 
ATOM   537  O  O   . SER A 1 70  ? 3.389   -15.953 -5.822  1.00 11.87 ? 70  SER A O   1 
ATOM   538  C  CB  . SER A 1 70  ? 2.728   -17.139 -8.571  1.00 12.03 ? 70  SER A CB  1 
ATOM   539  O  OG  . SER A 1 70  ? 2.451   -18.092 -9.568  1.00 12.88 ? 70  SER A OG  1 
ATOM   540  N  N   . ARG A 1 71  ? 5.418   -16.476 -6.639  1.00 10.77 ? 71  ARG A N   1 
ATOM   541  C  CA  . ARG A 1 71  ? 6.067   -15.372 -5.938  1.00 12.85 ? 71  ARG A CA  1 
ATOM   542  C  C   . ARG A 1 71  ? 6.214   -14.182 -6.886  1.00 12.34 ? 71  ARG A C   1 
ATOM   543  O  O   . ARG A 1 71  ? 6.799   -14.304 -7.976  1.00 11.50 ? 71  ARG A O   1 
ATOM   544  C  CB  . ARG A 1 71  ? 7.422   -15.803 -5.385  1.00 12.89 ? 71  ARG A CB  1 
ATOM   545  C  CG  . ARG A 1 71  ? 7.334   -17.077 -4.523  1.00 15.65 ? 71  ARG A CG  1 
ATOM   546  C  CD  . ARG A 1 71  ? 8.607   -17.365 -3.716  1.00 22.21 ? 71  ARG A CD  1 
ATOM   547  N  NE  . ARG A 1 71  ? 9.660   -17.900 -4.569  1.00 25.71 ? 71  ARG A NE  1 
ATOM   548  C  CZ  . ARG A 1 71  ? 10.950  -17.790 -4.300  1.00 27.08 ? 71  ARG A CZ  1 
ATOM   549  N  NH1 . ARG A 1 71  ? 11.341  -17.172 -3.201  1.00 28.41 ? 71  ARG A NH1 1 
ATOM   550  N  NH2 . ARG A 1 71  ? 11.843  -18.300 -5.129  1.00 28.05 ? 71  ARG A NH2 1 
ATOM   551  N  N   . ILE A 1 72  ? 5.649   -13.045 -6.497  1.00 11.56 ? 72  ILE A N   1 
ATOM   552  C  CA  . ILE A 1 72  ? 5.679   -11.862 -7.348  1.00 11.26 ? 72  ILE A CA  1 
ATOM   553  C  C   . ILE A 1 72  ? 5.889   -10.599 -6.547  1.00 11.95 ? 72  ILE A C   1 
ATOM   554  O  O   . ILE A 1 72  ? 5.825   -10.617 -5.315  1.00 12.36 ? 72  ILE A O   1 
ATOM   555  C  CB  . ILE A 1 72  ? 4.374   -11.699 -8.131  1.00 12.50 ? 72  ILE A CB  1 
ATOM   556  C  CG1 . ILE A 1 72  ? 3.178   -11.629 -7.165  1.00 12.95 ? 72  ILE A CG1 1 
ATOM   557  C  CG2 . ILE A 1 72  ? 4.203   -12.809 -9.171  1.00 13.66 ? 72  ILE A CG2 1 
ATOM   558  C  CD1 . ILE A 1 72  ? 1.931   -11.086 -7.784  1.00 15.62 ? 72  ILE A CD1 1 
ATOM   559  N  N   . THR A 1 73  ? 6.147   -9.506  -7.261  1.00 11.47 ? 73  THR A N   1 
ATOM   560  C  CA  . THR A 1 73  ? 6.237   -8.171  -6.673  1.00 12.49 ? 73  THR A CA  1 
ATOM   561  C  C   . THR A 1 73  ? 5.272   -7.283  -7.470  1.00 12.53 ? 73  THR A C   1 
ATOM   562  O  O   . THR A 1 73  ? 5.290   -7.262  -8.708  1.00 12.94 ? 73  THR A O   1 
ATOM   563  C  CB  . THR A 1 73  ? 7.663   -7.606  -6.787  1.00 12.46 ? 73  THR A CB  1 
ATOM   564  O  OG1 . THR A 1 73  ? 8.557   -8.419  -6.011  1.00 14.48 ? 73  THR A OG1 1 
ATOM   565  C  CG2 . THR A 1 73  ? 7.737   -6.222  -6.066  1.00 14.58 ? 73  THR A CG2 1 
ATOM   566  N  N   . VAL A 1 74  ? 4.410   -6.577  -6.768  1.00 12.25 ? 74  VAL A N   1 
ATOM   567  C  CA  . VAL A 1 74  ? 3.458   -5.708  -7.392  1.00 11.68 ? 74  VAL A CA  1 
ATOM   568  C  C   . VAL A 1 74  ? 3.752   -4.278  -6.998  1.00 12.72 ? 74  VAL A C   1 
ATOM   569  O  O   . VAL A 1 74  ? 4.005   -3.970  -5.820  1.00 12.68 ? 74  VAL A O   1 
ATOM   570  C  CB  . VAL A 1 74  ? 2.031   -6.047  -6.956  1.00 12.34 ? 74  VAL A CB  1 
ATOM   571  C  CG1 . VAL A 1 74  ? 1.025   -5.110  -7.638  1.00 12.09 ? 74  VAL A CG1 1 
ATOM   572  C  CG2 . VAL A 1 74  ? 1.705   -7.541  -7.288  1.00 12.36 ? 74  VAL A CG2 1 
ATOM   573  N  N   . GLN A 1 75  ? 3.701   -3.408  -7.983  1.00 11.80 ? 75  GLN A N   1 
ATOM   574  C  CA  . GLN A 1 75  ? 3.921   -1.985  -7.773  1.00 12.86 ? 75  GLN A CA  1 
ATOM   575  C  C   . GLN A 1 75  ? 2.663   -1.279  -8.244  1.00 11.83 ? 75  GLN A C   1 
ATOM   576  O  O   . GLN A 1 75  ? 2.159   -1.536  -9.338  1.00 11.27 ? 75  GLN A O   1 
ATOM   577  C  CB  . GLN A 1 75  ? 5.125   -1.545  -8.592  1.00 13.21 ? 75  GLN A CB  1 
ATOM   578  C  CG  . GLN A 1 75  ? 5.534   -0.128  -8.437  1.00 17.02 ? 75  GLN A CG  1 
ATOM   579  C  CD  . GLN A 1 75  ? 6.857   0.169   -9.171  1.00 21.79 ? 75  GLN A CD  1 
ATOM   580  O  OE1 . GLN A 1 75  ? 6.867   0.422   -10.376 1.00 25.60 ? 75  GLN A OE1 1 
ATOM   581  N  NE2 . GLN A 1 75  ? 7.977   0.087   -8.442  1.00 24.70 ? 75  GLN A NE2 1 
ATOM   582  N  N   . GLY A 1 76  ? 2.105   -0.416  -7.402  1.00 10.42 ? 76  GLY A N   1 
ATOM   583  C  CA  . GLY A 1 76  ? 0.957   0.346   -7.820  1.00 10.42 ? 76  GLY A CA  1 
ATOM   584  C  C   . GLY A 1 76  ? 0.453   1.304   -6.767  1.00 9.99  ? 76  GLY A C   1 
ATOM   585  O  O   . GLY A 1 76  ? 1.197   1.703   -5.876  1.00 9.38  ? 76  GLY A O   1 
ATOM   586  N  N   . PHE A 1 77  ? -0.814  1.662   -6.864  1.00 9.48  ? 77  PHE A N   1 
ATOM   587  C  CA  . PHE A 1 77  ? -1.419  2.590   -5.888  1.00 9.84  ? 77  PHE A CA  1 
ATOM   588  C  C   . PHE A 1 77  ? -2.511  1.901   -5.075  1.00 10.65 ? 77  PHE A C   1 
ATOM   589  O  O   . PHE A 1 77  ? -3.175  0.982   -5.544  1.00 10.34 ? 77  PHE A O   1 
ATOM   590  C  CB  . PHE A 1 77  ? -1.936  3.862   -6.572  1.00 10.10 ? 77  PHE A CB  1 
ATOM   591  C  CG  . PHE A 1 77  ? -3.132  3.643   -7.490  1.00 11.39 ? 77  PHE A CG  1 
ATOM   592  C  CD1 . PHE A 1 77  ? -4.425  3.722   -6.985  1.00 10.85 ? 77  PHE A CD1 1 
ATOM   593  C  CD2 . PHE A 1 77  ? -2.959  3.411   -8.844  1.00 11.55 ? 77  PHE A CD2 1 
ATOM   594  C  CE1 . PHE A 1 77  ? -5.534  3.539   -7.820  1.00 12.59 ? 77  PHE A CE1 1 
ATOM   595  C  CE2 . PHE A 1 77  ? -4.036  3.239   -9.668  1.00 13.85 ? 77  PHE A CE2 1 
ATOM   596  C  CZ  . PHE A 1 77  ? -5.352  3.308   -9.145  1.00 13.45 ? 77  PHE A CZ  1 
ATOM   597  N  N   . ILE A 1 78  ? -2.654  2.308   -3.824  1.00 10.39 ? 78  ILE A N   1 
ATOM   598  C  CA  . ILE A 1 78  ? -3.656  1.717   -2.992  1.00 11.22 ? 78  ILE A CA  1 
ATOM   599  C  C   . ILE A 1 78  ? -4.944  2.509   -3.080  1.00 12.23 ? 78  ILE A C   1 
ATOM   600  O  O   . ILE A 1 78  ? -4.923  3.738   -3.280  1.00 11.75 ? 78  ILE A O   1 
ATOM   601  C  CB  . ILE A 1 78  ? -3.198  1.631   -1.521  1.00 11.74 ? 78  ILE A CB  1 
ATOM   602  C  CG1 . ILE A 1 78  ? -2.744  3.011   -1.036  1.00 13.43 ? 78  ILE A CG1 1 
ATOM   603  C  CG2 . ILE A 1 78  ? -2.099  0.573   -1.365  1.00 10.80 ? 78  ILE A CG2 1 
ATOM   604  C  CD1 . ILE A 1 78  ? -2.625  3.137   0.510   1.00 16.68 ? 78  ILE A CD1 1 
ATOM   605  N  N   . SER A 1 79  ? -6.049  1.808   -2.927  1.00 12.19 ? 79  SER A N   1 
ATOM   606  C  CA  . SER A 1 79  ? -7.356  2.419   -2.893  1.00 15.36 ? 79  SER A CA  1 
ATOM   607  C  C   . SER A 1 79  ? -8.217  1.669   -1.878  1.00 16.27 ? 79  SER A C   1 
ATOM   608  O  O   . SER A 1 79  ? -8.205  0.440   -1.821  1.00 15.80 ? 79  SER A O   1 
ATOM   609  C  CB  . SER A 1 79  ? -8.004  2.375   -4.276  1.00 14.91 ? 79  SER A CB  1 
ATOM   610  O  OG  . SER A 1 79  ? -9.012  3.334   -4.332  1.00 18.02 ? 79  SER A OG  1 
ATOM   611  N  N   . CYS A 1 80  ? -8.979  2.423   -1.092  1.00 15.99 ? 80  CYS A N   1 
ATOM   612  C  CA  . CYS A 1 80  ? -9.812  1.834   -0.070  1.00 17.40 ? 80  CYS A CA  1 
ATOM   613  C  C   . CYS A 1 80  ? -11.302 2.035   -0.312  1.00 17.56 ? 80  CYS A C   1 
ATOM   614  O  O   . CYS A 1 80  ? -11.709 3.026   -0.926  1.00 17.41 ? 80  CYS A O   1 
ATOM   615  C  CB  . CYS A 1 80  ? -9.401  2.386   1.273   1.00 18.40 ? 80  CYS A CB  1 
ATOM   616  S  SG  . CYS A 1 80  ? -7.712  1.933   1.633   1.00 23.15 ? 80  CYS A SG  1 
ATOM   617  N  N   . LYS A 1 89  ? -11.901 -1.470  3.296   1.00 21.94 ? 89  LYS A N   1 
ATOM   618  C  CA  . LYS A 1 89  ? -11.292 -2.496  2.445   1.00 21.61 ? 89  LYS A CA  1 
ATOM   619  C  C   . LYS A 1 89  ? -10.222 -1.895  1.546   1.00 20.76 ? 89  LYS A C   1 
ATOM   620  O  O   . LYS A 1 89  ? -10.499 -0.982  0.782   1.00 20.65 ? 89  LYS A O   1 
ATOM   621  C  CB  . LYS A 1 89  ? -12.360 -3.188  1.598   1.00 21.84 ? 89  LYS A CB  1 
ATOM   622  C  CG  . LYS A 1 89  ? -12.857 -2.362  0.399   1.00 24.25 ? 89  LYS A CG  1 
ATOM   623  C  CD  . LYS A 1 89  ? -13.007 -3.245  -0.837  1.00 26.86 ? 89  LYS A CD  1 
ATOM   624  C  CE  . LYS A 1 89  ? -12.972 -2.430  -2.121  1.00 28.14 ? 89  LYS A CE  1 
ATOM   625  N  NZ  . LYS A 1 89  ? -14.257 -1.684  -2.295  1.00 31.31 ? 89  LYS A NZ  1 
HETATM 626  N  N   . MSE A 1 90  ? -8.996  -2.421  1.635   1.00 20.02 ? 90  MSE A N   1 
HETATM 627  C  CA  . MSE A 1 90  ? -7.886  -1.885  0.826   1.00 19.07 ? 90  MSE A CA  1 
HETATM 628  C  C   . MSE A 1 90  ? -7.515  -2.795  -0.333  1.00 17.87 ? 90  MSE A C   1 
HETATM 629  O  O   . MSE A 1 90  ? -7.434  -4.009  -0.171  1.00 17.18 ? 90  MSE A O   1 
HETATM 630  C  CB  . MSE A 1 90  ? -6.654  -1.619  1.688   1.00 19.19 ? 90  MSE A CB  1 
HETATM 631  C  CG  . MSE A 1 90  ? -5.455  -1.119  0.906   1.00 20.63 ? 90  MSE A CG  1 
HETATM 632  SE SE  . MSE A 1 90  ? -3.920  -0.679  2.053   1.00 24.86 ? 90  MSE A SE  1 
HETATM 633  C  CE  . MSE A 1 90  ? -4.826  0.477   3.303   1.00 24.03 ? 90  MSE A CE  1 
ATOM   634  N  N   . VAL A 1 91  ? -7.252  -2.181  -1.484  1.00 14.87 ? 91  VAL A N   1 
ATOM   635  C  CA  . VAL A 1 91  ? -6.860  -2.905  -2.685  1.00 13.73 ? 91  VAL A CA  1 
ATOM   636  C  C   . VAL A 1 91  ? -5.680  -2.226  -3.341  1.00 12.56 ? 91  VAL A C   1 
ATOM   637  O  O   . VAL A 1 91  ? -5.589  -0.967  -3.358  1.00 11.46 ? 91  VAL A O   1 
ATOM   638  C  CB  . VAL A 1 91  ? -8.000  -2.958  -3.737  1.00 13.57 ? 91  VAL A CB  1 
ATOM   639  C  CG1 . VAL A 1 91  ? -7.567  -3.719  -4.963  1.00 13.15 ? 91  VAL A CG1 1 
ATOM   640  C  CG2 . VAL A 1 91  ? -9.268  -3.592  -3.120  1.00 14.53 ? 91  VAL A CG2 1 
ATOM   641  N  N   . LEU A 1 92  ? -4.756  -3.025  -3.824  1.00 10.31 ? 92  LEU A N   1 
ATOM   642  C  CA  . LEU A 1 92  ? -3.590  -2.530  -4.526  1.00 10.70 ? 92  LEU A CA  1 
ATOM   643  C  C   . LEU A 1 92  ? -3.874  -2.598  -6.033  1.00 11.54 ? 92  LEU A C   1 
ATOM   644  O  O   . LEU A 1 92  ? -4.079  -3.691  -6.587  1.00 9.69  ? 92  LEU A O   1 
ATOM   645  C  CB  . LEU A 1 92  ? -2.353  -3.384  -4.189  1.00 10.61 ? 92  LEU A CB  1 
ATOM   646  C  CG  . LEU A 1 92  ? -1.054  -3.048  -4.981  1.00 9.88  ? 92  LEU A CG  1 
ATOM   647  C  CD1 . LEU A 1 92  ? -0.672  -1.605  -4.826  1.00 9.82  ? 92  LEU A CD1 1 
ATOM   648  C  CD2 . LEU A 1 92  ? 0.078   -3.946  -4.539  1.00 9.82  ? 92  LEU A CD2 1 
ATOM   649  N  N   . HIS A 1 93  ? -3.892  -1.443  -6.676  1.00 9.77  ? 93  HIS A N   1 
ATOM   650  C  CA  . HIS A 1 93  ? -4.075  -1.413  -8.132  1.00 12.87 ? 93  HIS A CA  1 
ATOM   651  C  C   . HIS A 1 93  ? -2.735  -1.488  -8.832  1.00 12.63 ? 93  HIS A C   1 
ATOM   652  O  O   . HIS A 1 93  ? -1.939  -0.564  -8.762  1.00 12.83 ? 93  HIS A O   1 
ATOM   653  C  CB  . HIS A 1 93  ? -4.865  -0.177  -8.552  1.00 11.57 ? 93  HIS A CB  1 
ATOM   654  C  CG  . HIS A 1 93  ? -6.272  -0.175  -8.047  1.00 13.64 ? 93  HIS A CG  1 
ATOM   655  N  ND1 . HIS A 1 93  ? -7.347  -0.443  -8.861  1.00 15.87 ? 93  HIS A ND1 1 
ATOM   656  C  CD2 . HIS A 1 93  ? -6.783  0.002   -6.807  1.00 15.10 ? 93  HIS A CD2 1 
ATOM   657  C  CE1 . HIS A 1 93  ? -8.462  -0.432  -8.154  1.00 16.05 ? 93  HIS A CE1 1 
ATOM   658  N  NE2 . HIS A 1 93  ? -8.157  -0.132  -6.908  1.00 14.97 ? 93  HIS A NE2 1 
ATOM   659  N  N   . ALA A 1 94  ? -2.501  -2.615  -9.494  1.00 13.49 ? 94  ALA A N   1 
ATOM   660  C  CA  . ALA A 1 94  ? -1.217  -2.922  -10.080 1.00 14.37 ? 94  ALA A CA  1 
ATOM   661  C  C   . ALA A 1 94  ? -0.885  -2.046  -11.285 1.00 15.81 ? 94  ALA A C   1 
ATOM   662  O  O   . ALA A 1 94  ? -1.703  -1.896  -12.204 1.00 16.49 ? 94  ALA A O   1 
ATOM   663  C  CB  . ALA A 1 94  ? -1.161  -4.387  -10.464 1.00 16.09 ? 94  ALA A CB  1 
ATOM   664  N  N   . GLU A 1 95  ? 0.298   -1.452  -11.257 1.00 15.85 ? 95  GLU A N   1 
ATOM   665  C  CA  . GLU A 1 95  ? 0.827   -0.710  -12.398 1.00 17.84 ? 95  GLU A CA  1 
ATOM   666  C  C   . GLU A 1 95  ? 1.975   -1.511  -12.996 1.00 18.08 ? 95  GLU A C   1 
ATOM   667  O  O   . GLU A 1 95  ? 2.176   -1.488  -14.202 1.00 18.91 ? 95  GLU A O   1 
ATOM   668  C  CB  . GLU A 1 95  ? 1.281   0.697   -11.984 1.00 17.68 ? 95  GLU A CB  1 
ATOM   669  C  CG  . GLU A 1 95  ? 0.147   1.552   -11.421 1.00 19.84 ? 95  GLU A CG  1 
ATOM   670  C  CD  . GLU A 1 95  ? 0.620   2.903   -10.896 1.00 26.35 ? 95  GLU A CD  1 
ATOM   671  O  OE1 . GLU A 1 95  ? 1.631   2.931   -10.140 1.00 26.77 ? 95  GLU A OE1 1 
ATOM   672  O  OE2 . GLU A 1 95  ? -0.025  3.937   -11.236 1.00 25.57 ? 95  GLU A OE2 1 
ATOM   673  N  N   . GLN A 1 96  ? 2.718   -2.221  -12.141 1.00 17.68 ? 96  GLN A N   1 
ATOM   674  C  CA  . GLN A 1 96  ? 3.798   -3.094  -12.605 1.00 18.78 ? 96  GLN A CA  1 
ATOM   675  C  C   . GLN A 1 96  ? 3.760   -4.425  -11.838 1.00 18.62 ? 96  GLN A C   1 
ATOM   676  O  O   . GLN A 1 96  ? 3.531   -4.443  -10.608 1.00 16.86 ? 96  GLN A O   1 
ATOM   677  C  CB  . GLN A 1 96  ? 5.162   -2.459  -12.387 1.00 18.61 ? 96  GLN A CB  1 
ATOM   678  C  CG  . GLN A 1 96  ? 5.580   -1.430  -13.414 1.00 21.98 ? 96  GLN A CG  1 
ATOM   679  C  CD  . GLN A 1 96  ? 7.005   -0.959  -13.171 1.00 25.16 ? 96  GLN A CD  1 
ATOM   680  O  OE1 . GLN A 1 96  ? 7.958   -1.750  -13.276 1.00 27.92 ? 96  GLN A OE1 1 
ATOM   681  N  NE2 . GLN A 1 96  ? 7.160   0.318   -12.830 1.00 25.75 ? 96  GLN A NE2 1 
ATOM   682  N  N   . ILE A 1 97  ? 4.017   -5.523  -12.551 1.00 17.71 ? 97  ILE A N   1 
ATOM   683  C  CA  . ILE A 1 97  ? 4.146   -6.822  -11.889 1.00 19.54 ? 97  ILE A CA  1 
ATOM   684  C  C   . ILE A 1 97  ? 5.447   -7.474  -12.264 1.00 20.77 ? 97  ILE A C   1 
ATOM   685  O  O   . ILE A 1 97  ? 5.816   -7.545  -13.455 1.00 19.69 ? 97  ILE A O   1 
ATOM   686  C  CB  . ILE A 1 97  ? 2.970   -7.737  -12.229 1.00 20.61 ? 97  ILE A CB  1 
ATOM   687  C  CG1 . ILE A 1 97  ? 1.672   -7.096  -11.759 1.00 20.29 ? 97  ILE A CG1 1 
ATOM   688  C  CG2 . ILE A 1 97  ? 3.187   -9.150  -11.608 1.00 19.97 ? 97  ILE A CG2 1 
ATOM   689  C  CD1 . ILE A 1 97  ? 0.424   -7.938  -12.086 1.00 24.64 ? 97  ILE A CD1 1 
ATOM   690  N  N   . GLU A 1 98  ? 6.170   -7.930  -11.253 1.00 21.07 ? 98  GLU A N   1 
ATOM   691  C  CA  . GLU A 1 98  ? 7.444   -8.578  -11.487 1.00 22.98 ? 98  GLU A CA  1 
ATOM   692  C  C   . GLU A 1 98  ? 7.361   -10.014 -10.975 1.00 23.78 ? 98  GLU A C   1 
ATOM   693  O  O   . GLU A 1 98  ? 7.098   -10.249 -9.783  1.00 22.80 ? 98  GLU A O   1 
ATOM   694  C  CB  . GLU A 1 98  ? 8.549   -7.831  -10.756 1.00 23.25 ? 98  GLU A CB  1 
ATOM   695  C  CG  . GLU A 1 98  ? 9.945   -8.337  -11.041 1.00 24.94 ? 98  GLU A CG  1 
ATOM   696  C  CD  . GLU A 1 98  ? 10.980  -7.657  -10.165 1.00 27.33 ? 98  GLU A CD  1 
ATOM   697  O  OE1 . GLU A 1 98  ? 10.584  -6.920  -9.247  1.00 28.21 ? 98  GLU A OE1 1 
ATOM   698  O  OE2 . GLU A 1 98  ? 12.180  -7.859  -10.401 1.00 29.92 ? 98  GLU A OE2 1 
ATOM   699  N  N   . LEU A 1 99  ? 7.547   -10.961 -11.880 1.00 23.72 ? 99  LEU A N   1 
ATOM   700  C  CA  . LEU A 1 99  ? 7.581   -12.371 -11.516 1.00 25.47 ? 99  LEU A CA  1 
ATOM   701  C  C   . LEU A 1 99  ? 8.938   -12.669 -10.886 1.00 25.78 ? 99  LEU A C   1 
ATOM   702  O  O   . LEU A 1 99  ? 9.970   -12.493 -11.521 1.00 26.79 ? 99  LEU A O   1 
ATOM   703  C  CB  . LEU A 1 99  ? 7.376   -13.258 -12.762 1.00 25.09 ? 99  LEU A CB  1 
ATOM   704  C  CG  . LEU A 1 99  ? 6.104   -13.034 -13.571 1.00 26.99 ? 99  LEU A CG  1 
ATOM   705  C  CD1 . LEU A 1 99  ? 6.020   -14.050 -14.704 1.00 27.02 ? 99  LEU A CD1 1 
ATOM   706  C  CD2 . LEU A 1 99  ? 4.859   -13.114 -12.685 1.00 26.66 ? 99  LEU A CD2 1 
ATOM   707  N  N   . ILE A 1 100 ? 8.935   -13.109 -9.636  1.00 26.25 ? 100 ILE A N   1 
ATOM   708  C  CA  . ILE A 1 100 ? 10.165  -13.419 -8.937  1.00 27.28 ? 100 ILE A CA  1 
ATOM   709  C  C   . ILE A 1 100 ? 10.723  -14.770 -9.370  1.00 27.84 ? 100 ILE A C   1 
ATOM   710  O  O   . ILE A 1 100 ? 9.953   -15.681 -9.686  1.00 28.78 ? 100 ILE A O   1 
ATOM   711  C  CB  . ILE A 1 100 ? 9.942   -13.399 -7.427  1.00 27.40 ? 100 ILE A CB  1 
ATOM   712  C  CG1 . ILE A 1 100 ? 9.508   -11.991 -6.973  1.00 27.86 ? 100 ILE A CG1 1 
ATOM   713  C  CG2 . ILE A 1 100 ? 11.208  -13.817 -6.691  1.00 27.97 ? 100 ILE A CG2 1 
ATOM   714  C  CD1 . ILE A 1 100 ? 9.195   -11.902 -5.515  1.00 27.30 ? 100 ILE A CD1 1 
HETATM 715  N  N   . MSE B 1 1   ? 11.028  -9.676  1.953   1.00 22.74 ? 1   MSE B N   1 
HETATM 716  C  CA  . MSE B 1 1   ? 10.974  -9.119  0.572   1.00 21.39 ? 1   MSE B CA  1 
HETATM 717  C  C   . MSE B 1 1   ? 10.539  -7.671  0.600   1.00 20.12 ? 1   MSE B C   1 
HETATM 718  O  O   . MSE B 1 1   ? 10.445  -7.057  1.669   1.00 20.69 ? 1   MSE B O   1 
HETATM 719  C  CB  . MSE B 1 1   ? 10.017  -9.925  -0.288  1.00 22.03 ? 1   MSE B CB  1 
HETATM 720  C  CG  . MSE B 1 1   ? 10.056  -11.416 -0.044  1.00 22.78 ? 1   MSE B CG  1 
HETATM 721  SE SE  . MSE B 1 1   ? 8.885   -12.295 -1.249  1.00 29.09 ? 1   MSE B SE  1 
HETATM 722  C  CE  . MSE B 1 1   ? 10.236  -12.974 -2.519  1.00 26.27 ? 1   MSE B CE  1 
ATOM   723  N  N   . THR B 1 2   ? 10.264  -7.116  -0.567  1.00 19.23 ? 2   THR B N   1 
ATOM   724  C  CA  . THR B 1 2   ? 9.873   -5.710  -0.658  1.00 16.99 ? 2   THR B CA  1 
ATOM   725  C  C   . THR B 1 2   ? 8.532   -5.397  0.019   1.00 15.54 ? 2   THR B C   1 
ATOM   726  O  O   . THR B 1 2   ? 7.567   -6.100  -0.152  1.00 14.64 ? 2   THR B O   1 
ATOM   727  C  CB  . THR B 1 2   ? 9.811   -5.249  -2.136  1.00 17.84 ? 2   THR B CB  1 
ATOM   728  O  OG1 . THR B 1 2   ? 11.042  -5.550  -2.798  1.00 17.73 ? 2   THR B OG1 1 
ATOM   729  C  CG2 . THR B 1 2   ? 9.728   -3.739  -2.191  1.00 17.79 ? 2   THR B CG2 1 
ATOM   730  N  N   . ASN B 1 3   ? 8.529   -4.343  0.829   1.00 13.50 ? 3   ASN B N   1 
ATOM   731  C  CA  . ASN B 1 3   ? 7.344   -3.828  1.476   1.00 13.32 ? 3   ASN B CA  1 
ATOM   732  C  C   . ASN B 1 3   ? 7.584   -2.344  1.728   1.00 13.36 ? 3   ASN B C   1 
ATOM   733  O  O   . ASN B 1 3   ? 8.142   -1.957  2.784   1.00 12.08 ? 3   ASN B O   1 
ATOM   734  C  CB  . ASN B 1 3   ? 7.070   -4.565  2.795   1.00 13.17 ? 3   ASN B CB  1 
ATOM   735  C  CG  . ASN B 1 3   ? 5.793   -4.075  3.505   1.00 12.87 ? 3   ASN B CG  1 
ATOM   736  O  OD1 . ASN B 1 3   ? 5.272   -3.004  3.228   1.00 9.16  ? 3   ASN B OD1 1 
ATOM   737  N  ND2 . ASN B 1 3   ? 5.283   -4.897  4.442   1.00 11.27 ? 3   ASN B ND2 1 
ATOM   738  N  N   . ARG B 1 4   ? 7.159   -1.518  0.783   1.00 11.95 ? 4   ARG B N   1 
ATOM   739  C  CA  . ARG B 1 4   ? 7.399   -0.084  0.863   1.00 12.87 ? 4   ARG B CA  1 
ATOM   740  C  C   . ARG B 1 4   ? 6.198   0.728   0.363   1.00 12.74 ? 4   ARG B C   1 
ATOM   741  O  O   . ARG B 1 4   ? 5.806   0.642   -0.800  1.00 12.29 ? 4   ARG B O   1 
ATOM   742  C  CB  . ARG B 1 4   ? 8.630   0.299   0.025   1.00 12.99 ? 4   ARG B CB  1 
ATOM   743  C  CG  . ARG B 1 4   ? 9.223   1.652   0.419   1.00 17.13 ? 4   ARG B CG  1 
ATOM   744  C  CD  . ARG B 1 4   ? 10.377  2.094   -0.493  1.00 22.59 ? 4   ARG B CD  1 
ATOM   745  N  NE  . ARG B 1 4   ? 11.212  0.957   -0.902  1.00 29.99 ? 4   ARG B NE  1 
ATOM   746  C  CZ  . ARG B 1 4   ? 11.199  0.409   -2.123  1.00 29.19 ? 4   ARG B CZ  1 
ATOM   747  N  NH1 . ARG B 1 4   ? 10.403  0.889   -3.074  1.00 30.53 ? 4   ARG B NH1 1 
ATOM   748  N  NH2 . ARG B 1 4   ? 11.962  -0.614  -2.381  1.00 30.46 ? 4   ARG B NH2 1 
ATOM   749  N  N   . LEU B 1 5   ? 5.642   1.509   1.250   1.00 12.31 ? 5   LEU B N   1 
ATOM   750  C  CA  . LEU B 1 5   ? 4.546   2.413   0.901   1.00 12.84 ? 5   LEU B CA  1 
ATOM   751  C  C   . LEU B 1 5   ? 4.978   3.848   1.080   1.00 13.55 ? 5   LEU B C   1 
ATOM   752  O  O   . LEU B 1 5   ? 5.543   4.201   2.114   1.00 12.83 ? 5   LEU B O   1 
ATOM   753  C  CB  . LEU B 1 5   ? 3.329   2.142   1.772   1.00 12.38 ? 5   LEU B CB  1 
ATOM   754  C  CG  . LEU B 1 5   ? 2.182   3.196   1.671   1.00 13.87 ? 5   LEU B CG  1 
ATOM   755  C  CD1 . LEU B 1 5   ? 1.544   3.216   0.239   1.00 13.40 ? 5   LEU B CD1 1 
ATOM   756  C  CD2 . LEU B 1 5   ? 1.152   2.934   2.683   1.00 16.10 ? 5   LEU B CD2 1 
ATOM   757  N  N   . VAL B 1 6   ? 4.769   4.664   0.038   1.00 13.78 ? 6   VAL B N   1 
ATOM   758  C  CA  . VAL B 1 6   ? 4.979   6.099   0.116   1.00 14.70 ? 6   VAL B CA  1 
ATOM   759  C  C   . VAL B 1 6   ? 3.591   6.728   -0.068  1.00 15.33 ? 6   VAL B C   1 
ATOM   760  O  O   . VAL B 1 6   ? 2.925   6.508   -1.093  1.00 15.57 ? 6   VAL B O   1 
ATOM   761  C  CB  . VAL B 1 6   ? 5.971   6.621   -0.950  1.00 14.52 ? 6   VAL B CB  1 
ATOM   762  C  CG1 . VAL B 1 6   ? 6.159   8.124   -0.839  1.00 15.96 ? 6   VAL B CG1 1 
ATOM   763  C  CG2 . VAL B 1 6   ? 7.314   5.931   -0.808  1.00 15.87 ? 6   VAL B CG2 1 
ATOM   764  N  N   . LEU B 1 7   ? 3.118   7.454   0.937   1.00 14.89 ? 7   LEU B N   1 
ATOM   765  C  CA  . LEU B 1 7   ? 1.785   7.999   0.888   1.00 16.10 ? 7   LEU B CA  1 
ATOM   766  C  C   . LEU B 1 7   ? 1.727   9.440   1.374   1.00 17.46 ? 7   LEU B C   1 
ATOM   767  O  O   . LEU B 1 7   ? 2.173   9.751   2.482   1.00 16.17 ? 7   LEU B O   1 
ATOM   768  C  CB  . LEU B 1 7   ? 0.808   7.120   1.725   1.00 17.19 ? 7   LEU B CB  1 
ATOM   769  C  CG  . LEU B 1 7   ? -0.679  7.341   1.465   1.00 17.92 ? 7   LEU B CG  1 
ATOM   770  C  CD1 . LEU B 1 7   ? -1.042  6.975   0.039   1.00 17.30 ? 7   LEU B CD1 1 
ATOM   771  C  CD2 . LEU B 1 7   ? -1.519  6.538   2.456   1.00 17.34 ? 7   LEU B CD2 1 
ATOM   772  N  N   . SER B 1 8   ? 1.162   10.325  0.536   1.00 17.15 ? 8   SER B N   1 
ATOM   773  C  CA  . SER B 1 8   ? 0.969   11.708  0.940   1.00 19.00 ? 8   SER B CA  1 
ATOM   774  C  C   . SER B 1 8   ? -0.476  11.883  1.361   1.00 19.61 ? 8   SER B C   1 
ATOM   775  O  O   . SER B 1 8   ? -1.374  11.255  0.813   1.00 20.31 ? 8   SER B O   1 
ATOM   776  C  CB  . SER B 1 8   ? 1.275   12.670  -0.218  1.00 19.43 ? 8   SER B CB  1 
ATOM   777  O  OG  . SER B 1 8   ? 2.671   12.671  -0.512  1.00 21.22 ? 8   SER B OG  1 
ATOM   778  N  N   . GLY B 1 9   ? -0.715  12.739  2.337   1.00 19.15 ? 9   GLY B N   1 
ATOM   779  C  CA  . GLY B 1 9   ? -2.064  12.960  2.765   1.00 20.43 ? 9   GLY B CA  1 
ATOM   780  C  C   . GLY B 1 9   ? -2.205  14.040  3.807   1.00 21.35 ? 9   GLY B C   1 
ATOM   781  O  O   . GLY B 1 9   ? -1.268  14.753  4.121   1.00 20.64 ? 9   GLY B O   1 
ATOM   782  N  N   . THR B 1 10  ? -3.407  14.160  4.336   1.00 21.75 ? 10  THR B N   1 
ATOM   783  C  CA  . THR B 1 10  ? -3.683  15.100  5.386   1.00 23.84 ? 10  THR B CA  1 
ATOM   784  C  C   . THR B 1 10  ? -3.968  14.366  6.680   1.00 23.69 ? 10  THR B C   1 
ATOM   785  O  O   . THR B 1 10  ? -4.620  13.330  6.711   1.00 24.14 ? 10  THR B O   1 
ATOM   786  C  CB  . THR B 1 10  ? -4.865  16.054  4.982   1.00 23.25 ? 10  THR B CB  1 
ATOM   787  O  OG1 . THR B 1 10  ? -5.108  16.976  6.052   1.00 25.12 ? 10  THR B OG1 1 
ATOM   788  C  CG2 . THR B 1 10  ? -6.157  15.277  4.880   1.00 24.46 ? 10  THR B CG2 1 
ATOM   789  N  N   . VAL B 1 11  ? -3.428  14.886  7.757   1.00 24.61 ? 11  VAL B N   1 
ATOM   790  C  CA  . VAL B 1 11  ? -3.643  14.285  9.044   1.00 25.52 ? 11  VAL B CA  1 
ATOM   791  C  C   . VAL B 1 11  ? -5.084  14.473  9.447   1.00 26.26 ? 11  VAL B C   1 
ATOM   792  O  O   . VAL B 1 11  ? -5.570  15.618  9.579   1.00 26.01 ? 11  VAL B O   1 
ATOM   793  C  CB  . VAL B 1 11  ? -2.717  14.897  10.088  1.00 25.77 ? 11  VAL B CB  1 
ATOM   794  C  CG1 . VAL B 1 11  ? -2.906  14.212  11.432  1.00 24.78 ? 11  VAL B CG1 1 
ATOM   795  C  CG2 . VAL B 1 11  ? -1.266  14.788  9.608   1.00 25.66 ? 11  VAL B CG2 1 
ATOM   796  N  N   . CYS B 1 12  ? -5.800  13.368  9.616   1.00 27.14 ? 12  CYS B N   1 
ATOM   797  C  CA  . CYS B 1 12  ? -7.199  13.460  10.012  1.00 28.98 ? 12  CYS B CA  1 
ATOM   798  C  C   . CYS B 1 12  ? -7.410  13.160  11.480  1.00 29.19 ? 12  CYS B C   1 
ATOM   799  O  O   . CYS B 1 12  ? -8.445  13.509  12.041  1.00 29.87 ? 12  CYS B O   1 
ATOM   800  C  CB  . CYS B 1 12  ? -8.113  12.602  9.113   1.00 29.06 ? 12  CYS B CB  1 
ATOM   801  S  SG  . CYS B 1 12  ? -7.656  10.882  9.013   1.00 31.04 ? 12  CYS B SG  1 
ATOM   802  N  N   . ARG B 1 13  ? -6.429  12.528  12.104  1.00 30.02 ? 13  ARG B N   1 
ATOM   803  C  CA  . ARG B 1 13  ? -6.470  12.282  13.547  1.00 30.71 ? 13  ARG B CA  1 
ATOM   804  C  C   . ARG B 1 13  ? -5.185  12.795  14.181  1.00 30.48 ? 13  ARG B C   1 
ATOM   805  O  O   . ARG B 1 13  ? -4.097  12.318  13.863  1.00 30.79 ? 13  ARG B O   1 
ATOM   806  C  CB  . ARG B 1 13  ? -6.644  10.795  13.858  1.00 30.68 ? 13  ARG B CB  1 
ATOM   807  C  CG  . ARG B 1 13  ? -7.164  10.524  15.260  1.00 33.40 ? 13  ARG B CG  1 
ATOM   808  C  CD  . ARG B 1 13  ? -8.615  10.047  15.304  1.00 36.56 ? 13  ARG B CD  1 
ATOM   809  N  NE  . ARG B 1 13  ? -8.682  8.595   15.143  1.00 38.46 ? 13  ARG B NE  1 
ATOM   810  C  CZ  . ARG B 1 13  ? -9.507  7.973   14.308  1.00 39.48 ? 13  ARG B CZ  1 
ATOM   811  N  NH1 . ARG B 1 13  ? -10.356 8.669   13.557  1.00 38.21 ? 13  ARG B NH1 1 
ATOM   812  N  NH2 . ARG B 1 13  ? -9.485  6.648   14.228  1.00 40.24 ? 13  ARG B NH2 1 
ATOM   813  N  N   . ALA B 1 14  ? -5.320  13.767  15.079  1.00 30.40 ? 14  ALA B N   1 
ATOM   814  C  CA  . ALA B 1 14  ? -4.163  14.364  15.759  1.00 30.58 ? 14  ALA B CA  1 
ATOM   815  C  C   . ALA B 1 14  ? -3.261  13.316  16.368  1.00 30.23 ? 14  ALA B C   1 
ATOM   816  O  O   . ALA B 1 14  ? -3.732  12.320  16.912  1.00 29.85 ? 14  ALA B O   1 
ATOM   817  C  CB  . ALA B 1 14  ? -4.613  15.352  16.812  1.00 29.97 ? 14  ALA B CB  1 
ATOM   818  N  N   . PRO B 1 15  ? -1.958  13.540  16.256  1.00 30.64 ? 15  PRO B N   1 
ATOM   819  C  CA  . PRO B 1 15  ? -0.963  12.589  16.742  1.00 30.52 ? 15  PRO B CA  1 
ATOM   820  C  C   . PRO B 1 15  ? -1.039  12.439  18.247  1.00 30.32 ? 15  PRO B C   1 
ATOM   821  O  O   . PRO B 1 15  ? -0.984  13.440  18.970  1.00 30.30 ? 15  PRO B O   1 
ATOM   822  C  CB  . PRO B 1 15  ? 0.358   13.250  16.346  1.00 30.62 ? 15  PRO B CB  1 
ATOM   823  C  CG  . PRO B 1 15  ? 0.007   14.702  16.292  1.00 31.47 ? 15  PRO B CG  1 
ATOM   824  C  CD  . PRO B 1 15  ? -1.332  14.720  15.635  1.00 30.95 ? 15  PRO B CD  1 
ATOM   825  N  N   . LEU B 1 16  ? -1.226  11.209  18.711  1.00 29.62 ? 16  LEU B N   1 
ATOM   826  C  CA  . LEU B 1 16  ? -1.193  10.943  20.138  1.00 30.00 ? 16  LEU B CA  1 
ATOM   827  C  C   . LEU B 1 16  ? 0.071   10.158  20.449  1.00 30.55 ? 16  LEU B C   1 
ATOM   828  O  O   . LEU B 1 16  ? 0.320   9.089   19.862  1.00 29.99 ? 16  LEU B O   1 
ATOM   829  C  CB  . LEU B 1 16  ? -2.457  10.221  20.603  1.00 30.50 ? 16  LEU B CB  1 
ATOM   830  C  CG  . LEU B 1 16  ? -2.958  8.993   19.866  1.00 30.00 ? 16  LEU B CG  1 
ATOM   831  C  CD1 . LEU B 1 16  ? -2.507  7.784   20.620  1.00 29.97 ? 16  LEU B CD1 1 
ATOM   832  C  CD2 . LEU B 1 16  ? -4.479  9.005   19.765  1.00 29.26 ? 16  LEU B CD2 1 
ATOM   833  N  N   . ARG B 1 17  ? 0.903   10.728  21.312  1.00 29.59 ? 17  ARG B N   1 
ATOM   834  C  CA  . ARG B 1 17  ? 2.171   10.144  21.652  1.00 30.09 ? 17  ARG B CA  1 
ATOM   835  C  C   . ARG B 1 17  ? 1.986   9.067   22.714  1.00 29.99 ? 17  ARG B C   1 
ATOM   836  O  O   . ARG B 1 17  ? 1.855   9.362   23.899  1.00 29.00 ? 17  ARG B O   1 
ATOM   837  C  CB  . ARG B 1 17  ? 3.137   11.227  22.143  1.00 30.64 ? 17  ARG B CB  1 
ATOM   838  C  CG  . ARG B 1 17  ? 3.323   12.384  21.158  1.00 32.88 ? 17  ARG B CG  1 
ATOM   839  C  CD  . ARG B 1 17  ? 3.638   13.719  21.840  1.00 34.46 ? 17  ARG B CD  1 
ATOM   840  N  NE  . ARG B 1 17  ? 4.375   13.513  23.079  1.00 36.68 ? 17  ARG B NE  1 
ATOM   841  C  CZ  . ARG B 1 17  ? 5.263   14.358  23.587  1.00 35.78 ? 17  ARG B CZ  1 
ATOM   842  N  NH1 . ARG B 1 17  ? 5.542   15.494  22.967  1.00 36.23 ? 17  ARG B NH1 1 
ATOM   843  N  NH2 . ARG B 1 17  ? 5.878   14.063  24.716  1.00 36.93 ? 17  ARG B NH2 1 
ATOM   844  N  N   . LYS B 1 18  ? 1.950   7.815   22.266  1.00 29.84 ? 18  LYS B N   1 
ATOM   845  C  CA  . LYS B 1 18  ? 1.735   6.676   23.133  1.00 29.98 ? 18  LYS B CA  1 
ATOM   846  C  C   . LYS B 1 18  ? 3.032   6.214   23.777  1.00 30.35 ? 18  LYS B C   1 
ATOM   847  O  O   . LYS B 1 18  ? 4.098   6.281   23.171  1.00 30.07 ? 18  LYS B O   1 
ATOM   848  C  CB  . LYS B 1 18  ? 1.108   5.524   22.355  1.00 30.11 ? 18  LYS B CB  1 
ATOM   849  C  CG  . LYS B 1 18  ? -0.311  5.768   21.898  1.00 31.74 ? 18  LYS B CG  1 
ATOM   850  C  CD  . LYS B 1 18  ? -1.322  5.411   22.981  1.00 32.28 ? 18  LYS B CD  1 
ATOM   851  C  CE  . LYS B 1 18  ? -2.683  5.092   22.370  1.00 33.34 ? 18  LYS B CE  1 
ATOM   852  N  NZ  . LYS B 1 18  ? -3.498  4.242   23.283  1.00 36.25 ? 18  LYS B NZ  1 
ATOM   853  N  N   . PRO B 1 25  ? 7.624   3.440   22.782  1.00 26.24 ? 25  PRO B N   1 
ATOM   854  C  CA  . PRO B 1 25  ? 7.539   4.884   22.544  1.00 26.78 ? 25  PRO B CA  1 
ATOM   855  C  C   . PRO B 1 25  ? 7.196   5.199   21.102  1.00 26.01 ? 25  PRO B C   1 
ATOM   856  O  O   . PRO B 1 25  ? 8.064   5.101   20.236  1.00 25.94 ? 25  PRO B O   1 
ATOM   857  C  CB  . PRO B 1 25  ? 8.960   5.364   22.854  1.00 27.06 ? 25  PRO B CB  1 
ATOM   858  C  CG  . PRO B 1 25  ? 9.485   4.391   23.773  1.00 27.45 ? 25  PRO B CG  1 
ATOM   859  C  CD  . PRO B 1 25  ? 8.932   3.064   23.336  1.00 27.56 ? 25  PRO B CD  1 
ATOM   860  N  N   . HIS B 1 26  ? 5.945   5.575   20.838  1.00 25.34 ? 26  HIS B N   1 
ATOM   861  C  CA  . HIS B 1 26  ? 5.535   5.843   19.472  1.00 24.50 ? 26  HIS B CA  1 
ATOM   862  C  C   . HIS B 1 26  ? 4.349   6.801   19.366  1.00 23.74 ? 26  HIS B C   1 
ATOM   863  O  O   . HIS B 1 26  ? 3.489   6.844   20.249  1.00 22.88 ? 26  HIS B O   1 
ATOM   864  C  CB  . HIS B 1 26  ? 5.199   4.534   18.747  1.00 24.35 ? 26  HIS B CB  1 
ATOM   865  C  CG  . HIS B 1 26  ? 3.979   3.845   19.270  1.00 25.06 ? 26  HIS B CG  1 
ATOM   866  N  ND1 . HIS B 1 26  ? 4.005   3.035   20.389  1.00 24.72 ? 26  HIS B ND1 1 
ATOM   867  C  CD2 . HIS B 1 26  ? 2.694   3.843   18.833  1.00 24.89 ? 26  HIS B CD2 1 
ATOM   868  C  CE1 . HIS B 1 26  ? 2.796   2.546   20.603  1.00 24.91 ? 26  HIS B CE1 1 
ATOM   869  N  NE2 . HIS B 1 26  ? 1.980   3.022   19.675  1.00 26.23 ? 26  HIS B NE2 1 
ATOM   870  N  N   . CYS B 1 27  ? 4.336   7.571   18.285  1.00 22.05 ? 27  CYS B N   1 
ATOM   871  C  CA  . CYS B 1 27  ? 3.227   8.452   17.977  1.00 21.86 ? 27  CYS B CA  1 
ATOM   872  C  C   . CYS B 1 27  ? 2.329   7.753   16.983  1.00 21.68 ? 27  CYS B C   1 
ATOM   873  O  O   . CYS B 1 27  ? 2.831   7.059   16.051  1.00 20.73 ? 27  CYS B O   1 
ATOM   874  C  CB  . CYS B 1 27  ? 3.736   9.752   17.375  1.00 22.02 ? 27  CYS B CB  1 
ATOM   875  S  SG  . CYS B 1 27  ? 2.497   10.674  16.415  1.00 26.50 ? 27  CYS B SG  1 
ATOM   876  N  N   . GLN B 1 28  ? 1.029   7.886   17.175  1.00 19.87 ? 28  GLN B N   1 
ATOM   877  C  CA  . GLN B 1 28  ? 0.054   7.270   16.274  1.00 20.73 ? 28  GLN B CA  1 
ATOM   878  C  C   . GLN B 1 28  ? -0.948  8.321   15.813  1.00 19.89 ? 28  GLN B C   1 
ATOM   879  O  O   . GLN B 1 28  ? -1.331  9.221   16.584  1.00 18.48 ? 28  GLN B O   1 
ATOM   880  C  CB  . GLN B 1 28  ? -0.672  6.117   16.964  1.00 21.60 ? 28  GLN B CB  1 
ATOM   881  C  CG  . GLN B 1 28  ? -1.527  5.264   16.001  1.00 24.25 ? 28  GLN B CG  1 
ATOM   882  C  CD  . GLN B 1 28  ? -2.179  4.069   16.695  1.00 28.08 ? 28  GLN B CD  1 
ATOM   883  O  OE1 . GLN B 1 28  ? -1.925  3.817   17.871  1.00 30.22 ? 28  GLN B OE1 1 
ATOM   884  N  NE2 . GLN B 1 28  ? -3.029  3.332   15.958  1.00 32.03 ? 28  GLN B NE2 1 
ATOM   885  N  N   . PHE B 1 29  ? -1.307  8.256   14.548  1.00 18.46 ? 29  PHE B N   1 
ATOM   886  C  CA  . PHE B 1 29  ? -2.298  9.164   13.987  1.00 18.73 ? 29  PHE B CA  1 
ATOM   887  C  C   . PHE B 1 29  ? -2.891  8.515   12.738  1.00 19.53 ? 29  PHE B C   1 
ATOM   888  O  O   . PHE B 1 29  ? -2.523  7.406   12.384  1.00 18.20 ? 29  PHE B O   1 
ATOM   889  C  CB  . PHE B 1 29  ? -1.680  10.536  13.673  1.00 18.18 ? 29  PHE B CB  1 
ATOM   890  C  CG  . PHE B 1 29  ? -0.540  10.497  12.702  1.00 17.66 ? 29  PHE B CG  1 
ATOM   891  C  CD1 . PHE B 1 29  ? -0.764  10.674  11.328  1.00 19.53 ? 29  PHE B CD1 1 
ATOM   892  C  CD2 . PHE B 1 29  ? 0.755   10.292  13.133  1.00 17.87 ? 29  PHE B CD2 1 
ATOM   893  C  CE1 . PHE B 1 29  ? 0.299   10.619  10.421  1.00 17.58 ? 29  PHE B CE1 1 
ATOM   894  C  CE2 . PHE B 1 29  ? 1.822   10.263  12.234  1.00 17.49 ? 29  PHE B CE2 1 
ATOM   895  C  CZ  . PHE B 1 29  ? 1.590   10.423  10.879  1.00 18.10 ? 29  PHE B CZ  1 
ATOM   896  N  N   . VAL B 1 30  ? -3.840  9.199   12.101  1.00 19.29 ? 30  VAL B N   1 
ATOM   897  C  CA  . VAL B 1 30  ? -4.444  8.668   10.903  1.00 19.61 ? 30  VAL B CA  1 
ATOM   898  C  C   . VAL B 1 30  ? -4.186  9.621   9.750   1.00 19.56 ? 30  VAL B C   1 
ATOM   899  O  O   . VAL B 1 30  ? -4.274  10.857  9.908   1.00 19.68 ? 30  VAL B O   1 
ATOM   900  C  CB  . VAL B 1 30  ? -5.960  8.417   11.090  1.00 19.93 ? 30  VAL B CB  1 
ATOM   901  C  CG1 . VAL B 1 30  ? -6.579  7.861   9.808   1.00 19.84 ? 30  VAL B CG1 1 
ATOM   902  C  CG2 . VAL B 1 30  ? -6.195  7.474   12.264  1.00 20.17 ? 30  VAL B CG2 1 
ATOM   903  N  N   . LEU B 1 31  ? -3.805  9.063   8.616   1.00 18.88 ? 31  LEU B N   1 
ATOM   904  C  CA  . LEU B 1 31  ? -3.540  9.859   7.441   1.00 19.39 ? 31  LEU B CA  1 
ATOM   905  C  C   . LEU B 1 31  ? -4.664  9.670   6.431   1.00 18.73 ? 31  LEU B C   1 
ATOM   906  O  O   . LEU B 1 31  ? -4.950  8.562   6.028   1.00 18.57 ? 31  LEU B O   1 
ATOM   907  C  CB  . LEU B 1 31  ? -2.201  9.443   6.809   1.00 19.17 ? 31  LEU B CB  1 
ATOM   908  C  CG  . LEU B 1 31  ? -1.680  10.350  5.701   1.00 19.62 ? 31  LEU B CG  1 
ATOM   909  C  CD1 . LEU B 1 31  ? -1.246  11.681  6.268   1.00 19.95 ? 31  LEU B CD1 1 
ATOM   910  C  CD2 . LEU B 1 31  ? -0.527  9.666   4.963   1.00 22.54 ? 31  LEU B CD2 1 
ATOM   911  N  N   . GLU B 1 32  ? -5.297  10.773  6.038   1.00 19.06 ? 32  GLU B N   1 
ATOM   912  C  CA  . GLU B 1 32  ? -6.340  10.710  5.002   1.00 19.04 ? 32  GLU B CA  1 
ATOM   913  C  C   . GLU B 1 32  ? -5.736  11.027  3.643   1.00 17.64 ? 32  GLU B C   1 
ATOM   914  O  O   . GLU B 1 32  ? -5.212  12.103  3.442   1.00 17.32 ? 32  GLU B O   1 
ATOM   915  C  CB  . GLU B 1 32  ? -7.481  11.684  5.325   1.00 19.47 ? 32  GLU B CB  1 
ATOM   916  C  CG  . GLU B 1 32  ? -8.483  11.832  4.194   1.00 23.05 ? 32  GLU B CG  1 
ATOM   917  C  CD  . GLU B 1 32  ? -9.854  11.277  4.560   1.00 29.30 ? 32  GLU B CD  1 
ATOM   918  O  OE1 . GLU B 1 32  ? -10.663 11.017  3.656   1.00 30.38 ? 32  GLU B OE1 1 
ATOM   919  O  OE2 . GLU B 1 32  ? -10.133 11.121  5.779   1.00 33.03 ? 32  GLU B OE2 1 
ATOM   920  N  N   . HIS B 1 33  ? -5.804  10.084  2.717   1.00 16.71 ? 33  HIS B N   1 
ATOM   921  C  CA  . HIS B 1 33  ? -5.259  10.277  1.393   1.00 16.36 ? 33  HIS B CA  1 
ATOM   922  C  C   . HIS B 1 33  ? -6.378  10.396  0.353   1.00 16.68 ? 33  HIS B C   1 
ATOM   923  O  O   . HIS B 1 33  ? -7.345  9.636   0.380   1.00 15.27 ? 33  HIS B O   1 
ATOM   924  C  CB  . HIS B 1 33  ? -4.358  9.089   0.978   1.00 16.15 ? 33  HIS B CB  1 
ATOM   925  C  CG  . HIS B 1 33  ? -3.914  9.162   -0.447  1.00 15.26 ? 33  HIS B CG  1 
ATOM   926  N  ND1 . HIS B 1 33  ? -4.545  8.470   -1.457  1.00 17.18 ? 33  HIS B ND1 1 
ATOM   927  C  CD2 . HIS B 1 33  ? -2.931  9.878   -1.044  1.00 15.44 ? 33  HIS B CD2 1 
ATOM   928  C  CE1 . HIS B 1 33  ? -3.971  8.738   -2.615  1.00 14.42 ? 33  HIS B CE1 1 
ATOM   929  N  NE2 . HIS B 1 33  ? -2.991  9.599   -2.401  1.00 17.26 ? 33  HIS B NE2 1 
ATOM   930  N  N   . ARG B 1 34  ? -6.232  11.376  -0.540  1.00 16.22 ? 34  ARG B N   1 
ATOM   931  C  CA  . ARG B 1 34  ? -7.136  11.504  -1.678  1.00 17.22 ? 34  ARG B CA  1 
ATOM   932  C  C   . ARG B 1 34  ? -6.337  12.005  -2.870  1.00 16.95 ? 34  ARG B C   1 
ATOM   933  O  O   . ARG B 1 34  ? -5.651  13.023  -2.779  1.00 17.06 ? 34  ARG B O   1 
ATOM   934  C  CB  . ARG B 1 34  ? -8.301  12.468  -1.346  1.00 17.80 ? 34  ARG B CB  1 
ATOM   935  C  CG  . ARG B 1 34  ? -9.446  12.366  -2.298  1.00 19.81 ? 34  ARG B CG  1 
ATOM   936  C  CD  . ARG B 1 34  ? -10.759 13.020  -1.813  1.00 22.24 ? 34  ARG B CD  1 
ATOM   937  N  NE  . ARG B 1 34  ? -11.059 12.674  -0.424  1.00 26.55 ? 34  ARG B NE  1 
ATOM   938  C  CZ  . ARG B 1 34  ? -12.228 12.245  -0.009  1.00 23.99 ? 34  ARG B CZ  1 
ATOM   939  N  NH1 . ARG B 1 34  ? -13.193 12.101  -0.866  1.00 27.09 ? 34  ARG B NH1 1 
ATOM   940  N  NH2 . ARG B 1 34  ? -12.428 11.951  1.260   1.00 26.29 ? 34  ARG B NH2 1 
ATOM   941  N  N   . SER B 1 35  ? -6.400  11.273  -3.975  1.00 16.67 ? 35  SER B N   1 
ATOM   942  C  CA  . SER B 1 35  ? -5.660  11.629  -5.173  1.00 17.58 ? 35  SER B CA  1 
ATOM   943  C  C   . SER B 1 35  ? -6.376  11.119  -6.426  1.00 17.81 ? 35  SER B C   1 
ATOM   944  O  O   . SER B 1 35  ? -7.327  10.356  -6.342  1.00 17.49 ? 35  SER B O   1 
ATOM   945  C  CB  . SER B 1 35  ? -4.255  11.029  -5.127  1.00 17.46 ? 35  SER B CB  1 
ATOM   946  O  OG  . SER B 1 35  ? -4.308  9.605   -5.353  1.00 17.45 ? 35  SER B OG  1 
ATOM   947  N  N   . VAL B 1 36  ? -5.896  11.539  -7.579  1.00 17.63 ? 36  VAL B N   1 
ATOM   948  C  CA  . VAL B 1 36  ? -6.381  11.010  -8.839  1.00 18.74 ? 36  VAL B CA  1 
ATOM   949  C  C   . VAL B 1 36  ? -5.268  10.172  -9.424  1.00 19.75 ? 36  VAL B C   1 
ATOM   950  O  O   . VAL B 1 36  ? -4.137  10.620  -9.511  1.00 20.18 ? 36  VAL B O   1 
ATOM   951  C  CB  . VAL B 1 36  ? -6.755  12.138  -9.827  1.00 18.81 ? 36  VAL B CB  1 
ATOM   952  C  CG1 . VAL B 1 36  ? -7.444  11.570  -11.066 1.00 18.80 ? 36  VAL B CG1 1 
ATOM   953  C  CG2 . VAL B 1 36  ? -7.630  13.159  -9.143  1.00 18.88 ? 36  VAL B CG2 1 
ATOM   954  N  N   . GLN B 1 37  ? -5.595  8.946   -9.824  1.00 20.63 ? 37  GLN B N   1 
ATOM   955  C  CA  . GLN B 1 37  ? -4.621  8.025   -10.360 1.00 22.44 ? 37  GLN B CA  1 
ATOM   956  C  C   . GLN B 1 37  ? -5.045  7.571   -11.748 1.00 23.73 ? 37  GLN B C   1 
ATOM   957  O  O   . GLN B 1 37  ? -6.229  7.588   -12.092 1.00 23.84 ? 37  GLN B O   1 
ATOM   958  C  CB  . GLN B 1 37  ? -4.456  6.804   -9.421  1.00 21.22 ? 37  GLN B CB  1 
ATOM   959  C  CG  . GLN B 1 37  ? -3.947  7.148   -8.031  1.00 21.98 ? 37  GLN B CG  1 
ATOM   960  C  CD  . GLN B 1 37  ? -2.522  7.655   -8.044  1.00 22.45 ? 37  GLN B CD  1 
ATOM   961  O  OE1 . GLN B 1 37  ? -1.748  7.294   -8.933  1.00 22.84 ? 37  GLN B OE1 1 
ATOM   962  N  NE2 . GLN B 1 37  ? -2.179  8.508   -7.090  1.00 19.92 ? 37  GLN B NE2 1 
ATOM   963  N  N   . GLU B 1 38  ? -4.075  7.161   -12.547 1.00 25.74 ? 38  GLU B N   1 
ATOM   964  C  CA  . GLU B 1 38  ? -4.331  6.746   -13.919 1.00 27.16 ? 38  GLU B CA  1 
ATOM   965  C  C   . GLU B 1 38  ? -4.459  5.226   -14.003 1.00 28.00 ? 38  GLU B C   1 
ATOM   966  O  O   . GLU B 1 38  ? -3.653  4.500   -13.431 1.00 28.78 ? 38  GLU B O   1 
ATOM   967  C  CB  . GLU B 1 38  ? -3.214  7.232   -14.831 1.00 27.63 ? 38  GLU B CB  1 
ATOM   968  C  CG  . GLU B 1 38  ? -3.484  6.980   -16.312 1.00 29.75 ? 38  GLU B CG  1 
ATOM   969  C  CD  . GLU B 1 38  ? -2.346  7.454   -17.210 1.00 32.20 ? 38  GLU B CD  1 
ATOM   970  O  OE1 . GLU B 1 38  ? -1.354  8.012   -16.686 1.00 33.23 ? 38  GLU B OE1 1 
ATOM   971  O  OE2 . GLU B 1 38  ? -2.445  7.270   -18.439 1.00 33.11 ? 38  GLU B OE2 1 
ATOM   972  N  N   . GLU B 1 39  ? -5.474  4.757   -14.719 1.00 28.72 ? 39  GLU B N   1 
ATOM   973  C  CA  . GLU B 1 39  ? -5.735  3.330   -14.789 1.00 29.86 ? 39  GLU B CA  1 
ATOM   974  C  C   . GLU B 1 39  ? -6.554  2.924   -15.986 1.00 28.92 ? 39  GLU B C   1 
ATOM   975  O  O   . GLU B 1 39  ? -7.670  3.390   -16.170 1.00 29.38 ? 39  GLU B O   1 
ATOM   976  C  CB  . GLU B 1 39  ? -6.430  2.857   -13.503 1.00 29.65 ? 39  GLU B CB  1 
ATOM   977  C  CG  . GLU B 1 39  ? -6.574  1.344   -13.408 1.00 31.24 ? 39  GLU B CG  1 
ATOM   978  C  CD  . GLU B 1 39  ? -7.302  0.925   -12.146 1.00 31.52 ? 39  GLU B CD  1 
ATOM   979  O  OE1 . GLU B 1 39  ? -7.730  1.820   -11.403 1.00 35.67 ? 39  GLU B OE1 1 
ATOM   980  O  OE2 . GLU B 1 39  ? -7.443  -0.280  -11.900 1.00 34.44 ? 39  GLU B OE2 1 
ATOM   981  N  N   . ALA B 1 40  ? -6.004  2.022   -16.787 1.00 29.77 ? 40  ALA B N   1 
ATOM   982  C  CA  . ALA B 1 40  ? -6.711  1.495   -17.953 1.00 29.24 ? 40  ALA B CA  1 
ATOM   983  C  C   . ALA B 1 40  ? -7.324  2.596   -18.823 1.00 29.76 ? 40  ALA B C   1 
ATOM   984  O  O   . ALA B 1 40  ? -8.498  2.531   -19.194 1.00 29.95 ? 40  ALA B O   1 
ATOM   985  C  CB  . ALA B 1 40  ? -7.769  0.509   -17.522 1.00 29.06 ? 40  ALA B CB  1 
ATOM   986  N  N   . GLY B 1 41  ? -6.524  3.604   -19.137 1.00 30.00 ? 41  GLY B N   1 
ATOM   987  C  CA  . GLY B 1 41  ? -6.935  4.659   -20.051 1.00 30.18 ? 41  GLY B CA  1 
ATOM   988  C  C   . GLY B 1 41  ? -7.708  5.776   -19.391 1.00 30.40 ? 41  GLY B C   1 
ATOM   989  O  O   . GLY B 1 41  ? -8.043  6.775   -20.027 1.00 30.75 ? 41  GLY B O   1 
ATOM   990  N  N   . PHE B 1 42  ? -7.929  5.632   -18.086 1.00 30.45 ? 42  PHE B N   1 
ATOM   991  C  CA  . PHE B 1 42  ? -8.834  6.513   -17.374 1.00 30.52 ? 42  PHE B CA  1 
ATOM   992  C  C   . PHE B 1 42  ? -8.263  7.036   -16.085 1.00 30.01 ? 42  PHE B C   1 
ATOM   993  O  O   . PHE B 1 42  ? -7.314  6.487   -15.540 1.00 30.32 ? 42  PHE B O   1 
ATOM   994  C  CB  . PHE B 1 42  ? -10.140 5.772   -17.072 1.00 30.46 ? 42  PHE B CB  1 
ATOM   995  C  CG  . PHE B 1 42  ? -10.861 5.292   -18.297 1.00 31.80 ? 42  PHE B CG  1 
ATOM   996  C  CD1 . PHE B 1 42  ? -10.582 4.051   -18.838 1.00 33.14 ? 42  PHE B CD1 1 
ATOM   997  C  CD2 . PHE B 1 42  ? -11.819 6.076   -18.904 1.00 33.02 ? 42  PHE B CD2 1 
ATOM   998  C  CE1 . PHE B 1 42  ? -11.242 3.603   -19.966 1.00 33.62 ? 42  PHE B CE1 1 
ATOM   999  C  CE2 . PHE B 1 42  ? -12.485 5.639   -20.032 1.00 33.30 ? 42  PHE B CE2 1 
ATOM   1000 C  CZ  . PHE B 1 42  ? -12.194 4.400   -20.567 1.00 34.30 ? 42  PHE B CZ  1 
ATOM   1001 N  N   . HIS B 1 43  ? -8.857  8.120   -15.595 1.00 29.88 ? 43  HIS B N   1 
ATOM   1002 C  CA  . HIS B 1 43  ? -8.450  8.691   -14.336 1.00 29.58 ? 43  HIS B CA  1 
ATOM   1003 C  C   . HIS B 1 43  ? -9.422  8.237   -13.276 1.00 29.16 ? 43  HIS B C   1 
ATOM   1004 O  O   . HIS B 1 43  ? -10.617 8.453   -13.394 1.00 29.60 ? 43  HIS B O   1 
ATOM   1005 C  CB  . HIS B 1 43  ? -8.397  10.205  -14.434 1.00 29.71 ? 43  HIS B CB  1 
ATOM   1006 C  CG  . HIS B 1 43  ? -7.479  10.689  -15.506 1.00 30.33 ? 43  HIS B CG  1 
ATOM   1007 N  ND1 . HIS B 1 43  ? -6.109  10.701  -15.360 1.00 31.82 ? 43  HIS B ND1 1 
ATOM   1008 C  CD2 . HIS B 1 43  ? -7.727  11.121  -16.759 1.00 30.35 ? 43  HIS B CD2 1 
ATOM   1009 C  CE1 . HIS B 1 43  ? -5.554  11.134  -16.475 1.00 29.95 ? 43  HIS B CE1 1 
ATOM   1010 N  NE2 . HIS B 1 43  ? -6.515  11.407  -17.336 1.00 31.63 ? 43  HIS B NE2 1 
ATOM   1011 N  N   . ARG B 1 44  ? -8.899  7.570   -12.261 1.00 28.33 ? 44  ARG B N   1 
ATOM   1012 C  CA  . ARG B 1 44  ? -9.727  7.044   -11.193 1.00 27.79 ? 44  ARG B CA  1 
ATOM   1013 C  C   . ARG B 1 44  ? -9.252  7.608   -9.868  1.00 25.50 ? 44  ARG B C   1 
ATOM   1014 O  O   . ARG B 1 44  ? -8.066  7.627   -9.582  1.00 26.18 ? 44  ARG B O   1 
ATOM   1015 C  CB  . ARG B 1 44  ? -9.707  5.514   -11.203 1.00 27.81 ? 44  ARG B CB  1 
ATOM   1016 C  CG  . ARG B 1 44  ? -10.244 4.903   -12.488 1.00 30.00 ? 44  ARG B CG  1 
ATOM   1017 C  CD  . ARG B 1 44  ? -11.760 5.044   -12.608 1.00 33.67 ? 44  ARG B CD  1 
ATOM   1018 N  NE  . ARG B 1 44  ? -12.137 5.979   -13.664 1.00 36.25 ? 44  ARG B NE  1 
ATOM   1019 C  CZ  . ARG B 1 44  ? -13.389 6.303   -13.970 1.00 37.79 ? 44  ARG B CZ  1 
ATOM   1020 N  NH1 . ARG B 1 44  ? -14.400 5.765   -13.300 1.00 40.45 ? 44  ARG B NH1 1 
ATOM   1021 N  NH2 . ARG B 1 44  ? -13.633 7.159   -14.949 1.00 37.58 ? 44  ARG B NH2 1 
ATOM   1022 N  N   . GLN B 1 45  ? -10.184 8.105   -9.079  1.00 23.62 ? 45  GLN B N   1 
ATOM   1023 C  CA  . GLN B 1 45  ? -9.837  8.664   -7.784  1.00 22.77 ? 45  GLN B CA  1 
ATOM   1024 C  C   . GLN B 1 45  ? -9.449  7.556   -6.826  1.00 21.39 ? 45  GLN B C   1 
ATOM   1025 O  O   . GLN B 1 45  ? -9.943  6.438   -6.938  1.00 19.88 ? 45  GLN B O   1 
ATOM   1026 C  CB  . GLN B 1 45  ? -10.989 9.497   -7.238  1.00 23.80 ? 45  GLN B CB  1 
ATOM   1027 C  CG  . GLN B 1 45  ? -11.377 10.689  -8.137  1.00 25.96 ? 45  GLN B CG  1 
ATOM   1028 C  CD  . GLN B 1 45  ? -12.402 11.587  -7.491  1.00 29.40 ? 45  GLN B CD  1 
ATOM   1029 O  OE1 . GLN B 1 45  ? -12.834 11.331  -6.377  1.00 33.78 ? 45  GLN B OE1 1 
ATOM   1030 N  NE2 . GLN B 1 45  ? -12.779 12.668  -8.189  1.00 33.35 ? 45  GLN B NE2 1 
ATOM   1031 N  N   . ALA B 1 46  ? -8.551  7.876   -5.886  1.00 19.49 ? 46  ALA B N   1 
ATOM   1032 C  CA  . ALA B 1 46  ? -8.119  6.907   -4.901  1.00 19.75 ? 46  ALA B CA  1 
ATOM   1033 C  C   . ALA B 1 46  ? -8.227  7.556   -3.538  1.00 19.22 ? 46  ALA B C   1 
ATOM   1034 O  O   . ALA B 1 46  ? -7.907  8.737   -3.391  1.00 19.21 ? 46  ALA B O   1 
ATOM   1035 C  CB  . ALA B 1 46  ? -6.675  6.473   -5.173  1.00 18.89 ? 46  ALA B CB  1 
ATOM   1036 N  N   . TRP B 1 47  ? -8.690  6.810   -2.568  1.00 18.15 ? 47  TRP B N   1 
ATOM   1037 C  CA  . TRP B 1 47  ? -8.892  7.324   -1.225  1.00 18.34 ? 47  TRP B CA  1 
ATOM   1038 C  C   . TRP B 1 47  ? -8.572  6.223   -0.202  1.00 19.05 ? 47  TRP B C   1 
ATOM   1039 O  O   . TRP B 1 47  ? -8.883  5.066   -0.419  1.00 17.70 ? 47  TRP B O   1 
ATOM   1040 C  CB  . TRP B 1 47  ? -10.338 7.771   -1.050  1.00 18.65 ? 47  TRP B CB  1 
ATOM   1041 C  CG  . TRP B 1 47  ? -10.712 8.087   0.380   1.00 19.29 ? 47  TRP B CG  1 
ATOM   1042 C  CD1 . TRP B 1 47  ? -10.607 9.305   1.013   1.00 20.47 ? 47  TRP B CD1 1 
ATOM   1043 C  CD2 . TRP B 1 47  ? -11.255 7.181   1.344   1.00 18.83 ? 47  TRP B CD2 1 
ATOM   1044 N  NE1 . TRP B 1 47  ? -11.042 9.195   2.316   1.00 20.68 ? 47  TRP B NE1 1 
ATOM   1045 C  CE2 . TRP B 1 47  ? -11.442 7.901   2.545   1.00 20.42 ? 47  TRP B CE2 1 
ATOM   1046 C  CE3 . TRP B 1 47  ? -11.601 5.831   1.319   1.00 19.93 ? 47  TRP B CE3 1 
ATOM   1047 C  CZ2 . TRP B 1 47  ? -11.961 7.313   3.697   1.00 22.02 ? 47  TRP B CZ2 1 
ATOM   1048 C  CZ3 . TRP B 1 47  ? -12.129 5.247   2.468   1.00 22.15 ? 47  TRP B CZ3 1 
ATOM   1049 C  CH2 . TRP B 1 47  ? -12.295 5.983   3.640   1.00 22.04 ? 47  TRP B CH2 1 
ATOM   1050 N  N   . CYS B 1 48  ? -7.993  6.631   0.926   1.00 18.73 ? 48  CYS B N   1 
ATOM   1051 C  CA  . CYS B 1 48  ? -7.695  5.713   2.019   1.00 21.49 ? 48  CYS B CA  1 
ATOM   1052 C  C   . CYS B 1 48  ? -7.568  6.523   3.305   1.00 21.05 ? 48  CYS B C   1 
ATOM   1053 O  O   . CYS B 1 48  ? -7.168  7.686   3.272   1.00 21.79 ? 48  CYS B O   1 
ATOM   1054 C  CB  . CYS B 1 48  ? -6.326  5.062   1.771   1.00 21.71 ? 48  CYS B CB  1 
ATOM   1055 S  SG  . CYS B 1 48  ? -6.225  3.287   1.315   1.00 32.31 ? 48  CYS B SG  1 
ATOM   1056 N  N   . GLN B 1 49  ? -7.929  5.921   4.420   1.00 20.53 ? 49  GLN B N   1 
ATOM   1057 C  CA  . GLN B 1 49  ? -7.639  6.490   5.730   1.00 20.98 ? 49  GLN B CA  1 
ATOM   1058 C  C   . GLN B 1 49  ? -6.673  5.524   6.409   1.00 20.65 ? 49  GLN B C   1 
ATOM   1059 O  O   . GLN B 1 49  ? -7.080  4.463   6.864   1.00 20.90 ? 49  GLN B O   1 
ATOM   1060 C  CB  . GLN B 1 49  ? -8.903  6.659   6.559   1.00 20.93 ? 49  GLN B CB  1 
ATOM   1061 C  CG  . GLN B 1 49  ? -9.362  8.102   6.645   1.00 24.02 ? 49  GLN B CG  1 
ATOM   1062 C  CD  . GLN B 1 49  ? -10.692 8.270   7.357   1.00 25.73 ? 49  GLN B CD  1 
ATOM   1063 O  OE1 . GLN B 1 49  ? -11.336 7.283   7.728   1.00 25.34 ? 49  GLN B OE1 1 
ATOM   1064 N  NE2 . GLN B 1 49  ? -11.119 9.526   7.537   1.00 26.25 ? 49  GLN B NE2 1 
HETATM 1065 N  N   . MSE B 1 50  ? -5.404  5.894   6.444   1.00 18.98 ? 50  MSE B N   1 
HETATM 1066 C  CA  . MSE B 1 50  ? -4.345  4.983   6.884   1.00 19.39 ? 50  MSE B CA  1 
HETATM 1067 C  C   . MSE B 1 50  ? -3.822  5.278   8.281   1.00 18.27 ? 50  MSE B C   1 
HETATM 1068 O  O   . MSE B 1 50  ? -3.268  6.327   8.524   1.00 18.31 ? 50  MSE B O   1 
HETATM 1069 C  CB  . MSE B 1 50  ? -3.165  5.072   5.904   1.00 19.60 ? 50  MSE B CB  1 
HETATM 1070 C  CG  . MSE B 1 50  ? -1.963  4.209   6.299   1.00 20.96 ? 50  MSE B CG  1 
HETATM 1071 SE SE  . MSE B 1 50  ? -2.211  2.331   5.841   1.00 20.44 ? 50  MSE B SE  1 
HETATM 1072 C  CE  . MSE B 1 50  ? -2.237  2.558   3.946   1.00 22.18 ? 50  MSE B CE  1 
ATOM   1073 N  N   . PRO B 1 51  ? -3.975  4.322   9.184   1.00 18.17 ? 51  PRO B N   1 
ATOM   1074 C  CA  . PRO B 1 51  ? -3.370  4.419   10.505  1.00 17.71 ? 51  PRO B CA  1 
ATOM   1075 C  C   . PRO B 1 51  ? -1.854  4.405   10.341  1.00 17.51 ? 51  PRO B C   1 
ATOM   1076 O  O   . PRO B 1 51  ? -1.350  3.566   9.595   1.00 16.54 ? 51  PRO B O   1 
ATOM   1077 C  CB  . PRO B 1 51  ? -3.841  3.142   11.207  1.00 17.94 ? 51  PRO B CB  1 
ATOM   1078 C  CG  . PRO B 1 51  ? -4.990  2.669   10.413  1.00 17.23 ? 51  PRO B CG  1 
ATOM   1079 C  CD  . PRO B 1 51  ? -4.692  3.056   8.993   1.00 18.20 ? 51  PRO B CD  1 
ATOM   1080 N  N   . VAL B 1 52  ? -1.145  5.321   11.025  1.00 16.02 ? 52  VAL B N   1 
ATOM   1081 C  CA  . VAL B 1 52  ? 0.291   5.402   10.891  1.00 16.79 ? 52  VAL B CA  1 
ATOM   1082 C  C   . VAL B 1 52  ? 0.944   5.328   12.260  1.00 16.93 ? 52  VAL B C   1 
ATOM   1083 O  O   . VAL B 1 52  ? 0.435   5.914   13.232  1.00 16.57 ? 52  VAL B O   1 
ATOM   1084 C  CB  . VAL B 1 52  ? 0.750   6.732   10.207  1.00 17.36 ? 52  VAL B CB  1 
ATOM   1085 C  CG1 . VAL B 1 52  ? 2.277   6.869   10.261  1.00 16.33 ? 52  VAL B CG1 1 
ATOM   1086 C  CG2 . VAL B 1 52  ? 0.253   6.794   8.767   1.00 18.05 ? 52  VAL B CG2 1 
ATOM   1087 N  N   . ILE B 1 53  ? 2.020   4.570   12.355  1.00 17.01 ? 53  ILE B N   1 
ATOM   1088 C  CA  . ILE B 1 53  ? 2.764   4.463   13.591  1.00 18.35 ? 53  ILE B CA  1 
ATOM   1089 C  C   . ILE B 1 53  ? 4.192   4.875   13.345  1.00 19.12 ? 53  ILE B C   1 
ATOM   1090 O  O   . ILE B 1 53  ? 4.866   4.365   12.440  1.00 17.16 ? 53  ILE B O   1 
ATOM   1091 C  CB  . ILE B 1 53  ? 2.692   3.024   14.145  1.00 18.72 ? 53  ILE B CB  1 
ATOM   1092 C  CG1 . ILE B 1 53  ? 1.308   2.778   14.759  1.00 19.02 ? 53  ILE B CG1 1 
ATOM   1093 C  CG2 . ILE B 1 53  ? 3.791   2.800   15.175  1.00 19.16 ? 53  ILE B CG2 1 
ATOM   1094 C  CD1 . ILE B 1 53  ? 1.018   1.365   15.079  1.00 20.96 ? 53  ILE B CD1 1 
ATOM   1095 N  N   . VAL B 1 54  ? 4.655   5.823   14.154  1.00 19.16 ? 54  VAL B N   1 
ATOM   1096 C  CA  . VAL B 1 54  ? 6.033   6.277   14.064  1.00 20.44 ? 54  VAL B CA  1 
ATOM   1097 C  C   . VAL B 1 54  ? 6.745   5.984   15.364  1.00 21.69 ? 54  VAL B C   1 
ATOM   1098 O  O   . VAL B 1 54  ? 6.412   6.560   16.391  1.00 20.68 ? 54  VAL B O   1 
ATOM   1099 C  CB  . VAL B 1 54  ? 6.096   7.778   13.804  1.00 21.05 ? 54  VAL B CB  1 
ATOM   1100 C  CG1 . VAL B 1 54  ? 7.540   8.217   13.530  1.00 21.59 ? 54  VAL B CG1 1 
ATOM   1101 C  CG2 . VAL B 1 54  ? 5.201   8.146   12.645  1.00 21.13 ? 54  VAL B CG2 1 
ATOM   1102 N  N   . SER B 1 55  ? 7.680   5.029   15.330  1.00 22.05 ? 55  SER B N   1 
ATOM   1103 C  CA  . SER B 1 55  ? 8.500   4.732   16.475  1.00 24.31 ? 55  SER B CA  1 
ATOM   1104 C  C   . SER B 1 55  ? 9.946   4.984   16.093  1.00 25.00 ? 55  SER B C   1 
ATOM   1105 O  O   . SER B 1 55  ? 10.390  4.622   15.015  1.00 26.72 ? 55  SER B O   1 
ATOM   1106 C  CB  . SER B 1 55  ? 8.303   3.302   16.990  1.00 24.72 ? 55  SER B CB  1 
ATOM   1107 O  OG  . SER B 1 55  ? 7.816   2.443   15.997  1.00 24.92 ? 55  SER B OG  1 
ATOM   1108 N  N   . GLY B 1 56  ? 10.671  5.607   16.973  1.00 26.24 ? 56  GLY B N   1 
ATOM   1109 C  CA  . GLY B 1 56  ? 12.011  6.034   16.655  1.00 27.37 ? 56  GLY B CA  1 
ATOM   1110 C  C   . GLY B 1 56  ? 12.111  7.478   17.048  1.00 27.00 ? 56  GLY B C   1 
ATOM   1111 O  O   . GLY B 1 56  ? 11.388  8.321   16.510  1.00 27.19 ? 56  GLY B O   1 
ATOM   1112 N  N   . HIS B 1 57  ? 12.997  7.756   17.988  1.00 27.18 ? 57  HIS B N   1 
ATOM   1113 C  CA  . HIS B 1 57  ? 13.190  9.088   18.520  1.00 27.70 ? 57  HIS B CA  1 
ATOM   1114 C  C   . HIS B 1 57  ? 13.654  10.052  17.448  1.00 27.63 ? 57  HIS B C   1 
ATOM   1115 O  O   . HIS B 1 57  ? 13.545  11.256  17.618  1.00 28.29 ? 57  HIS B O   1 
ATOM   1116 C  CB  . HIS B 1 57  ? 14.216  9.050   19.651  1.00 27.77 ? 57  HIS B CB  1 
ATOM   1117 C  CG  . HIS B 1 57  ? 15.626  8.956   19.168  1.00 28.46 ? 57  HIS B CG  1 
ATOM   1118 N  ND1 . HIS B 1 57  ? 16.184  7.774   18.730  1.00 28.28 ? 57  HIS B ND1 1 
ATOM   1119 C  CD2 . HIS B 1 57  ? 16.585  9.904   19.029  1.00 29.48 ? 57  HIS B CD2 1 
ATOM   1120 C  CE1 . HIS B 1 57  ? 17.440  7.992   18.376  1.00 30.60 ? 57  HIS B CE1 1 
ATOM   1121 N  NE2 . HIS B 1 57  ? 17.710  9.275   18.550  1.00 29.46 ? 57  HIS B NE2 1 
ATOM   1122 N  N   . GLU B 1 58  ? 14.212  9.519   16.370  1.00 28.51 ? 58  GLU B N   1 
ATOM   1123 C  CA  . GLU B 1 58  ? 14.693  10.339  15.254  1.00 29.81 ? 58  GLU B CA  1 
ATOM   1124 C  C   . GLU B 1 58  ? 13.550  11.178  14.684  1.00 30.42 ? 58  GLU B C   1 
ATOM   1125 O  O   . GLU B 1 58  ? 13.734  12.333  14.364  1.00 30.40 ? 58  GLU B O   1 
ATOM   1126 C  CB  . GLU B 1 58  ? 15.309  9.466   14.153  1.00 30.04 ? 58  GLU B CB  1 
ATOM   1127 C  CG  . GLU B 1 58  ? 14.350  8.495   13.485  1.00 30.67 ? 58  GLU B CG  1 
ATOM   1128 C  CD  . GLU B 1 58  ? 14.426  7.104   14.074  1.00 31.86 ? 58  GLU B CD  1 
ATOM   1129 O  OE1 . GLU B 1 58  ? 14.519  6.994   15.324  1.00 31.08 ? 58  GLU B OE1 1 
ATOM   1130 O  OE2 . GLU B 1 58  ? 14.423  6.126   13.288  1.00 30.61 ? 58  GLU B OE2 1 
ATOM   1131 N  N   . ASN B 1 59  ? 12.377  10.575  14.575  1.00 31.03 ? 59  ASN B N   1 
ATOM   1132 C  CA  . ASN B 1 59  ? 11.204  11.264  14.081  1.00 32.98 ? 59  ASN B CA  1 
ATOM   1133 C  C   . ASN B 1 59  ? 10.224  11.528  15.210  1.00 33.87 ? 59  ASN B C   1 
ATOM   1134 O  O   . ASN B 1 59  ? 9.136   10.936  15.246  1.00 35.06 ? 59  ASN B O   1 
ATOM   1135 C  CB  . ASN B 1 59  ? 10.472  10.426  13.022  1.00 32.26 ? 59  ASN B CB  1 
ATOM   1136 C  CG  . ASN B 1 59  ? 11.351  10.007  11.909  1.00 33.31 ? 59  ASN B CG  1 
ATOM   1137 O  OD1 . ASN B 1 59  ? 11.476  8.811   11.623  1.00 36.27 ? 59  ASN B OD1 1 
ATOM   1138 N  ND2 . ASN B 1 59  ? 11.961  10.973  11.238  1.00 33.30 ? 59  ASN B ND2 1 
ATOM   1139 N  N   . GLN B 1 60  ? 10.600  12.375  16.148  1.00 34.40 ? 60  GLN B N   1 
ATOM   1140 C  CA  . GLN B 1 60  ? 9.691   12.711  17.227  1.00 34.61 ? 60  GLN B CA  1 
ATOM   1141 C  C   . GLN B 1 60  ? 9.552   14.213  17.354  1.00 34.54 ? 60  GLN B C   1 
ATOM   1142 O  O   . GLN B 1 60  ? 8.625   14.704  17.979  1.00 35.41 ? 60  GLN B O   1 
ATOM   1143 C  CB  . GLN B 1 60  ? 10.108  12.044  18.543  1.00 35.00 ? 60  GLN B CB  1 
ATOM   1144 C  CG  . GLN B 1 60  ? 10.059  10.492  18.497  1.00 36.19 ? 60  GLN B CG  1 
ATOM   1145 C  CD  . GLN B 1 60  ? 8.680   9.914   18.848  1.00 38.04 ? 60  GLN B CD  1 
ATOM   1146 O  OE1 . GLN B 1 60  ? 7.813   10.622  19.357  1.00 39.47 ? 60  GLN B OE1 1 
ATOM   1147 N  NE2 . GLN B 1 60  ? 8.489   8.634   18.578  1.00 38.89 ? 60  GLN B NE2 1 
ATOM   1148 N  N   . ALA B 1 61  ? 10.466  14.951  16.740  1.00 34.77 ? 61  ALA B N   1 
ATOM   1149 C  CA  . ALA B 1 61  ? 10.347  16.404  16.711  1.00 34.54 ? 61  ALA B CA  1 
ATOM   1150 C  C   . ALA B 1 61  ? 9.302   16.790  15.687  1.00 34.41 ? 61  ALA B C   1 
ATOM   1151 O  O   . ALA B 1 61  ? 8.386   17.559  15.971  1.00 34.46 ? 61  ALA B O   1 
ATOM   1152 C  CB  . ALA B 1 61  ? 11.690  17.050  16.375  1.00 34.93 ? 61  ALA B CB  1 
ATOM   1153 N  N   . ILE B 1 62  ? 9.436   16.232  14.486  1.00 34.16 ? 62  ILE B N   1 
ATOM   1154 C  CA  . ILE B 1 62  ? 8.499   16.500  13.402  1.00 33.88 ? 62  ILE B CA  1 
ATOM   1155 C  C   . ILE B 1 62  ? 7.092   16.056  13.765  1.00 33.44 ? 62  ILE B C   1 
ATOM   1156 O  O   . ILE B 1 62  ? 6.129   16.752  13.486  1.00 32.49 ? 62  ILE B O   1 
ATOM   1157 C  CB  . ILE B 1 62  ? 8.955   15.784  12.116  1.00 34.41 ? 62  ILE B CB  1 
ATOM   1158 C  CG1 . ILE B 1 62  ? 9.488   14.394  12.438  1.00 34.72 ? 62  ILE B CG1 1 
ATOM   1159 C  CG2 . ILE B 1 62  ? 10.017  16.582  11.407  1.00 34.02 ? 62  ILE B CG2 1 
ATOM   1160 C  CD1 . ILE B 1 62  ? 10.020  13.666  11.237  1.00 35.98 ? 62  ILE B CD1 1 
ATOM   1161 N  N   . THR B 1 63  ? 6.997   14.894  14.408  1.00 33.27 ? 63  THR B N   1 
ATOM   1162 C  CA  . THR B 1 63  ? 5.720   14.315  14.800  1.00 34.12 ? 63  THR B CA  1 
ATOM   1163 C  C   . THR B 1 63  ? 4.879   15.246  15.668  1.00 34.28 ? 63  THR B C   1 
ATOM   1164 O  O   . THR B 1 63  ? 3.689   15.416  15.439  1.00 34.73 ? 63  THR B O   1 
ATOM   1165 C  CB  . THR B 1 63  ? 5.946   12.996  15.540  1.00 34.70 ? 63  THR B CB  1 
ATOM   1166 O  OG1 . THR B 1 63  ? 6.068   11.928  14.593  1.00 34.60 ? 63  THR B OG1 1 
ATOM   1167 C  CG2 . THR B 1 63  ? 4.723   12.616  16.331  1.00 35.75 ? 63  THR B CG2 1 
ATOM   1168 N  N   . HIS B 1 64  ? 5.508   15.861  16.651  1.00 34.37 ? 64  HIS B N   1 
ATOM   1169 C  CA  . HIS B 1 64  ? 4.775   16.665  17.624  1.00 34.92 ? 64  HIS B CA  1 
ATOM   1170 C  C   . HIS B 1 64  ? 4.408   18.065  17.127  1.00 34.76 ? 64  HIS B C   1 
ATOM   1171 O  O   . HIS B 1 64  ? 3.718   18.812  17.808  1.00 34.65 ? 64  HIS B O   1 
ATOM   1172 C  CB  . HIS B 1 64  ? 5.534   16.692  18.943  1.00 35.54 ? 64  HIS B CB  1 
ATOM   1173 C  CG  . HIS B 1 64  ? 5.987   15.334  19.385  1.00 35.77 ? 64  HIS B CG  1 
ATOM   1174 N  ND1 . HIS B 1 64  ? 5.977   14.932  20.704  1.00 36.63 ? 64  HIS B ND1 1 
ATOM   1175 C  CD2 . HIS B 1 64  ? 6.429   14.271  18.672  1.00 36.95 ? 64  HIS B CD2 1 
ATOM   1176 C  CE1 . HIS B 1 64  ? 6.421   13.688  20.788  1.00 36.99 ? 64  HIS B CE1 1 
ATOM   1177 N  NE2 . HIS B 1 64  ? 6.694   13.262  19.566  1.00 38.34 ? 64  HIS B NE2 1 
ATOM   1178 N  N   . SER B 1 65  ? 4.857   18.390  15.920  1.00 34.80 ? 65  SER B N   1 
ATOM   1179 C  CA  . SER B 1 65  ? 4.464   19.619  15.260  1.00 34.59 ? 65  SER B CA  1 
ATOM   1180 C  C   . SER B 1 65  ? 3.160   19.322  14.533  1.00 34.63 ? 65  SER B C   1 
ATOM   1181 O  O   . SER B 1 65  ? 2.190   20.059  14.649  1.00 34.99 ? 65  SER B O   1 
ATOM   1182 C  CB  . SER B 1 65  ? 5.530   20.049  14.257  1.00 34.69 ? 65  SER B CB  1 
ATOM   1183 O  OG  . SER B 1 65  ? 5.421   19.303  13.048  1.00 35.79 ? 65  SER B OG  1 
ATOM   1184 N  N   . ILE B 1 66  ? 3.153   18.213  13.810  1.00 33.75 ? 66  ILE B N   1 
ATOM   1185 C  CA  . ILE B 1 66  ? 1.990   17.756  13.066  1.00 33.76 ? 66  ILE B CA  1 
ATOM   1186 C  C   . ILE B 1 66  ? 0.689   17.916  13.844  1.00 33.49 ? 66  ILE B C   1 
ATOM   1187 O  O   . ILE B 1 66  ? 0.591   17.536  15.008  1.00 32.72 ? 66  ILE B O   1 
ATOM   1188 C  CB  . ILE B 1 66  ? 2.152   16.279  12.686  1.00 33.37 ? 66  ILE B CB  1 
ATOM   1189 C  CG1 . ILE B 1 66  ? 3.456   16.060  11.919  1.00 33.76 ? 66  ILE B CG1 1 
ATOM   1190 C  CG2 . ILE B 1 66  ? 0.973   15.826  11.891  1.00 34.23 ? 66  ILE B CG2 1 
ATOM   1191 C  CD1 . ILE B 1 66  ? 3.848   14.604  11.783  1.00 35.14 ? 66  ILE B CD1 1 
ATOM   1192 N  N   . THR B 1 67  ? -0.317  18.468  13.173  1.00 33.26 ? 67  THR B N   1 
ATOM   1193 C  CA  . THR B 1 67  ? -1.652  18.570  13.727  1.00 33.41 ? 67  THR B CA  1 
ATOM   1194 C  C   . THR B 1 67  ? -2.634  18.229  12.624  1.00 33.12 ? 67  THR B C   1 
ATOM   1195 O  O   . THR B 1 67  ? -2.274  18.221  11.451  1.00 33.06 ? 67  THR B O   1 
ATOM   1196 C  CB  . THR B 1 67  ? -1.923  19.993  14.243  1.00 33.97 ? 67  THR B CB  1 
ATOM   1197 O  OG1 . THR B 1 67  ? -3.321  20.142  14.533  1.00 34.76 ? 67  THR B OG1 1 
ATOM   1198 C  CG2 . THR B 1 67  ? -1.695  21.021  13.137  1.00 33.70 ? 67  THR B CG2 1 
ATOM   1199 N  N   . VAL B 1 68  ? -3.867  17.933  12.999  1.00 32.76 ? 68  VAL B N   1 
ATOM   1200 C  CA  . VAL B 1 68  ? -4.893  17.647  12.010  1.00 32.77 ? 68  VAL B CA  1 
ATOM   1201 C  C   . VAL B 1 68  ? -4.915  18.771  10.980  1.00 31.97 ? 68  VAL B C   1 
ATOM   1202 O  O   . VAL B 1 68  ? -4.891  19.944  11.344  1.00 32.02 ? 68  VAL B O   1 
ATOM   1203 C  CB  . VAL B 1 68  ? -6.283  17.521  12.662  1.00 32.89 ? 68  VAL B CB  1 
ATOM   1204 C  CG1 . VAL B 1 68  ? -7.348  17.253  11.609  1.00 34.19 ? 68  VAL B CG1 1 
ATOM   1205 C  CG2 . VAL B 1 68  ? -6.273  16.419  13.709  1.00 33.11 ? 68  VAL B CG2 1 
ATOM   1206 N  N   . GLY B 1 69  ? -4.936  18.410  9.702   1.00 31.15 ? 69  GLY B N   1 
ATOM   1207 C  CA  . GLY B 1 69  ? -4.925  19.382  8.634   1.00 29.98 ? 69  GLY B CA  1 
ATOM   1208 C  C   . GLY B 1 69  ? -3.553  19.523  8.012   1.00 29.64 ? 69  GLY B C   1 
ATOM   1209 O  O   . GLY B 1 69  ? -3.409  20.046  6.916   1.00 30.36 ? 69  GLY B O   1 
ATOM   1210 N  N   . SER B 1 70  ? -2.532  19.075  8.728   1.00 29.10 ? 70  SER B N   1 
ATOM   1211 C  CA  . SER B 1 70  ? -1.167  19.128  8.207   1.00 28.60 ? 70  SER B CA  1 
ATOM   1212 C  C   . SER B 1 70  ? -1.030  18.192  7.005   1.00 27.11 ? 70  SER B C   1 
ATOM   1213 O  O   . SER B 1 70  ? -1.528  17.085  7.042   1.00 27.04 ? 70  SER B O   1 
ATOM   1214 C  CB  . SER B 1 70  ? -0.161  18.712  9.283   1.00 28.57 ? 70  SER B CB  1 
ATOM   1215 O  OG  . SER B 1 70  ? -0.004  19.718  10.278  1.00 29.47 ? 70  SER B OG  1 
ATOM   1216 N  N   . ARG B 1 71  ? -0.369  18.669  5.950   1.00 26.42 ? 71  ARG B N   1 
ATOM   1217 C  CA  . ARG B 1 71  ? -0.121  17.870  4.755   1.00 26.30 ? 71  ARG B CA  1 
ATOM   1218 C  C   . ARG B 1 71  ? 1.282   17.234  4.838   1.00 25.61 ? 71  ARG B C   1 
ATOM   1219 O  O   . ARG B 1 71  ? 2.307   17.941  4.858   1.00 25.23 ? 71  ARG B O   1 
ATOM   1220 C  CB  . ARG B 1 71  ? -0.249  18.719  3.503   1.00 26.65 ? 71  ARG B CB  1 
ATOM   1221 C  CG  . ARG B 1 71  ? -1.646  19.338  3.321   1.00 29.23 ? 71  ARG B CG  1 
ATOM   1222 C  CD  . ARG B 1 71  ? -2.760  18.297  3.252   1.00 33.04 ? 71  ARG B CD  1 
ATOM   1223 N  NE  . ARG B 1 71  ? -4.026  18.802  3.786   1.00 35.81 ? 71  ARG B NE  1 
ATOM   1224 C  CZ  . ARG B 1 71  ? -4.293  20.072  4.022   1.00 38.20 ? 71  ARG B CZ  1 
ATOM   1225 N  NH1 . ARG B 1 71  ? -3.385  21.010  3.776   1.00 39.50 ? 71  ARG B NH1 1 
ATOM   1226 N  NH2 . ARG B 1 71  ? -5.481  20.427  4.512   1.00 41.44 ? 71  ARG B NH2 1 
ATOM   1227 N  N   . ILE B 1 72  ? 1.322   15.909  4.900   1.00 23.70 ? 72  ILE B N   1 
ATOM   1228 C  CA  . ILE B 1 72  ? 2.575   15.201  5.032   1.00 22.54 ? 72  ILE B CA  1 
ATOM   1229 C  C   . ILE B 1 72  ? 2.747   14.092  3.998   1.00 21.78 ? 72  ILE B C   1 
ATOM   1230 O  O   . ILE B 1 72  ? 1.784   13.659  3.368   1.00 20.93 ? 72  ILE B O   1 
ATOM   1231 C  CB  . ILE B 1 72  ? 2.707   14.582  6.446   1.00 23.20 ? 72  ILE B CB  1 
ATOM   1232 C  CG1 . ILE B 1 72  ? 1.452   13.798  6.821   1.00 23.33 ? 72  ILE B CG1 1 
ATOM   1233 C  CG2 . ILE B 1 72  ? 3.011   15.666  7.496   1.00 22.86 ? 72  ILE B CG2 1 
ATOM   1234 C  CD1 . ILE B 1 72  ? 1.654   12.856  7.981   1.00 23.84 ? 72  ILE B CD1 1 
ATOM   1235 N  N   . THR B 1 73  ? 3.998   13.669  3.826   1.00 20.37 ? 73  THR B N   1 
ATOM   1236 C  CA  . THR B 1 73  ? 4.329   12.510  2.996   1.00 20.58 ? 73  THR B CA  1 
ATOM   1237 C  C   . THR B 1 73  ? 5.044   11.495  3.874   1.00 20.00 ? 73  THR B C   1 
ATOM   1238 O  O   . THR B 1 73  ? 6.056   11.815  4.505   1.00 20.43 ? 73  THR B O   1 
ATOM   1239 C  CB  . THR B 1 73  ? 5.210   12.932  1.832   1.00 20.94 ? 73  THR B CB  1 
ATOM   1240 O  OG1 . THR B 1 73  ? 4.419   13.664  0.902   1.00 21.32 ? 73  THR B OG1 1 
ATOM   1241 C  CG2 . THR B 1 73  ? 5.649   11.688  1.016   1.00 22.28 ? 73  THR B CG2 1 
ATOM   1242 N  N   . VAL B 1 74  ? 4.504   10.283  3.957   1.00 18.90 ? 74  VAL B N   1 
ATOM   1243 C  CA  . VAL B 1 74  ? 5.043   9.272   4.826   1.00 18.23 ? 74  VAL B CA  1 
ATOM   1244 C  C   . VAL B 1 74  ? 5.587   8.080   4.037   1.00 17.88 ? 74  VAL B C   1 
ATOM   1245 O  O   . VAL B 1 74  ? 5.043   7.730   2.980   1.00 17.65 ? 74  VAL B O   1 
ATOM   1246 C  CB  . VAL B 1 74  ? 3.969   8.779   5.811   1.00 18.57 ? 74  VAL B CB  1 
ATOM   1247 C  CG1 . VAL B 1 74  ? 4.499   7.668   6.676   1.00 19.08 ? 74  VAL B CG1 1 
ATOM   1248 C  CG2 . VAL B 1 74  ? 3.470   9.945   6.685   1.00 18.59 ? 74  VAL B CG2 1 
ATOM   1249 N  N   . GLN B 1 75  ? 6.672   7.479   4.546   1.00 15.84 ? 75  GLN B N   1 
ATOM   1250 C  CA  . GLN B 1 75  ? 7.239   6.297   3.922   1.00 15.91 ? 75  GLN B CA  1 
ATOM   1251 C  C   . GLN B 1 75  ? 7.544   5.224   4.966   1.00 15.62 ? 75  GLN B C   1 
ATOM   1252 O  O   . GLN B 1 75  ? 8.073   5.523   6.062   1.00 15.18 ? 75  GLN B O   1 
ATOM   1253 C  CB  . GLN B 1 75  ? 8.498   6.630   3.144   1.00 16.29 ? 75  GLN B CB  1 
ATOM   1254 C  CG  . GLN B 1 75  ? 9.086   5.411   2.399   1.00 19.21 ? 75  GLN B CG  1 
ATOM   1255 C  CD  . GLN B 1 75  ? 10.486  5.675   1.895   1.00 21.74 ? 75  GLN B CD  1 
ATOM   1256 O  OE1 . GLN B 1 75  ? 10.729  6.665   1.217   1.00 22.92 ? 75  GLN B OE1 1 
ATOM   1257 N  NE2 . GLN B 1 75  ? 11.415  4.797   2.253   1.00 25.44 ? 75  GLN B NE2 1 
ATOM   1258 N  N   . GLY B 1 76  ? 7.197   3.989   4.655   1.00 13.61 ? 76  GLY B N   1 
ATOM   1259 C  CA  . GLY B 1 76  ? 7.448   2.889   5.564   1.00 13.26 ? 76  GLY B CA  1 
ATOM   1260 C  C   . GLY B 1 76  ? 6.924   1.590   5.025   1.00 12.75 ? 76  GLY B C   1 
ATOM   1261 O  O   . GLY B 1 76  ? 6.717   1.451   3.824   1.00 12.30 ? 76  GLY B O   1 
ATOM   1262 N  N   . PHE B 1 77  ? 6.743   0.627   5.917   1.00 12.52 ? 77  PHE B N   1 
ATOM   1263 C  CA  . PHE B 1 77  ? 6.224   -0.681  5.514   1.00 12.86 ? 77  PHE B CA  1 
ATOM   1264 C  C   . PHE B 1 77  ? 4.841   -0.872  6.101   1.00 13.47 ? 77  PHE B C   1 
ATOM   1265 O  O   . PHE B 1 77  ? 4.500   -0.251  7.130   1.00 13.40 ? 77  PHE B O   1 
ATOM   1266 C  CB  . PHE B 1 77  ? 7.173   -1.815  5.923   1.00 12.40 ? 77  PHE B CB  1 
ATOM   1267 C  CG  . PHE B 1 77  ? 7.262   -2.048  7.400   1.00 13.23 ? 77  PHE B CG  1 
ATOM   1268 C  CD1 . PHE B 1 77  ? 6.403   -2.917  8.037   1.00 13.73 ? 77  PHE B CD1 1 
ATOM   1269 C  CD2 . PHE B 1 77  ? 8.264   -1.423  8.151   1.00 15.53 ? 77  PHE B CD2 1 
ATOM   1270 C  CE1 . PHE B 1 77  ? 6.494   -3.154  9.388   1.00 16.01 ? 77  PHE B CE1 1 
ATOM   1271 C  CE2 . PHE B 1 77  ? 8.369   -1.645  9.515   1.00 16.02 ? 77  PHE B CE2 1 
ATOM   1272 C  CZ  . PHE B 1 77  ? 7.493   -2.530  10.145  1.00 16.04 ? 77  PHE B CZ  1 
ATOM   1273 N  N   . ILE B 1 78  ? 4.021   -1.695  5.450   1.00 13.07 ? 78  ILE B N   1 
ATOM   1274 C  CA  . ILE B 1 78  ? 2.676   -1.934  5.943   1.00 13.72 ? 78  ILE B CA  1 
ATOM   1275 C  C   . ILE B 1 78  ? 2.599   -3.278  6.647   1.00 14.31 ? 78  ILE B C   1 
ATOM   1276 O  O   . ILE B 1 78  ? 3.304   -4.219  6.299   1.00 12.81 ? 78  ILE B O   1 
ATOM   1277 C  CB  . ILE B 1 78  ? 1.649   -1.894  4.798   1.00 14.80 ? 78  ILE B CB  1 
ATOM   1278 C  CG1 . ILE B 1 78  ? 2.049   -2.901  3.704   1.00 15.42 ? 78  ILE B CG1 1 
ATOM   1279 C  CG2 . ILE B 1 78  ? 1.535   -0.462  4.249   1.00 14.24 ? 78  ILE B CG2 1 
ATOM   1280 C  CD1 . ILE B 1 78  ? 0.962   -3.121  2.648   1.00 18.52 ? 78  ILE B CD1 1 
ATOM   1281 N  N   . SER B 1 79  ? 1.734   -3.344  7.654   1.00 14.80 ? 79  SER B N   1 
ATOM   1282 C  CA  . SER B 1 79  ? 1.477   -4.561  8.356   1.00 17.84 ? 79  SER B CA  1 
ATOM   1283 C  C   . SER B 1 79  ? -0.005  -4.628  8.723   1.00 19.43 ? 79  SER B C   1 
ATOM   1284 O  O   . SER B 1 79  ? -0.669  -3.600  8.920   1.00 19.15 ? 79  SER B O   1 
ATOM   1285 C  CB  . SER B 1 79  ? 2.348   -4.664  9.601   1.00 18.00 ? 79  SER B CB  1 
ATOM   1286 O  OG  . SER B 1 79  ? 2.524   -6.028  9.943   1.00 21.10 ? 79  SER B OG  1 
ATOM   1287 N  N   . CYS B 1 80  ? -0.515  -5.830  8.835   1.00 20.24 ? 80  CYS B N   1 
ATOM   1288 C  CA  . CYS B 1 80  ? -1.932  -6.000  9.094   1.00 23.40 ? 80  CYS B CA  1 
ATOM   1289 C  C   . CYS B 1 80  ? -2.179  -6.574  10.467  1.00 23.79 ? 80  CYS B C   1 
ATOM   1290 O  O   . CYS B 1 80  ? -1.781  -7.682  10.749  1.00 24.18 ? 80  CYS B O   1 
ATOM   1291 C  CB  . CYS B 1 80  ? -2.585  -6.870  8.023   1.00 22.95 ? 80  CYS B CB  1 
ATOM   1292 S  SG  . CYS B 1 80  ? -2.866  -5.962  6.493   1.00 31.18 ? 80  CYS B SG  1 
ATOM   1293 N  N   . HIS B 1 81  ? -2.821  -5.772  11.319  1.00 25.13 ? 81  HIS B N   1 
ATOM   1294 C  CA  . HIS B 1 81  ? -3.122  -6.150  12.694  1.00 26.25 ? 81  HIS B CA  1 
ATOM   1295 C  C   . HIS B 1 81  ? -4.477  -6.872  12.801  1.00 26.21 ? 81  HIS B C   1 
ATOM   1296 O  O   . HIS B 1 81  ? -5.408  -6.606  12.026  1.00 26.57 ? 81  HIS B O   1 
ATOM   1297 C  CB  . HIS B 1 81  ? -3.117  -4.904  13.590  1.00 26.06 ? 81  HIS B CB  1 
ATOM   1298 C  CG  . HIS B 1 81  ? -1.802  -4.185  13.621  1.00 27.65 ? 81  HIS B CG  1 
ATOM   1299 N  ND1 . HIS B 1 81  ? -1.243  -3.592  12.505  1.00 29.35 ? 81  HIS B ND1 1 
ATOM   1300 C  CD2 . HIS B 1 81  ? -0.920  -3.983  14.630  1.00 29.11 ? 81  HIS B CD2 1 
ATOM   1301 C  CE1 . HIS B 1 81  ? -0.086  -3.042  12.829  1.00 28.12 ? 81  HIS B CE1 1 
ATOM   1302 N  NE2 . HIS B 1 81  ? 0.136   -3.263  14.108  1.00 31.25 ? 81  HIS B NE2 1 
HETATM 1303 N  N   . MSE B 1 90  ? -5.121  -2.497  8.568   1.00 23.64 ? 90  MSE B N   1 
HETATM 1304 C  CA  . MSE B 1 90  ? -3.772  -2.285  8.073   1.00 23.74 ? 90  MSE B CA  1 
HETATM 1305 C  C   . MSE B 1 90  ? -3.157  -0.991  8.593   1.00 22.29 ? 90  MSE B C   1 
HETATM 1306 O  O   . MSE B 1 90  ? -3.821  0.047   8.631   1.00 22.34 ? 90  MSE B O   1 
HETATM 1307 C  CB  . MSE B 1 90  ? -3.741  -2.297  6.536   1.00 24.71 ? 90  MSE B CB  1 
HETATM 1308 C  CG  . MSE B 1 90  ? -3.079  -3.568  5.974   1.00 29.43 ? 90  MSE B CG  1 
HETATM 1309 SE SE  . MSE B 1 90  ? -3.640  -3.934  4.162   1.00 43.29 ? 90  MSE B SE  1 
HETATM 1310 C  CE  . MSE B 1 90  ? -3.015  -2.366  3.432   1.00 36.21 ? 90  MSE B CE  1 
ATOM   1311 N  N   . VAL B 1 91  ? -1.891  -1.057  9.019   1.00 19.64 ? 91  VAL B N   1 
ATOM   1312 C  CA  . VAL B 1 91  ? -1.209  0.150   9.437   1.00 18.99 ? 91  VAL B CA  1 
ATOM   1313 C  C   . VAL B 1 91  ? 0.121   0.346   8.735   1.00 17.76 ? 91  VAL B C   1 
ATOM   1314 O  O   . VAL B 1 91  ? 0.791   -0.629  8.355   1.00 17.96 ? 91  VAL B O   1 
ATOM   1315 C  CB  . VAL B 1 91  ? -1.018  0.251   10.973  1.00 19.48 ? 91  VAL B CB  1 
ATOM   1316 C  CG1 . VAL B 1 91  ? -2.076  -0.564  11.738  1.00 20.96 ? 91  VAL B CG1 1 
ATOM   1317 C  CG2 . VAL B 1 91  ? 0.364   -0.150  11.389  1.00 20.67 ? 91  VAL B CG2 1 
ATOM   1318 N  N   . LEU B 1 92  ? 0.482   1.594   8.572   1.00 15.75 ? 92  LEU B N   1 
ATOM   1319 C  CA  . LEU B 1 92  ? 1.744   1.996   7.945   1.00 16.87 ? 92  LEU B CA  1 
ATOM   1320 C  C   . LEU B 1 92  ? 2.761   2.301   9.040   1.00 17.07 ? 92  LEU B C   1 
ATOM   1321 O  O   . LEU B 1 92  ? 2.589   3.270   9.812   1.00 16.60 ? 92  LEU B O   1 
ATOM   1322 C  CB  . LEU B 1 92  ? 1.513   3.233   7.074   1.00 16.36 ? 92  LEU B CB  1 
ATOM   1323 C  CG  . LEU B 1 92  ? 2.689   4.102   6.653   1.00 17.32 ? 92  LEU B CG  1 
ATOM   1324 C  CD1 . LEU B 1 92  ? 3.832   3.259   6.107   1.00 18.87 ? 92  LEU B CD1 1 
ATOM   1325 C  CD2 . LEU B 1 92  ? 2.255   5.134   5.601   1.00 17.12 ? 92  LEU B CD2 1 
ATOM   1326 N  N   . HIS B 1 93  ? 3.786   1.484   9.142   1.00 15.55 ? 93  HIS B N   1 
ATOM   1327 C  CA  . HIS B 1 93  ? 4.855   1.718   10.108  1.00 17.09 ? 93  HIS B CA  1 
ATOM   1328 C  C   . HIS B 1 93  ? 5.864   2.628   9.446   1.00 18.08 ? 93  HIS B C   1 
ATOM   1329 O  O   . HIS B 1 93  ? 6.697   2.180   8.648   1.00 16.43 ? 93  HIS B O   1 
ATOM   1330 C  CB  . HIS B 1 93  ? 5.524   0.404   10.525  1.00 16.82 ? 93  HIS B CB  1 
ATOM   1331 C  CG  . HIS B 1 93  ? 4.644   -0.467  11.346  1.00 17.85 ? 93  HIS B CG  1 
ATOM   1332 N  ND1 . HIS B 1 93  ? 4.773   -0.572  12.712  1.00 20.04 ? 93  HIS B ND1 1 
ATOM   1333 C  CD2 . HIS B 1 93  ? 3.613   -1.274  10.999  1.00 18.62 ? 93  HIS B CD2 1 
ATOM   1334 C  CE1 . HIS B 1 93  ? 3.866   -1.417  13.172  1.00 20.31 ? 93  HIS B CE1 1 
ATOM   1335 N  NE2 . HIS B 1 93  ? 3.148   -1.851  12.151  1.00 20.71 ? 93  HIS B NE2 1 
ATOM   1336 N  N   . ALA B 1 94  ? 5.783   3.912   9.797   1.00 17.47 ? 94  ALA B N   1 
ATOM   1337 C  CA  . ALA B 1 94  ? 6.538   4.940   9.116   1.00 19.53 ? 94  ALA B CA  1 
ATOM   1338 C  C   . ALA B 1 94  ? 8.022   5.008   9.519   1.00 21.10 ? 94  ALA B C   1 
ATOM   1339 O  O   . ALA B 1 94  ? 8.360   4.989   10.686  1.00 22.11 ? 94  ALA B O   1 
ATOM   1340 C  CB  . ALA B 1 94  ? 5.880   6.271   9.289   1.00 19.56 ? 94  ALA B CB  1 
ATOM   1341 N  N   . GLU B 1 95  ? 8.864   5.125   8.513   1.00 21.93 ? 95  GLU B N   1 
ATOM   1342 C  CA  . GLU B 1 95  ? 10.294  5.237   8.648   1.00 23.52 ? 95  GLU B CA  1 
ATOM   1343 C  C   . GLU B 1 95  ? 10.693  6.703   8.435   1.00 24.15 ? 95  GLU B C   1 
ATOM   1344 O  O   . GLU B 1 95  ? 11.597  7.216   9.110   1.00 22.91 ? 95  GLU B O   1 
ATOM   1345 C  CB  . GLU B 1 95  ? 10.947  4.345   7.581   1.00 23.80 ? 95  GLU B CB  1 
ATOM   1346 C  CG  . GLU B 1 95  ? 12.395  4.633   7.290   1.00 27.42 ? 95  GLU B CG  1 
ATOM   1347 C  CD  . GLU B 1 95  ? 13.066  3.501   6.558   1.00 30.59 ? 95  GLU B CD  1 
ATOM   1348 O  OE1 . GLU B 1 95  ? 14.179  3.083   6.995   1.00 32.82 ? 95  GLU B OE1 1 
ATOM   1349 O  OE2 . GLU B 1 95  ? 12.495  3.016   5.550   1.00 32.46 ? 95  GLU B OE2 1 
ATOM   1350 N  N   . GLN B 1 96  ? 10.013  7.361   7.501   1.00 23.47 ? 96  GLN B N   1 
ATOM   1351 C  CA  . GLN B 1 96  ? 10.255  8.743   7.163   1.00 25.14 ? 96  GLN B CA  1 
ATOM   1352 C  C   . GLN B 1 96  ? 8.924   9.483   7.086   1.00 25.52 ? 96  GLN B C   1 
ATOM   1353 O  O   . GLN B 1 96  ? 7.903   8.901   6.723   1.00 24.62 ? 96  GLN B O   1 
ATOM   1354 C  CB  . GLN B 1 96  ? 10.977  8.871   5.819   1.00 25.37 ? 96  GLN B CB  1 
ATOM   1355 C  CG  . GLN B 1 96  ? 12.437  8.494   5.870   1.00 29.63 ? 96  GLN B CG  1 
ATOM   1356 C  CD  . GLN B 1 96  ? 13.240  9.102   4.723   1.00 33.12 ? 96  GLN B CD  1 
ATOM   1357 O  OE1 . GLN B 1 96  ? 13.182  10.324  4.477   1.00 34.64 ? 96  GLN B OE1 1 
ATOM   1358 N  NE2 . GLN B 1 96  ? 13.995  8.258   4.023   1.00 35.58 ? 96  GLN B NE2 1 
ATOM   1359 N  N   . ILE B 1 97  ? 8.946   10.773  7.433   1.00 25.28 ? 97  ILE B N   1 
ATOM   1360 C  CA  . ILE B 1 97  ? 7.730   11.585  7.384   1.00 26.80 ? 97  ILE B CA  1 
ATOM   1361 C  C   . ILE B 1 97  ? 8.048   13.062  7.169   1.00 28.01 ? 97  ILE B C   1 
ATOM   1362 O  O   . ILE B 1 97  ? 8.700   13.695  8.021   1.00 27.54 ? 97  ILE B O   1 
ATOM   1363 C  CB  . ILE B 1 97  ? 6.867   11.363  8.650   1.00 27.20 ? 97  ILE B CB  1 
ATOM   1364 C  CG1 . ILE B 1 97  ? 5.706   12.359  8.702   1.00 28.56 ? 97  ILE B CG1 1 
ATOM   1365 C  CG2 . ILE B 1 97  ? 7.715   11.475  9.914   1.00 28.13 ? 97  ILE B CG2 1 
ATOM   1366 C  CD1 . ILE B 1 97  ? 4.683   12.023  9.764   1.00 29.33 ? 97  ILE B CD1 1 
ATOM   1367 N  N   . GLU B 1 98  ? 7.667   13.581  6.005   1.00 27.86 ? 98  GLU B N   1 
ATOM   1368 C  CA  . GLU B 1 98  ? 7.907   14.962  5.644   1.00 29.22 ? 98  GLU B CA  1 
ATOM   1369 C  C   . GLU B 1 98  ? 6.630   15.770  5.810   1.00 29.39 ? 98  GLU B C   1 
ATOM   1370 O  O   . GLU B 1 98  ? 5.647   15.533  5.101   1.00 27.66 ? 98  GLU B O   1 
ATOM   1371 C  CB  . GLU B 1 98  ? 8.372   15.061  4.196   1.00 29.42 ? 98  GLU B CB  1 
ATOM   1372 C  CG  . GLU B 1 98  ? 9.838   15.412  4.033   1.00 33.17 ? 98  GLU B CG  1 
ATOM   1373 C  CD  . GLU B 1 98  ? 10.181  15.802  2.611   1.00 37.16 ? 98  GLU B CD  1 
ATOM   1374 O  OE1 . GLU B 1 98  ? 9.328   16.451  1.940   1.00 38.59 ? 98  GLU B OE1 1 
ATOM   1375 O  OE2 . GLU B 1 98  ? 11.300  15.454  2.158   1.00 38.50 ? 98  GLU B OE2 1 
HETATM 1376 O  O   . HOH C 2 .   ? 6.651   2.658   -2.553  1.00 10.20 ? 105 HOH A O   1 
HETATM 1377 O  O   . HOH C 2 .   ? -4.476  -1.989  -12.595 1.00 13.84 ? 106 HOH A O   1 
HETATM 1378 O  O   . HOH C 2 .   ? -7.557  -19.784 -5.251  1.00 13.58 ? 107 HOH A O   1 
HETATM 1379 O  O   . HOH C 2 .   ? 7.201   -18.297 -7.945  1.00 14.31 ? 108 HOH A O   1 
HETATM 1380 O  O   . HOH C 2 .   ? -10.485 4.539   -3.142  1.00 19.43 ? 109 HOH A O   1 
HETATM 1381 O  O   . HOH C 2 .   ? -3.180  -17.691 4.879   1.00 18.38 ? 110 HOH A O   1 
HETATM 1382 O  O   . HOH C 2 .   ? -7.991  -11.178 -17.314 1.00 20.38 ? 111 HOH A O   1 
HETATM 1383 O  O   . HOH C 2 .   ? 1.951   4.710   -7.942  1.00 22.14 ? 112 HOH A O   1 
HETATM 1384 O  O   . HOH C 2 .   ? 4.904   -19.752 -10.312 1.00 19.94 ? 113 HOH A O   1 
HETATM 1385 O  O   . HOH C 2 .   ? -4.156  -9.004  5.805   1.00 24.29 ? 114 HOH A O   1 
HETATM 1386 O  O   . HOH C 2 .   ? 5.114   -18.201 1.265   1.00 20.55 ? 115 HOH A O   1 
HETATM 1387 O  O   . HOH C 2 .   ? 2.671   8.257   -6.733  1.00 20.89 ? 116 HOH A O   1 
HETATM 1388 O  O   . HOH C 2 .   ? -3.708  -10.609 -22.267 1.00 24.09 ? 117 HOH A O   1 
HETATM 1389 O  O   . HOH C 2 .   ? 9.588   -14.653 5.222   1.00 25.51 ? 118 HOH A O   1 
HETATM 1390 O  O   . HOH C 2 .   ? 6.166   -2.328  15.977  1.00 26.54 ? 119 HOH A O   1 
HETATM 1391 O  O   . HOH C 2 .   ? -6.710  -18.299 -12.509 1.00 22.14 ? 120 HOH A O   1 
HETATM 1392 O  O   . HOH C 2 .   ? -7.914  -19.455 -2.436  1.00 24.99 ? 121 HOH A O   1 
HETATM 1393 O  O   . HOH C 2 .   ? -3.609  -18.279 -13.699 1.00 25.89 ? 122 HOH A O   1 
HETATM 1394 O  O   . HOH C 2 .   ? -16.787 -11.139 -17.945 1.00 22.00 ? 123 HOH A O   1 
HETATM 1395 O  O   . HOH C 2 .   ? 6.163   -15.475 -17.906 1.00 23.06 ? 124 HOH A O   1 
HETATM 1396 O  O   . HOH C 2 .   ? 12.117  -2.198  7.331   1.00 26.25 ? 125 HOH A O   1 
HETATM 1397 O  O   . HOH C 2 .   ? -6.537  -0.559  -21.535 1.00 25.18 ? 126 HOH A O   1 
HETATM 1398 O  O   . HOH C 2 .   ? -11.124 -0.353  -3.230  1.00 24.98 ? 127 HOH A O   1 
HETATM 1399 O  O   . HOH C 2 .   ? 5.568   -13.228 1.344   1.00 29.80 ? 128 HOH A O   1 
HETATM 1400 O  O   . HOH C 2 .   ? 13.007  2.639   11.140  1.00 27.93 ? 129 HOH A O   1 
HETATM 1401 O  O   . HOH C 2 .   ? -0.317  -20.920 -16.712 1.00 25.67 ? 130 HOH A O   1 
HETATM 1402 O  O   . HOH C 2 .   ? -5.865  -11.150 -21.929 1.00 26.84 ? 131 HOH A O   1 
HETATM 1403 O  O   . HOH C 2 .   ? -1.712  1.027   -15.927 1.00 28.22 ? 132 HOH A O   1 
HETATM 1404 O  O   . HOH C 2 .   ? -7.507  -9.498  -21.867 1.00 35.26 ? 133 HOH A O   1 
HETATM 1405 O  O   . HOH C 2 .   ? 11.150  -8.396  -2.979  1.00 26.05 ? 134 HOH A O   1 
HETATM 1406 O  O   . HOH C 2 .   ? -8.790  -14.011 -20.927 1.00 33.42 ? 135 HOH A O   1 
HETATM 1407 O  O   . HOH C 2 .   ? -9.511  -13.825 -6.861  1.00 27.73 ? 136 HOH A O   1 
HETATM 1408 O  O   . HOH C 2 .   ? 8.469   -15.472 10.236  1.00 38.95 ? 137 HOH A O   1 
HETATM 1409 O  O   . HOH C 2 .   ? -10.599 -1.111  -5.632  1.00 36.10 ? 138 HOH A O   1 
HETATM 1410 O  O   . HOH C 2 .   ? 13.407  -14.079 -12.049 1.00 31.25 ? 139 HOH A O   1 
HETATM 1411 O  O   . HOH C 2 .   ? -3.402  -20.015 -0.508  1.00 36.22 ? 140 HOH A O   1 
HETATM 1412 O  O   . HOH C 2 .   ? 14.151  -3.781  6.895   1.00 29.45 ? 141 HOH A O   1 
HETATM 1413 O  O   . HOH C 2 .   ? 12.913  -9.978  5.283   1.00 30.24 ? 142 HOH A O   1 
HETATM 1414 O  O   . HOH C 2 .   ? 9.245   2.561   -11.218 1.00 33.05 ? 143 HOH A O   1 
HETATM 1415 O  O   . HOH C 2 .   ? 10.149  -7.184  -14.093 1.00 32.85 ? 144 HOH A O   1 
HETATM 1416 O  O   . HOH C 2 .   ? 5.357   -7.167  17.498  1.00 34.31 ? 145 HOH A O   1 
HETATM 1417 O  O   . HOH C 2 .   ? -11.278 -18.839 -20.453 1.00 32.02 ? 146 HOH A O   1 
HETATM 1418 O  O   . HOH C 2 .   ? -4.885  -8.099  8.324   1.00 31.84 ? 147 HOH A O   1 
HETATM 1419 O  O   . HOH C 2 .   ? 0.668   -19.509 3.988   1.00 31.68 ? 148 HOH A O   1 
HETATM 1420 O  O   . HOH C 2 .   ? -2.783  -19.515 -16.317 1.00 35.31 ? 149 HOH A O   1 
HETATM 1421 O  O   . HOH C 2 .   ? -0.857  15.630  -1.257  1.00 28.96 ? 150 HOH A O   1 
HETATM 1422 O  O   . HOH C 2 .   ? 1.327   18.223  -4.498  1.00 32.29 ? 151 HOH A O   1 
HETATM 1423 O  O   . HOH C 2 .   ? -18.585 -7.243  -15.213 1.00 40.12 ? 152 HOH A O   1 
HETATM 1424 O  O   . HOH C 2 .   ? -4.595  -0.691  -24.514 1.00 35.98 ? 153 HOH A O   1 
HETATM 1425 O  O   . HOH C 2 .   ? 2.991   -2.966  16.330  1.00 37.28 ? 154 HOH A O   1 
HETATM 1426 O  O   . HOH C 2 .   ? 1.249   -8.430  -19.221 1.00 33.25 ? 155 HOH A O   1 
HETATM 1427 O  O   . HOH C 2 .   ? 2.061   -20.124 -11.714 1.00 43.24 ? 156 HOH A O   1 
HETATM 1428 O  O   . HOH C 2 .   ? -6.547  -11.093 6.179   1.00 38.16 ? 157 HOH A O   1 
HETATM 1429 O  O   . HOH C 2 .   ? -7.485  -3.873  3.982   1.00 39.95 ? 158 HOH A O   1 
HETATM 1430 O  O   . HOH C 2 .   ? -8.312  -11.866 8.060   1.00 37.43 ? 159 HOH A O   1 
HETATM 1431 O  O   . HOH C 2 .   ? 10.779  -4.909  -16.595 1.00 36.20 ? 160 HOH A O   1 
HETATM 1432 O  O   . HOH C 2 .   ? 10.990  -14.547 -14.864 1.00 32.28 ? 161 HOH A O   1 
HETATM 1433 O  O   . HOH C 2 .   ? -11.155 -16.242 -21.671 1.00 35.42 ? 162 HOH A O   1 
HETATM 1434 O  O   . HOH C 2 .   ? 9.069   6.068   -4.647  1.00 38.00 ? 163 HOH A O   1 
HETATM 1435 O  O   . HOH C 2 .   ? -14.230 -3.532  -11.712 1.00 41.24 ? 164 HOH A O   1 
HETATM 1436 O  O   . HOH C 2 .   ? -12.199 -7.323  -24.155 1.00 37.48 ? 165 HOH A O   1 
HETATM 1437 O  O   . HOH C 2 .   ? 7.985   -19.191 11.847  1.00 39.92 ? 166 HOH A O   1 
HETATM 1438 O  O   . HOH C 2 .   ? -2.549  -1.971  -14.890 1.00 39.00 ? 167 HOH A O   1 
HETATM 1439 O  O   . HOH C 2 .   ? -11.426 3.073   -6.535  1.00 38.78 ? 168 HOH A O   1 
HETATM 1440 O  O   . HOH C 2 .   ? 7.658   -8.210  -15.584 1.00 40.73 ? 169 HOH A O   1 
HETATM 1441 O  O   . HOH C 2 .   ? 3.014   -0.574  18.048  1.00 42.59 ? 170 HOH A O   1 
HETATM 1442 O  O   . HOH C 2 .   ? -0.702  -19.802 -0.302  1.00 48.09 ? 171 HOH A O   1 
HETATM 1443 O  O   . HOH C 2 .   ? 7.390   -11.582 1.249   1.00 42.11 ? 172 HOH A O   1 
HETATM 1444 O  O   . HOH C 2 .   ? 6.847   -16.218 -10.267 1.00 43.85 ? 173 HOH A O   1 
HETATM 1445 O  O   . HOH C 2 .   ? -11.748 -0.226  5.950   1.00 45.26 ? 174 HOH A O   1 
HETATM 1446 O  O   . HOH C 2 .   ? 2.885   10.381  -9.266  1.00 44.86 ? 175 HOH A O   1 
HETATM 1447 O  O   . HOH C 2 .   ? 1.757   -20.096 1.708   1.00 43.84 ? 176 HOH A O   1 
HETATM 1448 O  O   . HOH C 2 .   ? -2.653  -13.299 1.654   1.00 46.06 ? 177 HOH A O   1 
HETATM 1449 O  O   . HOH C 2 .   ? 10.579  -11.211 -13.978 1.00 42.96 ? 178 HOH A O   1 
HETATM 1450 O  O   . HOH C 2 .   ? -14.133 0.149   7.083   1.00 50.00 ? 179 HOH A O   1 
HETATM 1451 O  O   . HOH C 2 .   ? -14.847 0.462   -10.168 1.00 48.35 ? 180 HOH A O   1 
HETATM 1452 O  O   . HOH C 2 .   ? -13.638 -3.635  -9.039  1.00 40.15 ? 181 HOH A O   1 
HETATM 1453 O  O   . HOH C 2 .   ? 1.074   0.225   -16.406 1.00 45.05 ? 182 HOH A O   1 
HETATM 1454 O  O   . HOH C 2 .   ? -14.349 1.447   0.302   1.00 51.74 ? 183 HOH A O   1 
HETATM 1455 O  O   . HOH C 2 .   ? 10.895  5.908   -9.793  1.00 48.46 ? 184 HOH A O   1 
HETATM 1456 O  O   . HOH C 2 .   ? -11.286 -6.111  -1.160  1.00 43.04 ? 185 HOH A O   1 
HETATM 1457 O  O   . HOH C 2 .   ? -14.459 -1.382  -15.603 1.00 62.82 ? 186 HOH A O   1 
HETATM 1458 O  O   . HOH C 2 .   ? -6.104  -5.764  2.797   1.00 65.59 ? 187 HOH A O   1 
HETATM 1459 O  O   . HOH C 2 .   ? 11.943  6.222   -5.319  1.00 57.99 ? 188 HOH A O   1 
HETATM 1460 O  O   . HOH C 2 .   ? -16.305 -4.178  -1.076  1.00 73.69 ? 189 HOH A O   1 
HETATM 1461 O  O   . HOH C 2 .   ? 7.400   7.478   -6.739  1.00 68.47 ? 190 HOH A O   1 
HETATM 1462 O  O   . HOH D 2 .   ? 11.717  11.533  8.638   1.00 11.51 ? 105 HOH B O   1 
HETATM 1463 O  O   . HOH D 2 .   ? 10.081  -0.031  3.937   1.00 21.33 ? 106 HOH B O   1 
HETATM 1464 O  O   . HOH D 2 .   ? 11.187  -2.871  1.044   1.00 22.69 ? 107 HOH B O   1 
HETATM 1465 O  O   . HOH D 2 .   ? 7.639   3.290   12.849  1.00 21.83 ? 108 HOH B O   1 
HETATM 1466 O  O   . HOH D 2 .   ? 12.487  5.044   12.576  1.00 18.41 ? 109 HOH B O   1 
HETATM 1467 O  O   . HOH D 2 .   ? -4.552  6.352   24.580  1.00 21.95 ? 110 HOH B O   1 
HETATM 1468 O  O   . HOH D 2 .   ? 11.534  -1.703  -4.984  1.00 26.52 ? 111 HOH B O   1 
HETATM 1469 O  O   . HOH D 2 .   ? 8.522   10.833  3.474   1.00 27.49 ? 112 HOH B O   1 
HETATM 1470 O  O   . HOH D 2 .   ? 9.938   5.969   12.809  1.00 27.55 ? 113 HOH B O   1 
HETATM 1471 O  O   . HOH D 2 .   ? -13.834 11.493  4.717   1.00 28.35 ? 114 HOH B O   1 
HETATM 1472 O  O   . HOH D 2 .   ? -10.227 6.010   9.789   1.00 26.81 ? 115 HOH B O   1 
HETATM 1473 O  O   . HOH D 2 .   ? 14.158  16.359  12.138  1.00 28.94 ? 116 HOH B O   1 
HETATM 1474 O  O   . HOH D 2 .   ? -9.152  3.616   4.280   1.00 30.96 ? 117 HOH B O   1 
HETATM 1475 O  O   . HOH D 2 .   ? -4.531  13.953  -0.013  1.00 29.74 ? 118 HOH B O   1 
HETATM 1476 O  O   . HOH D 2 .   ? -6.555  0.638   7.641   1.00 27.61 ? 119 HOH B O   1 
HETATM 1477 O  O   . HOH D 2 .   ? 17.267  1.848   7.211   1.00 24.62 ? 120 HOH B O   1 
HETATM 1478 O  O   . HOH D 2 .   ? 12.752  -6.052  2.890   1.00 31.42 ? 121 HOH B O   1 
HETATM 1479 O  O   . HOH D 2 .   ? -1.874  3.807   14.130  1.00 28.22 ? 122 HOH B O   1 
HETATM 1480 O  O   . HOH D 2 .   ? 6.770   0.469   23.124  1.00 26.07 ? 123 HOH B O   1 
HETATM 1481 O  O   . HOH D 2 .   ? 10.909  2.636   3.838   1.00 33.64 ? 124 HOH B O   1 
HETATM 1482 O  O   . HOH D 2 .   ? -7.136  -4.203  10.134  1.00 30.43 ? 125 HOH B O   1 
HETATM 1483 O  O   . HOH D 2 .   ? 8.834   21.090  12.485  1.00 31.01 ? 126 HOH B O   1 
HETATM 1484 O  O   . HOH D 2 .   ? -7.784  -6.043  7.688   1.00 36.23 ? 127 HOH B O   1 
HETATM 1485 O  O   . HOH D 2 .   ? 1.745   22.666  14.128  1.00 35.26 ? 128 HOH B O   1 
HETATM 1486 O  O   . HOH D 2 .   ? -10.498 9.096   -20.150 1.00 32.89 ? 129 HOH B O   1 
HETATM 1487 O  O   . HOH D 2 .   ? 5.464   20.185  19.311  1.00 37.39 ? 130 HOH B O   1 
HETATM 1488 O  O   . HOH D 2 .   ? -10.302 20.710  11.450  1.00 34.61 ? 131 HOH B O   1 
HETATM 1489 O  O   . HOH D 2 .   ? 15.389  -6.177  2.688   1.00 39.90 ? 132 HOH B O   1 
HETATM 1490 O  O   . HOH D 2 .   ? 3.669   2.457   25.593  1.00 30.83 ? 133 HOH B O   1 
HETATM 1491 O  O   . HOH D 2 .   ? -9.075  19.430  8.619   1.00 34.93 ? 134 HOH B O   1 
HETATM 1492 O  O   . HOH D 2 .   ? 0.621   1.170   22.567  1.00 32.87 ? 135 HOH B O   1 
HETATM 1493 O  O   . HOH D 2 .   ? 5.284   4.342   25.259  1.00 39.32 ? 136 HOH B O   1 
HETATM 1494 O  O   . HOH D 2 .   ? -5.469  21.847  15.682  1.00 38.39 ? 137 HOH B O   1 
HETATM 1495 O  O   . HOH D 2 .   ? -9.534  15.293  8.451   1.00 38.15 ? 138 HOH B O   1 
HETATM 1496 O  O   . HOH D 2 .   ? -7.632  -1.107  6.350   1.00 38.72 ? 139 HOH B O   1 
HETATM 1497 O  O   . HOH D 2 .   ? -3.067  22.548  10.317  1.00 42.64 ? 140 HOH B O   1 
HETATM 1498 O  O   . HOH D 2 .   ? -14.635 11.668  -4.724  1.00 42.73 ? 141 HOH B O   1 
HETATM 1499 O  O   . HOH D 2 .   ? 15.272  11.547  5.801   1.00 41.69 ? 142 HOH B O   1 
HETATM 1500 O  O   . HOH D 2 .   ? -11.859 11.071  -4.090  1.00 40.78 ? 143 HOH B O   1 
HETATM 1501 O  O   . HOH D 2 .   ? -6.610  -8.934  14.011  1.00 44.87 ? 144 HOH B O   1 
HETATM 1502 O  O   . HOH D 2 .   ? -6.211  5.568   27.328  1.00 40.86 ? 145 HOH B O   1 
HETATM 1503 O  O   . HOH D 2 .   ? 6.620   18.436  24.073  1.00 34.46 ? 146 HOH B O   1 
HETATM 1504 O  O   . HOH D 2 .   ? 8.369   16.756  -0.178  1.00 40.87 ? 147 HOH B O   1 
HETATM 1505 O  O   . HOH D 2 .   ? -4.767  9.071   16.437  1.00 40.34 ? 148 HOH B O   1 
HETATM 1506 O  O   . HOH D 2 .   ? 4.063   -1.186  26.114  1.00 38.03 ? 149 HOH B O   1 
HETATM 1507 O  O   . HOH D 2 .   ? -4.610  -4.394  9.675   1.00 44.41 ? 150 HOH B O   1 
HETATM 1508 O  O   . HOH D 2 .   ? -4.154  14.928  -4.987  1.00 40.98 ? 151 HOH B O   1 
HETATM 1509 O  O   . HOH D 2 .   ? -8.309  14.537  15.578  1.00 47.95 ? 152 HOH B O   1 
HETATM 1510 O  O   . HOH D 2 .   ? 5.728   18.951  6.469   1.00 45.97 ? 153 HOH B O   1 
HETATM 1511 O  O   . HOH D 2 .   ? -13.919 6.231   -9.302  1.00 49.19 ? 154 HOH B O   1 
HETATM 1512 O  O   . HOH D 2 .   ? 10.962  5.193   -1.048  1.00 53.38 ? 155 HOH B O   1 
HETATM 1513 O  O   . HOH D 2 .   ? 2.902   16.574  0.984   1.00 49.58 ? 156 HOH B O   1 
HETATM 1514 O  O   . HOH D 2 .   ? -7.465  3.038   -22.808 1.00 52.29 ? 157 HOH B O   1 
HETATM 1515 O  O   . HOH D 2 .   ? 6.727   6.721   -22.147 1.00 42.23 ? 158 HOH B O   1 
# 
